data_6Q6Q
#
_entry.id   6Q6Q
#
_cell.length_a   148.197
_cell.length_b   148.197
_cell.length_c   132.204
_cell.angle_alpha   90.000
_cell.angle_beta   90.000
_cell.angle_gamma   90.000
#
_symmetry.space_group_name_H-M   'P 42 21 2'
#
loop_
_entity.id
_entity.type
_entity.pdbx_description
1 polymer 'Aldehyde oxidase'
2 non-polymer 'FE2/S2 (INORGANIC) CLUSTER'
3 non-polymer 'FLAVIN-ADENINE DINUCLEOTIDE'
4 non-polymer 'MALONATE ION'
5 water water
#
_entity_poly.entity_id   1
_entity_poly.type   'polypeptide(L)'
_entity_poly.pdbx_seq_one_letter_code
;MDRASELLFYVNGRKVIEKNVDPETMLLPYLRKKLRLTGTKYGCGGGGCGACTVMISRYNPITKRIRHHPANACLIPICS
LYGAAVTTVEGIGSTHTRIHPVQERIAKCHGTQCGFCTPGMVMSIYTLLRNHPEPTLDQLTDALGGNLCRCTGYRPIIDA
CKTFCKTSGCCQSKENGVCCLDQGINGLPEFEEGSKTSPKLFAEEEFLPLDPTQELIFPPELMIMAEKQSQRTRVFGSER
MMWFSPVTLKELLEFKFKYPQAPVIMGNTSVGPEVKFKGVFHPVIISPDRIEELSVVNHAYNGLTLGAGLSLAQVKDILA
DVVQKLPEEKTQMYHALLKHLGTLAGSQIRNMASLGGHIISRHPDSDLNPILAVGNCTLNLLSKEGKRQIPLNEQFLSKC
PNADLKPQEILVSVNIPYSRKWEFVSAFRQAQRQENALAIVNSGMRVFFGEGDGIIRELCISYGGVGPATICAKNSCQKL
IGRHWNEQMLDIACRLILNEVSLLGSAPGGKVEFKRTLIISFLFKFYLEVSQILKKMDPVHYPSLADKYESALEDLHSKH
HCSTLKYQNIGPKQHPEDPIGHPIMHLSGVKHATGEAIYCDDMPLVDQELFLTFVTSSRAHAKIVSIDLSEALSMPGVVD
IMTAEHLSDVNSFCFFTEAEKFLATDKVFCVGQLVCAVLADSEVQAKRAAKRVKIVYQDLEPLILTIEESIQHNSSFKPE
RKLEYGNVDEAFKVVDQILEGEIHMGGQEHFYMETQSMLVVPKGEDQEMDVYVSTQFPKYIQDIVASTLKLPANKVMCHV
RRVGGAFGGKVLKTGIIAAVTAFAANKHGRAVRCVLERGEDMLITGGRHPYLGKYKAGFMNDGRILALDMEHYSNAGASL
DESLFVIEMGLLKMDNAYKFPNLRCRGWACRTNLPSNTAFRGFGFPQAALITESCITEVAAKCGLSPEKVRIINMYKEID
QTPYKQEINAKNLIQCWRECMAMSSYSLRKVAVEKFNAENYWKKKGLAMVPLKFPVGLGSRAAGQAAALVHIYLDGSVLV
THGGIEMGQGVHTKMIQVVSRELRMPMSNVHLRGTSTETVPNANISGGSVVADLNGLAVKDACQTLLKRLEPIISKNPKG
TWKDWAQTAFDESINLSAVGYFRGYESDMNWEKGEGQPFEYFVYGAACSEVEIDCLTGDHKNIRTDIVMDVGCSINPAID
IGQIEGAFIQGMGLYTIEELNYSPQGILHTRGPDQYKIPAICDMPTELHIALLPPSQNSNTLYSSKGLRESGVFLGCSVF
FAIHDAVSAARQERGLHGPLTLNSPLTPEKIRMACEDKFTKMIPRDEPGSYVPWNVPI
;
_entity_poly.pdbx_strand_id   A
#
loop_
_chem_comp.id
_chem_comp.type
_chem_comp.name
_chem_comp.formula
FAD non-polymer 'FLAVIN-ADENINE DINUCLEOTIDE' 'C27 H33 N9 O15 P2'
FES non-polymer 'FE2/S2 (INORGANIC) CLUSTER' 'Fe2 S2'
MLI non-polymer 'MALONATE ION' 'C3 H2 O4 -2'
#
# COMPACT_ATOMS: atom_id res chain seq x y z
N ALA A 4 -20.32 -19.67 -31.39
CA ALA A 4 -20.42 -19.49 -32.84
C ALA A 4 -19.83 -18.15 -33.27
N SER A 5 -19.72 -17.23 -32.32
CA SER A 5 -19.23 -15.89 -32.61
C SER A 5 -17.72 -15.80 -32.41
N GLU A 6 -17.13 -14.74 -32.94
CA GLU A 6 -15.72 -14.45 -32.80
C GLU A 6 -15.54 -13.20 -31.94
N LEU A 7 -14.35 -13.06 -31.37
CA LEU A 7 -13.99 -11.91 -30.54
C LEU A 7 -12.98 -11.06 -31.31
N LEU A 8 -13.26 -9.76 -31.42
CA LEU A 8 -12.43 -8.86 -32.20
C LEU A 8 -12.23 -7.57 -31.43
N PHE A 9 -10.96 -7.21 -31.21
CA PHE A 9 -10.60 -5.95 -30.58
C PHE A 9 -9.15 -5.64 -30.94
N TYR A 10 -8.66 -4.50 -30.46
CA TYR A 10 -7.33 -4.01 -30.79
C TYR A 10 -6.51 -3.80 -29.54
N VAL A 11 -5.22 -4.12 -29.64
CA VAL A 11 -4.25 -3.88 -28.57
C VAL A 11 -3.01 -3.26 -29.17
N ASN A 12 -2.72 -2.01 -28.79
CA ASN A 12 -1.54 -1.28 -29.27
C ASN A 12 -1.52 -1.17 -30.79
N GLY A 13 -2.69 -0.90 -31.37
CA GLY A 13 -2.83 -0.74 -32.81
C GLY A 13 -2.90 -2.02 -33.59
N ARG A 14 -2.42 -3.14 -33.04
CA ARG A 14 -2.46 -4.41 -33.74
C ARG A 14 -3.79 -5.10 -33.52
N LYS A 15 -4.33 -5.69 -34.59
CA LYS A 15 -5.60 -6.40 -34.51
C LYS A 15 -5.44 -7.70 -33.72
N VAL A 16 -6.45 -8.02 -32.92
CA VAL A 16 -6.48 -9.24 -32.12
C VAL A 16 -7.78 -9.96 -32.44
N ILE A 17 -7.69 -11.11 -33.09
CA ILE A 17 -8.85 -11.96 -33.38
C ILE A 17 -8.74 -13.21 -32.54
N GLU A 18 -9.87 -13.64 -31.98
CA GLU A 18 -9.92 -14.83 -31.13
C GLU A 18 -11.19 -15.59 -31.45
N LYS A 19 -11.04 -16.85 -31.86
CA LYS A 19 -12.16 -17.70 -32.25
C LYS A 19 -12.51 -18.64 -31.10
N ASN A 20 -13.79 -18.68 -30.75
CA ASN A 20 -14.31 -19.54 -29.68
C ASN A 20 -13.52 -19.34 -28.38
N VAL A 21 -13.79 -18.20 -27.76
CA VAL A 21 -13.06 -17.80 -26.56
C VAL A 21 -13.70 -18.44 -25.32
N ASP A 22 -12.87 -18.65 -24.31
CA ASP A 22 -13.36 -18.98 -22.97
C ASP A 22 -13.83 -17.68 -22.34
N PRO A 23 -15.14 -17.53 -22.10
CA PRO A 23 -15.65 -16.24 -21.60
C PRO A 23 -15.08 -15.84 -20.25
N GLU A 24 -14.52 -16.78 -19.49
CA GLU A 24 -13.91 -16.48 -18.20
C GLU A 24 -12.54 -15.85 -18.32
N THR A 25 -12.03 -15.66 -19.53
CA THR A 25 -10.69 -15.10 -19.71
C THR A 25 -10.68 -13.63 -19.38
N MET A 26 -9.78 -13.22 -18.49
CA MET A 26 -9.65 -11.83 -18.11
C MET A 26 -8.56 -11.15 -18.94
N LEU A 27 -8.60 -9.82 -18.96
CA LEU A 27 -7.72 -9.07 -19.86
C LEU A 27 -6.28 -9.12 -19.38
N LEU A 28 -6.07 -8.97 -18.07
CA LEU A 28 -4.70 -8.94 -17.54
C LEU A 28 -3.93 -10.23 -17.82
N PRO A 29 -4.45 -11.43 -17.53
CA PRO A 29 -3.71 -12.64 -17.93
C PRO A 29 -3.65 -12.84 -19.44
N TYR A 30 -4.58 -12.26 -20.20
CA TYR A 30 -4.52 -12.37 -21.66
C TYR A 30 -3.39 -11.51 -22.23
N LEU A 31 -3.21 -10.30 -21.69
CA LEU A 31 -2.13 -9.43 -22.15
C LEU A 31 -0.76 -10.04 -21.86
N ARG A 32 -0.63 -10.74 -20.75
CA ARG A 32 0.68 -11.23 -20.31
C ARG A 32 1.01 -12.61 -20.87
N LYS A 33 0.03 -13.53 -20.87
CA LYS A 33 0.29 -14.91 -21.23
C LYS A 33 -0.02 -15.23 -22.69
N LYS A 34 -0.88 -14.45 -23.35
CA LYS A 34 -1.25 -14.69 -24.74
C LYS A 34 -0.67 -13.67 -25.70
N LEU A 35 -0.64 -12.39 -25.33
CA LEU A 35 -0.06 -11.35 -26.17
C LEU A 35 1.39 -11.04 -25.83
N ARG A 36 1.93 -11.68 -24.79
CA ARG A 36 3.35 -11.51 -24.40
C ARG A 36 3.67 -10.05 -24.12
N LEU A 37 2.72 -9.32 -23.55
CA LEU A 37 2.87 -7.92 -23.18
C LEU A 37 2.94 -7.85 -21.67
N THR A 38 4.13 -8.08 -21.13
CA THR A 38 4.34 -8.18 -19.69
C THR A 38 4.45 -6.82 -19.01
N GLY A 39 4.24 -5.72 -19.73
CA GLY A 39 4.31 -4.41 -19.10
C GLY A 39 3.21 -4.20 -18.08
N THR A 40 1.98 -4.63 -18.41
CA THR A 40 0.87 -4.55 -17.48
C THR A 40 1.10 -5.54 -16.34
N LYS A 41 1.21 -5.03 -15.12
CA LYS A 41 1.61 -5.84 -13.97
C LYS A 41 0.40 -6.23 -13.13
N TYR A 42 0.59 -7.26 -12.31
CA TYR A 42 -0.41 -7.72 -11.35
C TYR A 42 -0.06 -7.20 -9.97
N GLY A 43 -1.04 -6.58 -9.31
CA GLY A 43 -0.79 -5.99 -8.01
C GLY A 43 -1.60 -6.59 -6.88
N CYS A 44 -2.93 -6.47 -6.95
CA CYS A 44 -3.78 -6.98 -5.89
C CYS A 44 -4.96 -7.81 -6.37
N GLY A 45 -5.32 -7.76 -7.66
CA GLY A 45 -6.42 -8.55 -8.17
C GLY A 45 -7.79 -8.12 -7.71
N GLY A 46 -7.90 -6.98 -7.02
CA GLY A 46 -9.20 -6.49 -6.58
C GLY A 46 -9.55 -5.16 -7.23
N GLY A 47 -8.60 -4.58 -7.94
CA GLY A 47 -8.83 -3.31 -8.61
C GLY A 47 -8.52 -2.08 -7.79
N GLY A 48 -7.78 -2.22 -6.69
CA GLY A 48 -7.54 -1.10 -5.80
C GLY A 48 -6.11 -0.60 -5.77
N CYS A 49 -5.25 -1.23 -6.56
CA CYS A 49 -3.85 -0.85 -6.61
C CYS A 49 -3.50 -0.03 -7.85
N GLY A 50 -4.12 -0.37 -8.99
CA GLY A 50 -3.84 0.32 -10.23
C GLY A 50 -2.61 -0.10 -10.96
N ALA A 51 -1.97 -1.21 -10.57
CA ALA A 51 -0.78 -1.68 -11.27
C ALA A 51 -1.10 -2.19 -12.67
N CYS A 52 -2.37 -2.53 -12.94
CA CYS A 52 -2.80 -3.03 -14.23
C CYS A 52 -3.61 -2.00 -15.01
N THR A 53 -3.29 -0.71 -14.83
CA THR A 53 -4.04 0.34 -15.49
C THR A 53 -3.77 0.34 -17.00
N VAL A 54 -4.85 0.27 -17.78
CA VAL A 54 -4.79 0.36 -19.23
C VAL A 54 -5.85 1.36 -19.70
N MET A 55 -5.82 1.67 -20.99
CA MET A 55 -6.75 2.61 -21.59
C MET A 55 -7.65 1.89 -22.58
N ILE A 56 -8.96 1.97 -22.35
CA ILE A 56 -9.95 1.44 -23.27
C ILE A 56 -10.48 2.58 -24.13
N SER A 57 -10.59 2.34 -25.44
CA SER A 57 -11.03 3.35 -26.39
C SER A 57 -12.18 2.81 -27.21
N ARG A 58 -13.32 3.49 -27.15
CA ARG A 58 -14.49 3.15 -27.94
C ARG A 58 -14.84 4.31 -28.86
N TYR A 59 -15.57 4.00 -29.92
CA TYR A 59 -16.04 5.01 -30.88
C TYR A 59 -17.56 4.98 -30.90
N ASN A 60 -18.17 6.10 -30.49
CA ASN A 60 -19.62 6.23 -30.56
C ASN A 60 -20.00 6.73 -31.95
N PRO A 61 -20.64 5.92 -32.79
CA PRO A 61 -20.94 6.38 -34.16
C PRO A 61 -22.00 7.46 -34.22
N ILE A 62 -22.81 7.62 -33.17
CA ILE A 62 -23.85 8.65 -33.20
C ILE A 62 -23.26 10.04 -32.98
N THR A 63 -22.30 10.16 -32.06
CA THR A 63 -21.64 11.42 -31.79
C THR A 63 -20.43 11.65 -32.69
N LYS A 64 -19.95 10.61 -33.38
CA LYS A 64 -18.78 10.70 -34.25
C LYS A 64 -17.55 11.20 -33.50
N ARG A 65 -17.38 10.70 -32.26
CA ARG A 65 -16.24 11.07 -31.44
C ARG A 65 -15.75 9.85 -30.68
N ILE A 66 -14.48 9.87 -30.31
CA ILE A 66 -13.82 8.76 -29.64
C ILE A 66 -13.71 9.07 -28.16
N ARG A 67 -13.99 8.06 -27.32
CA ARG A 67 -13.99 8.22 -25.87
C ARG A 67 -12.90 7.37 -25.27
N HIS A 68 -11.93 8.02 -24.62
CA HIS A 68 -10.84 7.34 -23.93
C HIS A 68 -11.11 7.34 -22.43
N HIS A 69 -10.86 6.19 -21.79
CA HIS A 69 -11.05 6.09 -20.35
C HIS A 69 -10.16 5.00 -19.78
N PRO A 70 -9.57 5.22 -18.60
CA PRO A 70 -8.71 4.22 -17.99
C PRO A 70 -9.52 3.11 -17.34
N ALA A 71 -8.84 1.99 -17.07
CA ALA A 71 -9.50 0.84 -16.47
C ALA A 71 -8.45 -0.11 -15.92
N ASN A 72 -8.86 -0.89 -14.91
CA ASN A 72 -8.02 -1.93 -14.34
C ASN A 72 -8.22 -3.21 -15.13
N ALA A 73 -7.15 -3.68 -15.79
CA ALA A 73 -7.26 -4.83 -16.68
C ALA A 73 -7.57 -6.12 -15.94
N CYS A 74 -7.30 -6.19 -14.64
CA CYS A 74 -7.51 -7.43 -13.89
C CYS A 74 -8.99 -7.72 -13.65
N LEU A 75 -9.89 -6.80 -14.01
CA LEU A 75 -11.31 -7.01 -13.81
C LEU A 75 -12.11 -6.97 -15.10
N ILE A 76 -11.46 -6.84 -16.25
CA ILE A 76 -12.14 -6.72 -17.54
C ILE A 76 -12.17 -8.10 -18.20
N PRO A 77 -13.33 -8.70 -18.41
CA PRO A 77 -13.40 -9.87 -19.30
C PRO A 77 -13.24 -9.44 -20.75
N ILE A 78 -12.48 -10.23 -21.51
CA ILE A 78 -12.15 -9.84 -22.88
C ILE A 78 -13.37 -9.87 -23.79
N CYS A 79 -14.42 -10.59 -23.43
CA CYS A 79 -15.62 -10.61 -24.25
C CYS A 79 -16.36 -9.28 -24.22
N SER A 80 -16.12 -8.45 -23.21
CA SER A 80 -16.72 -7.13 -23.11
C SER A 80 -15.94 -6.07 -23.86
N LEU A 81 -14.91 -6.46 -24.61
CA LEU A 81 -14.06 -5.52 -25.32
C LEU A 81 -14.26 -5.58 -26.84
N TYR A 82 -15.34 -6.21 -27.30
CA TYR A 82 -15.59 -6.30 -28.74
C TYR A 82 -15.74 -4.91 -29.34
N GLY A 83 -14.91 -4.62 -30.34
CA GLY A 83 -14.93 -3.32 -31.00
C GLY A 83 -14.18 -2.22 -30.28
N ALA A 84 -13.51 -2.53 -29.17
CA ALA A 84 -12.75 -1.55 -28.41
C ALA A 84 -11.26 -1.67 -28.71
N ALA A 85 -10.51 -0.65 -28.33
CA ALA A 85 -9.07 -0.56 -28.58
C ALA A 85 -8.35 -0.41 -27.25
N VAL A 86 -7.62 -1.44 -26.85
CA VAL A 86 -6.85 -1.42 -25.61
C VAL A 86 -5.48 -0.84 -25.88
N THR A 87 -5.01 0.01 -24.96
CA THR A 87 -3.68 0.60 -25.03
C THR A 87 -2.96 0.31 -23.73
N THR A 88 -1.73 -0.18 -23.83
CA THR A 88 -0.92 -0.51 -22.67
C THR A 88 0.35 0.33 -22.69
N VAL A 89 1.27 0.00 -21.78
CA VAL A 89 2.51 0.75 -21.66
C VAL A 89 3.37 0.58 -22.91
N GLU A 90 3.46 -0.65 -23.42
CA GLU A 90 4.23 -0.90 -24.63
C GLU A 90 3.67 -0.17 -25.84
N GLY A 91 2.37 0.15 -25.83
CA GLY A 91 1.76 0.77 -27.00
C GLY A 91 2.14 2.23 -27.17
N ILE A 92 2.27 2.96 -26.05
CA ILE A 92 2.54 4.39 -26.14
C ILE A 92 4.00 4.70 -26.38
N GLY A 93 4.88 3.72 -26.33
CA GLY A 93 6.29 3.94 -26.61
C GLY A 93 7.16 2.88 -26.02
N SER A 94 8.40 2.82 -26.51
CA SER A 94 9.40 1.88 -26.04
C SER A 94 10.78 2.45 -26.35
N THR A 95 11.81 1.69 -25.99
CA THR A 95 13.18 2.15 -26.21
C THR A 95 13.61 2.01 -27.66
N HIS A 96 13.12 0.99 -28.37
CA HIS A 96 13.53 0.79 -29.77
C HIS A 96 12.82 1.77 -30.70
N THR A 97 11.64 2.25 -30.32
CA THR A 97 10.95 3.26 -31.13
C THR A 97 11.12 4.64 -30.53
N ARG A 98 10.03 5.23 -30.05
CA ARG A 98 10.03 6.57 -29.48
C ARG A 98 9.57 6.50 -28.03
N ILE A 99 10.29 7.18 -27.15
CA ILE A 99 9.91 7.26 -25.74
C ILE A 99 8.85 8.34 -25.59
N HIS A 100 7.68 7.97 -25.08
CA HIS A 100 6.63 8.95 -24.85
C HIS A 100 7.04 9.89 -23.72
N PRO A 101 6.70 11.17 -23.80
CA PRO A 101 7.08 12.11 -22.72
C PRO A 101 6.62 11.69 -21.34
N VAL A 102 5.45 11.03 -21.22
CA VAL A 102 5.01 10.54 -19.92
C VAL A 102 6.01 9.53 -19.38
N GLN A 103 6.52 8.65 -20.25
CA GLN A 103 7.52 7.68 -19.82
C GLN A 103 8.85 8.35 -19.51
N GLU A 104 9.22 9.36 -20.30
CA GLU A 104 10.51 10.03 -20.10
C GLU A 104 10.52 10.84 -18.81
N ARG A 105 9.42 11.51 -18.49
CA ARG A 105 9.43 12.42 -17.35
C ARG A 105 9.25 11.69 -16.03
N ILE A 106 8.37 10.69 -15.97
CA ILE A 106 8.19 9.95 -14.73
C ILE A 106 9.45 9.14 -14.39
N ALA A 107 10.30 8.86 -15.37
CA ALA A 107 11.54 8.15 -15.13
C ALA A 107 12.69 9.09 -14.79
N LYS A 108 12.77 10.23 -15.48
CA LYS A 108 13.86 11.17 -15.24
C LYS A 108 13.63 12.04 -14.01
N CYS A 109 12.39 12.17 -13.55
CA CYS A 109 12.10 12.83 -12.29
C CYS A 109 12.35 11.92 -11.09
N HIS A 110 12.95 10.75 -11.33
CA HIS A 110 13.24 9.77 -10.28
C HIS A 110 11.97 9.31 -9.58
N GLY A 111 10.92 9.10 -10.37
CA GLY A 111 9.65 8.62 -9.86
C GLY A 111 9.53 7.11 -9.94
N THR A 112 10.66 6.43 -10.12
CA THR A 112 10.72 4.98 -10.20
C THR A 112 11.79 4.46 -9.26
N GLN A 113 11.44 3.49 -8.42
CA GLN A 113 12.44 2.82 -7.60
C GLN A 113 12.44 1.33 -7.94
N CYS A 114 11.53 0.56 -7.34
CA CYS A 114 11.38 -0.83 -7.80
C CYS A 114 10.78 -0.89 -9.19
N GLY A 115 9.92 0.06 -9.53
CA GLY A 115 9.38 0.20 -10.87
C GLY A 115 8.20 -0.67 -11.19
N PHE A 116 7.66 -1.42 -10.22
CA PHE A 116 6.56 -2.32 -10.51
C PHE A 116 5.26 -1.56 -10.72
N CYS A 117 5.02 -0.52 -9.91
CA CYS A 117 3.82 0.30 -10.05
C CYS A 117 3.93 1.32 -11.17
N THR A 118 5.11 1.50 -11.75
CA THR A 118 5.30 2.52 -12.78
C THR A 118 4.41 2.34 -14.00
N PRO A 119 4.27 1.13 -14.58
CA PRO A 119 3.35 1.00 -15.73
C PRO A 119 1.94 1.47 -15.45
N GLY A 120 1.45 1.26 -14.22
CA GLY A 120 0.13 1.76 -13.88
C GLY A 120 0.10 3.28 -13.76
N MET A 121 1.17 3.86 -13.22
CA MET A 121 1.26 5.32 -13.15
C MET A 121 1.31 5.95 -14.54
N VAL A 122 2.10 5.36 -15.44
CA VAL A 122 2.28 5.94 -16.77
C VAL A 122 0.96 5.96 -17.53
N MET A 123 0.18 4.88 -17.44
CA MET A 123 -1.05 4.79 -18.21
C MET A 123 -2.12 5.74 -17.68
N SER A 124 -2.19 5.91 -16.35
CA SER A 124 -3.14 6.86 -15.79
C SER A 124 -2.82 8.29 -16.22
N ILE A 125 -1.54 8.65 -16.23
CA ILE A 125 -1.14 9.98 -16.65
C ILE A 125 -1.35 10.15 -18.15
N TYR A 126 -1.05 9.11 -18.94
CA TYR A 126 -1.22 9.19 -20.38
C TYR A 126 -2.70 9.33 -20.76
N THR A 127 -3.58 8.58 -20.09
CA THR A 127 -4.99 8.63 -20.42
C THR A 127 -5.59 9.99 -20.10
N LEU A 128 -5.21 10.59 -18.97
CA LEU A 128 -5.71 11.91 -18.63
C LEU A 128 -5.21 12.96 -19.60
N LEU A 129 -3.96 12.85 -20.04
CA LEU A 129 -3.42 13.79 -21.01
C LEU A 129 -4.06 13.62 -22.38
N ARG A 130 -4.67 12.47 -22.64
CA ARG A 130 -5.44 12.30 -23.88
C ARG A 130 -6.83 12.91 -23.79
N ASN A 131 -7.32 13.16 -22.57
CA ASN A 131 -8.59 13.85 -22.37
C ASN A 131 -8.42 15.31 -22.01
N HIS A 132 -7.25 15.71 -21.53
CA HIS A 132 -6.96 17.10 -21.18
C HIS A 132 -5.50 17.39 -21.49
N PRO A 133 -5.20 17.76 -22.74
CA PRO A 133 -3.80 18.00 -23.11
C PRO A 133 -3.14 19.12 -22.32
N GLU A 134 -3.93 20.08 -21.84
CA GLU A 134 -3.44 21.17 -20.98
C GLU A 134 -4.16 21.05 -19.64
N PRO A 135 -3.68 20.17 -18.76
CA PRO A 135 -4.40 19.90 -17.52
C PRO A 135 -3.90 20.75 -16.35
N THR A 136 -4.65 20.69 -15.27
CA THR A 136 -4.25 21.24 -13.99
C THR A 136 -3.80 20.12 -13.06
N LEU A 137 -2.94 20.45 -12.11
CA LEU A 137 -2.42 19.43 -11.18
C LEU A 137 -3.55 18.72 -10.45
N ASP A 138 -4.66 19.41 -10.20
CA ASP A 138 -5.79 18.78 -9.51
C ASP A 138 -6.32 17.59 -10.29
N GLN A 139 -6.35 17.69 -11.63
CA GLN A 139 -6.86 16.59 -12.44
C GLN A 139 -5.89 15.41 -12.47
N LEU A 140 -4.58 15.68 -12.40
CA LEU A 140 -3.61 14.59 -12.45
C LEU A 140 -3.58 13.81 -11.13
N THR A 141 -3.67 14.52 -10.00
CA THR A 141 -3.68 13.84 -8.71
C THR A 141 -4.94 12.99 -8.53
N ASP A 142 -6.06 13.42 -9.10
CA ASP A 142 -7.29 12.63 -9.02
C ASP A 142 -7.21 11.38 -9.88
N ALA A 143 -6.48 11.45 -11.00
CA ALA A 143 -6.28 10.25 -11.82
C ALA A 143 -5.37 9.25 -11.11
N LEU A 144 -4.36 9.74 -10.41
CA LEU A 144 -3.45 8.89 -9.66
C LEU A 144 -4.01 8.43 -8.32
N GLY A 145 -5.26 8.79 -8.01
CA GLY A 145 -5.83 8.40 -6.74
C GLY A 145 -6.02 6.90 -6.59
N GLY A 146 -6.17 6.20 -7.71
CA GLY A 146 -6.32 4.76 -7.70
C GLY A 146 -5.04 3.97 -7.85
N ASN A 147 -3.90 4.64 -7.89
CA ASN A 147 -2.61 3.98 -8.07
C ASN A 147 -1.82 4.05 -6.77
N LEU A 148 -1.34 2.90 -6.32
CA LEU A 148 -0.55 2.79 -5.10
C LEU A 148 0.91 2.59 -5.42
N CYS A 149 1.78 3.05 -4.51
CA CYS A 149 3.21 2.81 -4.62
C CYS A 149 3.79 2.69 -3.22
N ARG A 150 4.68 1.73 -3.04
CA ARG A 150 5.28 1.45 -1.74
C ARG A 150 6.69 2.02 -1.60
N CYS A 151 7.30 2.48 -2.70
CA CYS A 151 8.70 2.88 -2.70
C CYS A 151 8.89 4.40 -2.73
N THR A 152 8.26 5.09 -3.68
CA THR A 152 8.64 6.46 -3.98
C THR A 152 8.03 7.49 -3.03
N GLY A 153 6.93 7.16 -2.37
CA GLY A 153 6.24 8.18 -1.58
C GLY A 153 5.49 9.20 -2.40
N TYR A 154 5.31 8.95 -3.69
CA TYR A 154 4.45 9.73 -4.59
C TYR A 154 5.01 11.12 -4.90
N ARG A 155 6.01 11.58 -4.17
CA ARG A 155 6.53 12.93 -4.40
C ARG A 155 7.11 13.10 -5.81
N PRO A 156 8.02 12.26 -6.29
CA PRO A 156 8.59 12.51 -7.63
C PRO A 156 7.58 12.31 -8.76
N ILE A 157 6.56 11.49 -8.55
CA ILE A 157 5.53 11.33 -9.57
C ILE A 157 4.72 12.61 -9.71
N ILE A 158 4.47 13.31 -8.60
CA ILE A 158 3.79 14.59 -8.66
C ILE A 158 4.65 15.63 -9.38
N ASP A 159 5.97 15.57 -9.18
CA ASP A 159 6.86 16.50 -9.87
C ASP A 159 6.80 16.30 -11.38
N ALA A 160 6.78 15.05 -11.83
CA ALA A 160 6.65 14.78 -13.26
C ALA A 160 5.28 15.22 -13.78
N CYS A 161 4.24 15.14 -12.93
CA CYS A 161 2.92 15.58 -13.35
C CYS A 161 2.87 17.10 -13.50
N LYS A 162 3.56 17.83 -12.63
CA LYS A 162 3.62 19.28 -12.74
C LYS A 162 4.22 19.73 -14.07
N THR A 163 5.02 18.89 -14.72
CA THR A 163 5.67 19.28 -15.96
C THR A 163 4.66 19.48 -17.08
N PHE A 164 3.51 18.81 -17.01
CA PHE A 164 2.48 18.93 -18.04
C PHE A 164 1.50 20.06 -17.79
N CYS A 165 1.60 20.75 -16.66
CA CYS A 165 0.67 21.81 -16.30
C CYS A 165 1.22 23.17 -16.72
N LYS A 166 0.32 24.04 -17.19
CA LYS A 166 0.68 25.41 -17.53
C LYS A 166 0.53 26.34 -16.32
N THR A 167 1.13 25.92 -15.20
CA THR A 167 1.05 26.67 -13.95
C THR A 167 1.70 28.04 -14.08
N PRO A 199 19.39 24.10 -6.88
CA PRO A 199 19.76 22.83 -7.50
C PRO A 199 18.63 21.81 -7.46
N LYS A 200 18.35 21.19 -8.61
CA LYS A 200 17.29 20.19 -8.72
C LYS A 200 17.88 18.85 -9.13
N LEU A 201 17.08 17.80 -8.95
CA LEU A 201 17.50 16.44 -9.25
C LEU A 201 17.33 16.07 -10.71
N PHE A 202 16.70 16.92 -11.52
CA PHE A 202 16.47 16.63 -12.92
C PHE A 202 16.36 17.94 -13.69
N ALA A 203 16.72 17.88 -14.98
CA ALA A 203 16.62 19.04 -15.86
C ALA A 203 15.28 18.98 -16.58
N GLU A 204 14.30 19.74 -16.07
CA GLU A 204 12.99 19.77 -16.71
C GLU A 204 13.07 20.37 -18.10
N GLU A 205 13.98 21.32 -18.32
CA GLU A 205 14.06 22.00 -19.61
C GLU A 205 14.48 21.07 -20.73
N GLU A 206 14.99 19.87 -20.43
CA GLU A 206 15.43 18.94 -21.46
C GLU A 206 14.35 17.94 -21.87
N PHE A 207 13.17 17.98 -21.25
CA PHE A 207 12.12 17.02 -21.57
C PHE A 207 11.45 17.36 -22.90
N LEU A 208 10.96 16.32 -23.56
CA LEU A 208 10.20 16.51 -24.79
C LEU A 208 8.88 17.21 -24.47
N PRO A 209 8.50 18.24 -25.22
CA PRO A 209 7.16 18.80 -25.07
C PRO A 209 6.11 17.83 -25.58
N LEU A 210 5.03 17.68 -24.81
CA LEU A 210 3.97 16.75 -25.18
C LEU A 210 3.38 17.14 -26.52
N ASP A 211 3.74 16.41 -27.58
CA ASP A 211 3.26 16.64 -28.93
C ASP A 211 1.89 15.99 -29.10
N PRO A 212 0.80 16.78 -29.11
CA PRO A 212 -0.53 16.18 -29.25
C PRO A 212 -0.87 15.75 -30.66
N THR A 213 -0.05 16.13 -31.65
CA THR A 213 -0.34 15.79 -33.05
C THR A 213 -0.03 14.32 -33.33
N GLN A 214 1.06 13.80 -32.78
CA GLN A 214 1.51 12.44 -33.08
C GLN A 214 1.17 11.46 -31.97
N GLU A 215 0.00 11.58 -31.35
CA GLU A 215 -0.46 10.56 -30.44
C GLU A 215 -0.98 9.36 -31.24
N LEU A 216 -1.31 8.30 -30.53
CA LEU A 216 -1.80 7.08 -31.17
C LEU A 216 -3.15 7.34 -31.83
N ILE A 217 -3.24 7.07 -33.13
CA ILE A 217 -4.50 7.24 -33.84
C ILE A 217 -5.41 6.06 -33.54
N PHE A 218 -6.71 6.34 -33.43
CA PHE A 218 -7.67 5.28 -33.17
C PHE A 218 -7.72 4.32 -34.36
N PRO A 219 -7.81 3.02 -34.12
CA PRO A 219 -7.87 2.05 -35.22
C PRO A 219 -9.05 2.33 -36.13
N PRO A 220 -8.79 2.66 -37.40
CA PRO A 220 -9.90 3.02 -38.31
C PRO A 220 -10.84 1.86 -38.60
N GLU A 221 -10.39 0.62 -38.48
CA GLU A 221 -11.27 -0.52 -38.73
C GLU A 221 -12.42 -0.56 -37.74
N LEU A 222 -12.17 -0.20 -36.49
CA LEU A 222 -13.24 -0.16 -35.50
C LEU A 222 -14.21 0.99 -35.76
N MET A 223 -13.71 2.10 -36.32
CA MET A 223 -14.59 3.22 -36.64
C MET A 223 -15.60 2.84 -37.71
N ILE A 224 -15.17 2.04 -38.69
CA ILE A 224 -16.10 1.56 -39.71
C ILE A 224 -17.05 0.52 -39.13
N MET A 225 -16.57 -0.29 -38.18
CA MET A 225 -17.42 -1.29 -37.56
C MET A 225 -18.54 -0.65 -36.76
N ALA A 226 -18.25 0.42 -36.02
CA ALA A 226 -19.28 1.08 -35.24
C ALA A 226 -20.29 1.81 -36.11
N GLU A 227 -19.85 2.35 -37.25
CA GLU A 227 -20.77 3.06 -38.14
C GLU A 227 -21.85 2.13 -38.68
N LYS A 228 -21.52 0.86 -38.90
CA LYS A 228 -22.51 -0.15 -39.27
C LYS A 228 -23.08 -0.73 -37.99
N GLN A 229 -24.20 -0.18 -37.54
CA GLN A 229 -24.86 -0.67 -36.33
C GLN A 229 -25.43 -2.06 -36.60
N SER A 230 -24.55 -3.05 -36.46
CA SER A 230 -25.01 -4.44 -36.47
C SER A 230 -25.87 -4.68 -35.23
N GLN A 231 -27.01 -5.33 -35.43
CA GLN A 231 -27.95 -5.57 -34.34
C GLN A 231 -27.91 -6.99 -33.80
N ARG A 232 -27.07 -7.85 -34.38
CA ARG A 232 -27.00 -9.24 -33.95
C ARG A 232 -26.25 -9.34 -32.63
N THR A 233 -26.82 -10.10 -31.70
CA THR A 233 -26.15 -10.39 -30.43
C THR A 233 -25.06 -11.42 -30.64
N ARG A 234 -24.00 -11.29 -29.85
CA ARG A 234 -22.85 -12.18 -29.94
C ARG A 234 -22.89 -13.20 -28.82
N VAL A 235 -22.60 -14.45 -29.16
CA VAL A 235 -22.66 -15.57 -28.22
C VAL A 235 -21.25 -16.13 -28.08
N PHE A 236 -20.72 -16.10 -26.85
CA PHE A 236 -19.46 -16.73 -26.52
C PHE A 236 -19.73 -17.80 -25.47
N GLY A 237 -19.16 -18.99 -25.66
CA GLY A 237 -19.45 -20.09 -24.76
C GLY A 237 -18.27 -21.01 -24.58
N SER A 238 -18.32 -21.75 -23.48
CA SER A 238 -17.35 -22.80 -23.18
C SER A 238 -18.08 -23.91 -22.44
N GLU A 239 -17.33 -24.93 -22.01
CA GLU A 239 -17.92 -26.03 -21.26
C GLU A 239 -18.38 -25.62 -19.87
N ARG A 240 -18.08 -24.40 -19.43
CA ARG A 240 -18.43 -23.93 -18.11
C ARG A 240 -19.41 -22.75 -18.10
N MET A 241 -19.35 -21.86 -19.09
CA MET A 241 -20.11 -20.63 -19.03
C MET A 241 -20.48 -20.17 -20.43
N MET A 242 -21.70 -19.67 -20.57
CA MET A 242 -22.16 -19.03 -21.80
C MET A 242 -22.23 -17.52 -21.60
N TRP A 243 -21.99 -16.78 -22.69
CA TRP A 243 -21.87 -15.33 -22.63
C TRP A 243 -22.68 -14.73 -23.77
N PHE A 244 -23.65 -13.89 -23.42
CA PHE A 244 -24.51 -13.24 -24.40
C PHE A 244 -24.31 -11.73 -24.33
N SER A 245 -24.01 -11.12 -25.47
CA SER A 245 -23.79 -9.68 -25.58
C SER A 245 -24.87 -9.09 -26.51
N PRO A 246 -26.06 -8.81 -25.99
CA PRO A 246 -27.08 -8.16 -26.81
C PRO A 246 -26.74 -6.70 -27.03
N VAL A 247 -26.92 -6.24 -28.27
CA VAL A 247 -26.61 -4.86 -28.64
C VAL A 247 -27.85 -3.99 -28.80
N THR A 248 -29.05 -4.58 -28.76
CA THR A 248 -30.30 -3.82 -28.82
C THR A 248 -31.08 -4.04 -27.54
N LEU A 249 -31.87 -3.03 -27.16
CA LEU A 249 -32.67 -3.14 -25.95
C LEU A 249 -33.69 -4.27 -26.05
N LYS A 250 -34.23 -4.49 -27.26
CA LYS A 250 -35.18 -5.58 -27.45
C LYS A 250 -34.52 -6.93 -27.16
N GLU A 251 -33.32 -7.15 -27.71
CA GLU A 251 -32.64 -8.42 -27.49
C GLU A 251 -32.22 -8.59 -26.03
N LEU A 252 -31.77 -7.50 -25.39
CA LEU A 252 -31.37 -7.58 -23.99
C LEU A 252 -32.53 -8.02 -23.10
N LEU A 253 -33.72 -7.47 -23.33
CA LEU A 253 -34.89 -7.89 -22.57
C LEU A 253 -35.23 -9.35 -22.80
N GLU A 254 -34.91 -9.87 -23.99
CA GLU A 254 -35.19 -11.27 -24.27
C GLU A 254 -34.24 -12.18 -23.51
N PHE A 255 -32.96 -11.81 -23.40
CA PHE A 255 -32.02 -12.64 -22.69
C PHE A 255 -32.24 -12.59 -21.17
N LYS A 256 -32.63 -11.42 -20.66
CA LYS A 256 -32.96 -11.32 -19.24
C LYS A 256 -34.20 -12.14 -18.88
N PHE A 257 -35.06 -12.42 -19.86
CA PHE A 257 -36.22 -13.25 -19.60
C PHE A 257 -35.88 -14.73 -19.68
N LYS A 258 -35.07 -15.12 -20.68
CA LYS A 258 -34.68 -16.52 -20.83
C LYS A 258 -33.97 -17.02 -19.57
N TYR A 259 -32.94 -16.30 -19.13
CA TYR A 259 -32.15 -16.66 -17.95
C TYR A 259 -32.27 -15.53 -16.94
N PRO A 260 -33.34 -15.52 -16.14
CA PRO A 260 -33.50 -14.46 -15.15
C PRO A 260 -32.40 -14.44 -14.10
N GLN A 261 -31.82 -15.59 -13.77
CA GLN A 261 -30.77 -15.65 -12.76
C GLN A 261 -29.43 -15.12 -13.26
N ALA A 262 -29.24 -15.08 -14.57
CA ALA A 262 -27.97 -14.60 -15.11
C ALA A 262 -27.79 -13.12 -14.80
N PRO A 263 -26.67 -12.72 -14.20
CA PRO A 263 -26.46 -11.30 -13.91
C PRO A 263 -26.15 -10.52 -15.19
N VAL A 264 -26.32 -9.20 -15.09
CA VAL A 264 -26.08 -8.28 -16.20
C VAL A 264 -24.76 -7.59 -15.92
N ILE A 265 -23.68 -8.07 -16.52
CA ILE A 265 -22.35 -7.56 -16.26
C ILE A 265 -22.19 -6.22 -16.96
N MET A 266 -21.73 -5.21 -16.21
CA MET A 266 -21.48 -3.89 -16.76
C MET A 266 -20.00 -3.54 -16.63
N GLY A 267 -19.57 -3.20 -15.42
CA GLY A 267 -18.18 -2.89 -15.18
C GLY A 267 -17.44 -4.02 -14.51
N ASN A 268 -18.17 -5.01 -14.01
CA ASN A 268 -17.63 -6.20 -13.36
C ASN A 268 -16.89 -5.87 -12.07
N THR A 269 -17.12 -4.70 -11.50
CA THR A 269 -16.43 -4.30 -10.27
C THR A 269 -17.12 -4.76 -9.00
N SER A 270 -18.31 -5.35 -9.12
CA SER A 270 -19.02 -5.92 -7.98
C SER A 270 -19.05 -7.44 -8.00
N VAL A 271 -19.35 -8.03 -9.15
CA VAL A 271 -19.37 -9.49 -9.27
C VAL A 271 -17.97 -10.06 -9.55
N GLY A 272 -17.13 -9.29 -10.22
CA GLY A 272 -15.76 -9.69 -10.48
C GLY A 272 -14.99 -10.08 -9.23
N PRO A 273 -14.89 -9.15 -8.27
CA PRO A 273 -14.23 -9.50 -7.00
C PRO A 273 -14.87 -10.67 -6.28
N GLU A 274 -16.18 -10.85 -6.40
CA GLU A 274 -16.83 -12.00 -5.76
C GLU A 274 -16.47 -13.30 -6.47
N VAL A 275 -16.15 -13.25 -7.76
CA VAL A 275 -15.75 -14.45 -8.49
C VAL A 275 -14.45 -14.99 -7.93
N LYS A 276 -13.52 -14.10 -7.58
CA LYS A 276 -12.18 -14.51 -7.16
C LYS A 276 -12.17 -15.04 -5.74
N PHE A 277 -12.55 -14.21 -4.77
CA PHE A 277 -12.34 -14.52 -3.35
C PHE A 277 -13.60 -14.99 -2.64
N LYS A 278 -14.78 -14.89 -3.26
CA LYS A 278 -16.03 -15.19 -2.57
C LYS A 278 -16.73 -16.42 -3.13
N GLY A 279 -16.11 -17.16 -4.04
CA GLY A 279 -16.61 -18.45 -4.44
C GLY A 279 -17.92 -18.45 -5.20
N VAL A 280 -18.29 -17.35 -5.84
CA VAL A 280 -19.51 -17.30 -6.63
C VAL A 280 -19.19 -17.79 -8.04
N PHE A 281 -20.22 -18.31 -8.72
CA PHE A 281 -20.06 -18.79 -10.09
C PHE A 281 -21.39 -18.68 -10.81
N HIS A 282 -21.38 -18.06 -12.00
CA HIS A 282 -22.57 -17.88 -12.80
C HIS A 282 -22.42 -18.65 -14.10
N PRO A 283 -23.25 -19.65 -14.39
CA PRO A 283 -23.11 -20.37 -15.66
C PRO A 283 -23.53 -19.55 -16.86
N VAL A 284 -24.49 -18.63 -16.71
CA VAL A 284 -24.95 -17.78 -17.78
C VAL A 284 -24.59 -16.33 -17.45
N ILE A 285 -24.16 -15.58 -18.45
CA ILE A 285 -23.73 -14.20 -18.28
C ILE A 285 -24.31 -13.36 -19.40
N ILE A 286 -24.95 -12.25 -19.04
CA ILE A 286 -25.46 -11.28 -20.01
C ILE A 286 -24.64 -10.01 -19.85
N SER A 287 -24.01 -9.56 -20.93
CA SER A 287 -23.20 -8.35 -20.93
C SER A 287 -23.61 -7.49 -22.13
N PRO A 288 -24.56 -6.58 -21.94
CA PRO A 288 -25.02 -5.76 -23.07
C PRO A 288 -23.93 -4.80 -23.53
N ASP A 289 -23.95 -4.51 -24.83
CA ASP A 289 -23.04 -3.53 -25.40
C ASP A 289 -23.59 -2.13 -25.13
N ARG A 290 -23.11 -1.13 -25.85
CA ARG A 290 -23.64 0.22 -25.66
C ARG A 290 -25.05 0.29 -26.23
N ILE A 291 -26.04 0.42 -25.34
CA ILE A 291 -27.43 0.57 -25.72
C ILE A 291 -27.84 2.01 -25.47
N GLU A 292 -28.39 2.66 -26.50
CA GLU A 292 -28.72 4.08 -26.39
C GLU A 292 -29.76 4.33 -25.30
N GLU A 293 -30.70 3.41 -25.11
CA GLU A 293 -31.70 3.58 -24.07
C GLU A 293 -31.14 3.44 -22.67
N LEU A 294 -30.00 2.77 -22.52
CA LEU A 294 -29.39 2.55 -21.21
C LEU A 294 -28.42 3.65 -20.79
N SER A 295 -28.02 4.52 -21.73
CA SER A 295 -27.09 5.59 -21.40
C SER A 295 -27.69 6.94 -21.73
N VAL A 296 -28.86 7.23 -21.17
CA VAL A 296 -29.61 8.45 -21.44
C VAL A 296 -29.38 9.44 -20.31
N VAL A 297 -29.16 10.71 -20.67
CA VAL A 297 -29.05 11.81 -19.73
C VAL A 297 -29.94 12.94 -20.23
N ASN A 298 -31.06 13.16 -19.55
CA ASN A 298 -32.01 14.18 -19.93
C ASN A 298 -32.20 15.17 -18.78
N HIS A 299 -32.40 16.44 -19.14
CA HIS A 299 -32.63 17.51 -18.18
C HIS A 299 -34.12 17.81 -18.16
N ALA A 300 -34.83 17.21 -17.21
CA ALA A 300 -36.27 17.35 -17.11
C ALA A 300 -36.64 18.58 -16.28
N TYR A 301 -37.93 18.79 -16.10
CA TYR A 301 -38.42 19.92 -15.33
C TYR A 301 -38.42 19.63 -13.83
N ASN A 302 -38.81 18.41 -13.45
CA ASN A 302 -38.84 18.02 -12.05
C ASN A 302 -37.48 17.58 -11.52
N GLY A 303 -36.59 17.14 -12.40
CA GLY A 303 -35.26 16.72 -12.01
C GLY A 303 -34.44 16.24 -13.20
N LEU A 304 -33.61 15.23 -12.98
CA LEU A 304 -32.87 14.59 -14.07
C LEU A 304 -32.97 13.09 -13.93
N THR A 305 -32.98 12.41 -15.07
CA THR A 305 -33.01 10.96 -15.13
C THR A 305 -31.76 10.48 -15.86
N LEU A 306 -30.98 9.62 -15.21
CA LEU A 306 -29.72 9.13 -15.76
C LEU A 306 -29.81 7.64 -16.03
N GLY A 307 -29.27 7.22 -17.17
CA GLY A 307 -29.34 5.82 -17.53
C GLY A 307 -28.50 4.94 -16.63
N ALA A 308 -28.93 3.69 -16.48
CA ALA A 308 -28.22 2.73 -15.64
C ALA A 308 -26.91 2.26 -16.24
N GLY A 309 -26.65 2.58 -17.51
CA GLY A 309 -25.42 2.18 -18.18
C GLY A 309 -24.30 3.19 -18.11
N LEU A 310 -24.53 4.35 -17.52
CA LEU A 310 -23.49 5.36 -17.38
C LEU A 310 -22.51 4.98 -16.28
N SER A 311 -21.24 5.28 -16.50
CA SER A 311 -20.24 5.03 -15.49
C SER A 311 -20.30 6.12 -14.41
N LEU A 312 -19.87 5.76 -13.20
CA LEU A 312 -19.88 6.71 -12.09
C LEU A 312 -19.02 7.93 -12.41
N ALA A 313 -17.97 7.76 -13.21
CA ALA A 313 -17.16 8.90 -13.63
C ALA A 313 -17.95 9.82 -14.56
N GLN A 314 -18.76 9.23 -15.45
CA GLN A 314 -19.60 10.06 -16.32
C GLN A 314 -20.68 10.78 -15.52
N VAL A 315 -21.24 10.11 -14.51
CA VAL A 315 -22.31 10.71 -13.72
C VAL A 315 -21.80 11.97 -13.01
N LYS A 316 -20.60 11.90 -12.43
CA LYS A 316 -20.04 13.07 -11.77
C LYS A 316 -19.70 14.18 -12.76
N ASP A 317 -19.50 13.85 -14.03
CA ASP A 317 -19.20 14.88 -15.02
C ASP A 317 -20.44 15.66 -15.42
N ILE A 318 -21.58 14.97 -15.57
CA ILE A 318 -22.82 15.68 -15.88
C ILE A 318 -23.34 16.39 -14.65
N LEU A 319 -23.00 15.90 -13.45
CA LEU A 319 -23.44 16.56 -12.23
C LEU A 319 -22.57 17.76 -11.90
N ALA A 320 -21.26 17.66 -12.13
CA ALA A 320 -20.40 18.82 -11.96
C ALA A 320 -20.71 19.92 -12.97
N ASP A 321 -21.30 19.57 -14.11
CA ASP A 321 -21.69 20.57 -15.09
C ASP A 321 -22.96 21.29 -14.68
N VAL A 322 -23.94 20.57 -14.12
CA VAL A 322 -25.23 21.15 -13.80
C VAL A 322 -25.19 22.01 -12.55
N VAL A 323 -24.25 21.76 -11.63
CA VAL A 323 -24.24 22.51 -10.38
C VAL A 323 -23.70 23.93 -10.55
N GLN A 324 -22.93 24.19 -11.61
CA GLN A 324 -22.51 25.54 -11.94
C GLN A 324 -23.37 26.16 -13.03
N LYS A 325 -24.49 25.52 -13.39
CA LYS A 325 -25.44 26.06 -14.34
C LYS A 325 -26.82 26.32 -13.75
N LEU A 326 -27.13 25.74 -12.60
CA LEU A 326 -28.45 25.84 -11.97
C LEU A 326 -28.33 26.49 -10.60
N PRO A 327 -29.43 27.04 -10.07
CA PRO A 327 -29.37 27.68 -8.75
C PRO A 327 -29.04 26.67 -7.66
N GLU A 328 -28.42 27.17 -6.58
CA GLU A 328 -27.97 26.33 -5.49
C GLU A 328 -29.11 25.72 -4.70
N GLU A 329 -30.34 26.22 -4.85
CA GLU A 329 -31.46 25.63 -4.13
C GLU A 329 -31.90 24.31 -4.74
N LYS A 330 -31.68 24.12 -6.05
CA LYS A 330 -32.07 22.89 -6.73
C LYS A 330 -30.95 21.88 -6.85
N THR A 331 -29.69 22.33 -6.80
CA THR A 331 -28.54 21.44 -6.86
C THR A 331 -28.11 20.97 -5.48
N GLN A 332 -29.06 20.68 -4.59
CA GLN A 332 -28.71 20.18 -3.27
C GLN A 332 -28.43 18.68 -3.30
N MET A 333 -29.29 17.91 -3.97
CA MET A 333 -29.07 16.47 -4.06
C MET A 333 -27.82 16.15 -4.86
N TYR A 334 -27.58 16.88 -5.96
CA TYR A 334 -26.44 16.58 -6.80
C TYR A 334 -25.12 16.90 -6.12
N HIS A 335 -25.11 17.91 -5.25
CA HIS A 335 -23.89 18.24 -4.51
C HIS A 335 -23.51 17.11 -3.56
N ALA A 336 -24.50 16.48 -2.92
CA ALA A 336 -24.20 15.36 -2.03
C ALA A 336 -23.66 14.17 -2.80
N LEU A 337 -24.15 13.94 -4.03
CA LEU A 337 -23.63 12.86 -4.85
C LEU A 337 -22.22 13.19 -5.33
N LEU A 338 -21.97 14.43 -5.76
CA LEU A 338 -20.65 14.81 -6.22
C LEU A 338 -19.63 14.76 -5.09
N LYS A 339 -20.08 14.94 -3.85
CA LYS A 339 -19.16 14.91 -2.72
C LYS A 339 -18.56 13.52 -2.54
N HIS A 340 -19.40 12.48 -2.54
CA HIS A 340 -18.92 11.13 -2.32
C HIS A 340 -18.37 10.49 -3.60
N LEU A 341 -18.79 10.95 -4.77
CA LEU A 341 -18.20 10.45 -6.01
C LEU A 341 -16.75 10.90 -6.17
N GLY A 342 -16.34 11.96 -5.48
CA GLY A 342 -14.95 12.37 -5.52
C GLY A 342 -14.05 11.46 -4.70
N THR A 343 -14.56 10.93 -3.60
CA THR A 343 -13.85 9.97 -2.77
C THR A 343 -14.20 8.52 -3.11
N LEU A 344 -14.97 8.32 -4.18
CA LEU A 344 -15.46 7.01 -4.57
C LEU A 344 -14.32 6.26 -5.27
N ALA A 345 -13.62 5.41 -4.52
CA ALA A 345 -12.57 4.56 -5.06
C ALA A 345 -11.53 5.35 -5.84
N GLY A 346 -11.13 4.83 -7.00
CA GLY A 346 -10.18 5.48 -7.88
C GLY A 346 -10.77 5.79 -9.24
N SER A 347 -9.97 6.47 -10.05
CA SER A 347 -10.42 6.90 -11.37
C SER A 347 -10.74 5.72 -12.27
N GLN A 348 -9.99 4.62 -12.14
CA GLN A 348 -10.21 3.47 -13.01
C GLN A 348 -11.52 2.75 -12.66
N ILE A 349 -11.76 2.53 -11.36
CA ILE A 349 -12.97 1.83 -10.96
C ILE A 349 -14.20 2.69 -11.24
N ARG A 350 -14.08 4.01 -11.09
CA ARG A 350 -15.20 4.90 -11.41
C ARG A 350 -15.54 4.83 -12.90
N ASN A 351 -14.52 4.70 -13.76
CA ASN A 351 -14.73 4.65 -15.19
C ASN A 351 -15.23 3.28 -15.67
N MET A 352 -15.24 2.27 -14.80
CA MET A 352 -15.77 0.96 -15.14
C MET A 352 -17.14 0.72 -14.52
N ALA A 353 -17.28 1.00 -13.22
CA ALA A 353 -18.54 0.76 -12.52
C ALA A 353 -19.66 1.60 -13.11
N SER A 354 -20.86 1.03 -13.16
CA SER A 354 -22.02 1.68 -13.71
C SER A 354 -22.93 2.20 -12.60
N LEU A 355 -23.75 3.19 -12.95
CA LEU A 355 -24.71 3.74 -11.99
C LEU A 355 -25.76 2.69 -11.62
N GLY A 356 -26.29 1.99 -12.62
CA GLY A 356 -27.24 0.93 -12.32
C GLY A 356 -26.61 -0.24 -11.60
N GLY A 357 -25.36 -0.57 -11.96
CA GLY A 357 -24.65 -1.63 -11.25
C GLY A 357 -24.42 -1.28 -9.79
N HIS A 358 -24.18 -0.01 -9.49
CA HIS A 358 -24.01 0.42 -8.11
C HIS A 358 -25.29 0.26 -7.32
N ILE A 359 -26.43 0.59 -7.94
CA ILE A 359 -27.72 0.52 -7.24
C ILE A 359 -28.10 -0.94 -6.98
N ILE A 360 -28.02 -1.78 -8.01
CA ILE A 360 -28.45 -3.17 -7.87
C ILE A 360 -27.51 -3.95 -6.96
N SER A 361 -26.21 -3.60 -6.96
CA SER A 361 -25.26 -4.30 -6.10
C SER A 361 -25.69 -4.23 -4.64
N ARG A 362 -26.17 -3.07 -4.19
CA ARG A 362 -26.66 -2.87 -2.83
C ARG A 362 -25.60 -3.28 -1.81
N HIS A 363 -24.41 -2.74 -1.99
CA HIS A 363 -23.34 -2.99 -1.03
C HIS A 363 -23.70 -2.35 0.32
N PRO A 364 -23.45 -3.04 1.43
CA PRO A 364 -23.74 -2.43 2.74
C PRO A 364 -22.95 -1.17 3.01
N ASP A 365 -21.74 -1.07 2.46
CA ASP A 365 -20.89 0.12 2.60
C ASP A 365 -20.95 1.01 1.37
N SER A 366 -22.14 1.15 0.78
CA SER A 366 -22.28 1.94 -0.43
C SER A 366 -22.20 3.42 -0.11
N ASP A 367 -21.42 4.16 -0.90
CA ASP A 367 -21.27 5.60 -0.74
C ASP A 367 -22.36 6.40 -1.45
N LEU A 368 -23.20 5.75 -2.24
CA LEU A 368 -24.22 6.45 -3.02
C LEU A 368 -25.64 6.05 -2.69
N ASN A 369 -25.87 4.82 -2.22
CA ASN A 369 -27.23 4.39 -1.90
C ASN A 369 -27.87 5.20 -0.77
N PRO A 370 -27.19 5.49 0.35
CA PRO A 370 -27.84 6.30 1.38
C PRO A 370 -28.20 7.70 0.91
N ILE A 371 -27.45 8.29 -0.01
CA ILE A 371 -27.79 9.60 -0.53
C ILE A 371 -29.05 9.54 -1.39
N LEU A 372 -29.15 8.51 -2.23
CA LEU A 372 -30.31 8.38 -3.12
C LEU A 372 -31.56 7.93 -2.37
N ALA A 373 -31.40 7.25 -1.23
CA ALA A 373 -32.55 6.71 -0.51
C ALA A 373 -33.34 7.79 0.23
N VAL A 374 -32.73 8.96 0.48
CA VAL A 374 -33.35 9.98 1.32
C VAL A 374 -33.94 11.12 0.50
N GLY A 375 -33.99 10.99 -0.82
CA GLY A 375 -34.50 12.08 -1.63
C GLY A 375 -35.49 11.67 -2.70
N ASN A 376 -36.26 10.61 -2.44
CA ASN A 376 -37.36 10.19 -3.29
C ASN A 376 -36.90 9.96 -4.73
N CYS A 377 -36.10 8.91 -4.89
CA CYS A 377 -35.59 8.51 -6.19
C CYS A 377 -36.39 7.31 -6.69
N THR A 378 -36.67 7.30 -8.00
CA THR A 378 -37.44 6.25 -8.62
C THR A 378 -36.57 5.51 -9.64
N LEU A 379 -36.88 4.23 -9.84
CA LEU A 379 -36.15 3.38 -10.76
C LEU A 379 -37.08 2.98 -11.91
N ASN A 380 -36.62 3.23 -13.14
CA ASN A 380 -37.41 2.91 -14.34
C ASN A 380 -37.06 1.50 -14.78
N LEU A 381 -37.84 0.53 -14.31
CA LEU A 381 -37.64 -0.86 -14.68
C LEU A 381 -38.37 -1.17 -15.97
N LEU A 382 -37.73 -1.94 -16.84
CA LEU A 382 -38.32 -2.35 -18.10
C LEU A 382 -38.26 -3.87 -18.22
N SER A 383 -39.41 -4.48 -18.45
CA SER A 383 -39.52 -5.91 -18.66
C SER A 383 -39.91 -6.18 -20.11
N LYS A 384 -39.95 -7.47 -20.47
CA LYS A 384 -40.46 -7.84 -21.78
C LYS A 384 -41.97 -7.66 -21.87
N GLU A 385 -42.66 -7.62 -20.73
CA GLU A 385 -44.10 -7.40 -20.70
C GLU A 385 -44.46 -5.92 -20.70
N GLY A 386 -43.60 -5.06 -20.18
CA GLY A 386 -43.88 -3.64 -20.19
C GLY A 386 -43.04 -2.90 -19.17
N LYS A 387 -43.23 -1.59 -19.15
CA LYS A 387 -42.51 -0.72 -18.24
C LYS A 387 -43.00 -0.90 -16.80
N ARG A 388 -42.22 -0.35 -15.86
CA ARG A 388 -42.56 -0.35 -14.45
C ARG A 388 -41.66 0.65 -13.75
N GLN A 389 -42.20 1.34 -12.75
CA GLN A 389 -41.46 2.36 -12.01
C GLN A 389 -41.69 2.16 -10.52
N ILE A 390 -40.66 1.72 -9.82
CA ILE A 390 -40.71 1.53 -8.37
C ILE A 390 -39.83 2.58 -7.71
N PRO A 391 -40.12 2.98 -6.48
CA PRO A 391 -39.26 3.96 -5.80
C PRO A 391 -38.09 3.31 -5.06
N LEU A 392 -36.95 3.99 -5.11
CA LEU A 392 -35.75 3.56 -4.39
C LEU A 392 -35.91 3.95 -2.93
N ASN A 393 -36.20 2.98 -2.09
CA ASN A 393 -36.62 3.24 -0.71
C ASN A 393 -35.92 2.25 0.22
N GLU A 394 -36.50 2.06 1.41
CA GLU A 394 -35.89 1.20 2.42
C GLU A 394 -36.02 -0.27 2.06
N GLN A 395 -37.23 -0.71 1.70
CA GLN A 395 -37.47 -2.12 1.42
C GLN A 395 -36.69 -2.59 0.19
N PHE A 396 -36.39 -1.68 -0.74
CA PHE A 396 -35.64 -2.06 -1.93
C PHE A 396 -34.18 -2.36 -1.58
N LEU A 397 -33.53 -1.47 -0.84
CA LEU A 397 -32.14 -1.70 -0.46
C LEU A 397 -31.99 -2.92 0.44
N SER A 398 -33.02 -3.23 1.22
CA SER A 398 -33.03 -4.45 2.02
C SER A 398 -33.38 -5.69 1.19
N LYS A 399 -33.66 -5.50 -0.11
CA LYS A 399 -33.96 -6.59 -1.03
C LYS A 399 -35.21 -7.35 -0.61
N CYS A 400 -36.26 -6.61 -0.27
CA CYS A 400 -37.57 -7.21 -0.10
C CYS A 400 -38.18 -7.48 -1.47
N PRO A 401 -38.68 -8.69 -1.72
CA PRO A 401 -39.14 -9.02 -3.09
C PRO A 401 -40.30 -8.16 -3.58
N ASN A 402 -41.08 -7.58 -2.67
CA ASN A 402 -42.20 -6.74 -3.10
C ASN A 402 -41.72 -5.41 -3.68
N ALA A 403 -40.64 -4.86 -3.13
CA ALA A 403 -40.07 -3.61 -3.62
C ALA A 403 -38.85 -3.83 -4.50
N ASP A 404 -38.56 -5.07 -4.87
CA ASP A 404 -37.41 -5.40 -5.68
C ASP A 404 -37.82 -5.48 -7.15
N LEU A 405 -36.86 -5.81 -8.01
CA LEU A 405 -37.13 -6.07 -9.41
C LEU A 405 -37.55 -7.52 -9.61
N LYS A 406 -38.51 -7.73 -10.51
CA LYS A 406 -38.77 -9.09 -10.94
C LYS A 406 -37.56 -9.61 -11.72
N PRO A 407 -37.21 -10.89 -11.58
CA PRO A 407 -36.01 -11.40 -12.23
C PRO A 407 -36.02 -11.30 -13.76
N GLN A 408 -37.14 -10.87 -14.36
CA GLN A 408 -37.24 -10.77 -15.80
C GLN A 408 -37.01 -9.36 -16.33
N GLU A 409 -37.01 -8.35 -15.47
CA GLU A 409 -36.90 -6.96 -15.89
C GLU A 409 -35.53 -6.38 -15.52
N ILE A 410 -35.09 -5.41 -16.31
CA ILE A 410 -33.83 -4.74 -16.10
C ILE A 410 -34.09 -3.35 -15.54
N LEU A 411 -33.01 -2.67 -15.15
CA LEU A 411 -33.07 -1.28 -14.74
C LEU A 411 -32.53 -0.42 -15.87
N VAL A 412 -33.34 0.52 -16.35
CA VAL A 412 -32.98 1.37 -17.47
C VAL A 412 -32.40 2.70 -17.01
N SER A 413 -33.08 3.37 -16.08
CA SER A 413 -32.63 4.69 -15.63
C SER A 413 -33.14 4.93 -14.22
N VAL A 414 -32.57 5.96 -13.58
CA VAL A 414 -32.97 6.41 -12.26
C VAL A 414 -33.22 7.90 -12.32
N ASN A 415 -34.26 8.36 -11.61
CA ASN A 415 -34.65 9.76 -11.59
C ASN A 415 -34.22 10.39 -10.27
N ILE A 416 -33.48 11.49 -10.37
CA ILE A 416 -33.07 12.25 -9.19
C ILE A 416 -33.67 13.64 -9.28
N PRO A 417 -34.65 13.98 -8.44
CA PRO A 417 -35.36 15.24 -8.61
C PRO A 417 -34.56 16.42 -8.09
N TYR A 418 -34.92 17.61 -8.60
CA TYR A 418 -34.38 18.84 -8.06
C TYR A 418 -34.86 19.06 -6.63
N SER A 419 -34.03 19.71 -5.84
CA SER A 419 -34.45 20.06 -4.49
C SER A 419 -35.24 21.37 -4.52
N ARG A 420 -36.07 21.55 -3.50
CA ARG A 420 -36.91 22.72 -3.39
C ARG A 420 -36.28 23.76 -2.46
N LYS A 421 -36.87 24.95 -2.45
CA LYS A 421 -36.46 25.97 -1.50
C LYS A 421 -36.81 25.50 -0.09
N TRP A 422 -35.91 25.80 0.85
CA TRP A 422 -35.98 25.31 2.23
C TRP A 422 -35.88 23.78 2.31
N GLU A 423 -35.27 23.16 1.30
CA GLU A 423 -34.96 21.74 1.33
C GLU A 423 -33.45 21.59 1.24
N PHE A 424 -32.87 20.87 2.20
CA PHE A 424 -31.43 20.76 2.31
C PHE A 424 -31.04 19.31 2.60
N VAL A 425 -30.02 18.83 1.90
CA VAL A 425 -29.54 17.47 2.03
C VAL A 425 -28.01 17.49 2.13
N SER A 426 -27.47 16.59 2.93
CA SER A 426 -26.02 16.50 3.13
C SER A 426 -25.63 15.04 3.31
N ALA A 427 -24.38 14.73 2.96
CA ALA A 427 -23.87 13.37 3.03
C ALA A 427 -22.53 13.36 3.76
N PHE A 428 -22.25 12.25 4.45
CA PHE A 428 -21.05 12.11 5.25
C PHE A 428 -20.50 10.70 5.09
N ARG A 429 -19.21 10.56 5.40
CA ARG A 429 -18.54 9.26 5.33
C ARG A 429 -17.26 9.32 6.15
N GLN A 430 -16.73 8.14 6.47
CA GLN A 430 -15.46 8.03 7.18
C GLN A 430 -14.87 6.66 6.91
N ALA A 431 -13.65 6.63 6.41
CA ALA A 431 -12.97 5.37 6.11
C ALA A 431 -11.60 5.38 6.80
N GLN A 432 -10.72 4.48 6.37
CA GLN A 432 -9.37 4.44 6.94
C GLN A 432 -8.52 5.60 6.42
N ARG A 433 -8.70 5.96 5.15
CA ARG A 433 -8.05 7.13 4.58
C ARG A 433 -9.10 7.94 3.82
N GLN A 434 -8.65 9.04 3.21
CA GLN A 434 -9.59 10.01 2.67
C GLN A 434 -10.29 9.49 1.41
N GLU A 435 -9.58 8.72 0.58
CA GLU A 435 -10.17 8.23 -0.65
C GLU A 435 -9.62 6.85 -0.96
N ASN A 436 -10.29 6.15 -1.88
CA ASN A 436 -9.93 4.79 -2.27
C ASN A 436 -9.89 3.86 -1.07
N ALA A 437 -10.93 3.92 -0.25
CA ALA A 437 -11.04 3.09 0.94
C ALA A 437 -12.50 2.94 1.31
N LEU A 438 -12.94 1.71 1.54
CA LEU A 438 -14.34 1.46 1.87
C LEU A 438 -14.70 2.13 3.19
N ALA A 439 -15.88 2.73 3.23
CA ALA A 439 -16.30 3.49 4.39
C ALA A 439 -16.64 2.58 5.55
N ILE A 440 -16.29 3.01 6.77
CA ILE A 440 -16.74 2.31 7.97
C ILE A 440 -18.20 2.64 8.25
N VAL A 441 -18.53 3.92 8.31
CA VAL A 441 -19.90 4.40 8.41
C VAL A 441 -20.06 5.63 7.53
N ASN A 442 -21.03 5.59 6.62
CA ASN A 442 -21.40 6.74 5.81
C ASN A 442 -22.90 7.01 6.01
N SER A 443 -23.35 8.15 5.51
CA SER A 443 -24.74 8.54 5.75
C SER A 443 -25.18 9.56 4.71
N GLY A 444 -26.50 9.64 4.53
CA GLY A 444 -27.14 10.67 3.75
C GLY A 444 -28.40 11.14 4.43
N MET A 445 -28.57 12.46 4.59
CA MET A 445 -29.67 13.01 5.37
C MET A 445 -30.28 14.19 4.63
N ARG A 446 -31.61 14.18 4.51
CA ARG A 446 -32.36 15.26 3.88
C ARG A 446 -33.43 15.78 4.82
N VAL A 447 -33.54 17.10 4.92
CA VAL A 447 -34.55 17.74 5.75
C VAL A 447 -35.30 18.78 4.91
N PHE A 448 -36.56 19.02 5.28
CA PHE A 448 -37.40 19.96 4.56
C PHE A 448 -38.26 20.73 5.56
N PHE A 449 -38.24 22.05 5.46
CA PHE A 449 -39.03 22.92 6.31
C PHE A 449 -40.23 23.52 5.61
N GLY A 450 -40.01 24.17 4.46
CA GLY A 450 -41.11 24.71 3.68
C GLY A 450 -41.64 26.03 4.20
N GLU A 451 -42.09 26.89 3.28
CA GLU A 451 -42.74 28.19 3.55
C GLU A 451 -41.96 29.04 4.57
N GLY A 452 -40.70 28.73 4.81
CA GLY A 452 -39.81 29.64 5.50
C GLY A 452 -39.97 29.79 7.00
N ASP A 453 -40.27 28.70 7.70
CA ASP A 453 -40.29 28.71 9.15
C ASP A 453 -39.55 27.49 9.69
N GLY A 454 -38.97 27.65 10.87
CA GLY A 454 -38.07 26.65 11.44
C GLY A 454 -38.72 25.39 11.97
N ILE A 455 -39.74 24.89 11.28
CA ILE A 455 -40.40 23.63 11.62
C ILE A 455 -40.10 22.62 10.52
N ILE A 456 -39.82 21.39 10.91
CA ILE A 456 -39.53 20.33 9.94
C ILE A 456 -40.84 19.67 9.54
N ARG A 457 -41.03 19.53 8.23
CA ARG A 457 -42.20 18.85 7.67
C ARG A 457 -41.88 17.49 7.07
N GLU A 458 -40.66 17.32 6.56
CA GLU A 458 -40.18 16.05 6.04
C GLU A 458 -38.78 15.80 6.58
N LEU A 459 -38.48 14.55 6.92
CA LEU A 459 -37.16 14.19 7.40
C LEU A 459 -36.88 12.75 6.99
N CYS A 460 -35.66 12.53 6.49
CA CYS A 460 -35.26 11.21 6.01
C CYS A 460 -33.76 11.09 6.11
N ILE A 461 -33.29 10.15 6.95
CA ILE A 461 -31.87 9.92 7.17
C ILE A 461 -31.59 8.44 6.94
N SER A 462 -30.36 8.16 6.49
CA SER A 462 -29.96 6.80 6.17
C SER A 462 -28.52 6.57 6.61
N TYR A 463 -28.19 5.31 6.89
CA TYR A 463 -26.86 4.93 7.32
C TYR A 463 -26.40 3.67 6.59
N GLY A 464 -25.14 3.66 6.19
CA GLY A 464 -24.53 2.49 5.58
C GLY A 464 -23.31 2.03 6.34
N GLY A 465 -22.89 0.79 6.13
CA GLY A 465 -21.78 0.24 6.88
C GLY A 465 -22.13 -0.17 8.30
N VAL A 466 -23.40 -0.11 8.68
CA VAL A 466 -23.85 -0.48 10.01
C VAL A 466 -24.66 -1.77 10.00
N GLY A 467 -24.88 -2.37 8.84
CA GLY A 467 -25.62 -3.61 8.75
C GLY A 467 -25.43 -4.27 7.40
N PRO A 468 -26.11 -5.40 7.19
CA PRO A 468 -25.97 -6.10 5.90
C PRO A 468 -26.46 -5.29 4.71
N ALA A 469 -27.32 -4.30 4.93
CA ALA A 469 -27.80 -3.44 3.86
C ALA A 469 -27.94 -2.02 4.39
N THR A 470 -28.01 -1.07 3.45
CA THR A 470 -28.24 0.32 3.82
C THR A 470 -29.62 0.48 4.45
N ILE A 471 -29.67 1.06 5.64
CA ILE A 471 -30.91 1.19 6.38
C ILE A 471 -31.21 2.66 6.63
N CYS A 472 -32.50 2.97 6.75
CA CYS A 472 -32.98 4.30 7.06
C CYS A 472 -33.75 4.26 8.38
N ALA A 473 -33.53 5.27 9.22
CA ALA A 473 -34.25 5.38 10.50
C ALA A 473 -35.62 5.99 10.22
N LYS A 474 -36.51 5.16 9.68
CA LYS A 474 -37.85 5.62 9.38
C LYS A 474 -38.66 5.89 10.64
N ASN A 475 -38.41 5.14 11.71
CA ASN A 475 -39.12 5.38 12.96
C ASN A 475 -38.61 6.64 13.66
N SER A 476 -37.30 6.88 13.61
CA SER A 476 -36.75 8.07 14.23
C SER A 476 -37.23 9.34 13.52
N CYS A 477 -37.22 9.34 12.19
CA CYS A 477 -37.70 10.49 11.44
C CYS A 477 -39.20 10.70 11.60
N GLN A 478 -39.94 9.66 11.98
CA GLN A 478 -41.38 9.81 12.18
C GLN A 478 -41.69 10.56 13.47
N LYS A 479 -41.02 10.17 14.56
CA LYS A 479 -41.27 10.74 15.88
C LYS A 479 -40.71 12.16 16.04
N LEU A 480 -40.12 12.74 15.00
CA LEU A 480 -39.52 14.06 15.09
C LEU A 480 -40.17 15.11 14.20
N ILE A 481 -41.11 14.72 13.33
CA ILE A 481 -41.71 15.68 12.40
C ILE A 481 -42.48 16.73 13.19
N GLY A 482 -42.18 18.00 12.93
CA GLY A 482 -42.87 19.12 13.52
C GLY A 482 -42.04 19.96 14.47
N ARG A 483 -40.91 19.44 14.94
CA ARG A 483 -40.11 20.15 15.92
C ARG A 483 -39.27 21.24 15.23
N HIS A 484 -38.48 21.94 16.04
CA HIS A 484 -37.60 23.00 15.56
C HIS A 484 -36.14 22.56 15.62
N TRP A 485 -35.31 23.24 14.84
CA TRP A 485 -33.88 22.97 14.80
C TRP A 485 -33.21 23.60 16.01
N ASN A 486 -32.68 22.77 16.90
CA ASN A 486 -32.14 23.21 18.18
C ASN A 486 -31.35 22.08 18.81
N GLU A 487 -30.64 22.40 19.89
CA GLU A 487 -29.86 21.41 20.59
C GLU A 487 -30.72 20.51 21.48
N GLN A 488 -31.86 21.01 21.95
CA GLN A 488 -32.72 20.21 22.82
C GLN A 488 -33.38 19.06 22.06
N MET A 489 -33.68 19.25 20.77
CA MET A 489 -34.21 18.17 19.96
C MET A 489 -33.13 17.19 19.55
N LEU A 490 -31.92 17.69 19.28
CA LEU A 490 -30.86 16.83 18.79
C LEU A 490 -30.51 15.74 19.79
N ASP A 491 -30.48 16.07 21.08
CA ASP A 491 -30.13 15.09 22.10
C ASP A 491 -31.17 13.96 22.18
N ILE A 492 -32.43 14.25 21.89
CA ILE A 492 -33.43 13.18 21.85
C ILE A 492 -33.41 12.46 20.50
N ALA A 493 -32.92 13.12 19.45
CA ALA A 493 -32.76 12.44 18.16
C ALA A 493 -31.66 11.39 18.22
N CYS A 494 -30.64 11.63 19.05
CA CYS A 494 -29.54 10.67 19.18
C CYS A 494 -30.02 9.40 19.89
N ARG A 495 -30.50 9.54 21.13
CA ARG A 495 -30.94 8.39 21.91
C ARG A 495 -32.08 7.65 21.23
N LEU A 496 -32.82 8.30 20.33
CA LEU A 496 -33.82 7.60 19.53
C LEU A 496 -33.16 6.82 18.40
N ILE A 497 -32.19 7.44 17.71
CA ILE A 497 -31.52 6.78 16.60
C ILE A 497 -30.67 5.62 17.12
N LEU A 498 -29.91 5.84 18.19
CA LEU A 498 -29.06 4.80 18.75
C LEU A 498 -29.84 3.56 19.13
N ASN A 499 -31.13 3.71 19.46
CA ASN A 499 -31.95 2.56 19.82
C ASN A 499 -32.48 1.85 18.58
N GLU A 500 -32.82 2.61 17.53
CA GLU A 500 -33.36 2.02 16.31
C GLU A 500 -32.27 1.25 15.57
N VAL A 501 -31.28 1.96 15.03
CA VAL A 501 -30.13 1.32 14.40
C VAL A 501 -29.21 0.84 15.52
N SER A 502 -29.26 -0.46 15.81
CA SER A 502 -28.48 -1.05 16.89
C SER A 502 -27.46 -2.02 16.31
N LEU A 503 -26.23 -1.93 16.82
CA LEU A 503 -25.16 -2.82 16.43
C LEU A 503 -24.80 -3.68 17.63
N LEU A 504 -24.93 -5.00 17.48
CA LEU A 504 -24.47 -5.91 18.52
C LEU A 504 -22.97 -5.77 18.70
N GLY A 505 -22.50 -6.06 19.92
CA GLY A 505 -21.07 -6.01 20.18
C GLY A 505 -20.27 -6.90 19.25
N SER A 506 -20.89 -7.97 18.76
CA SER A 506 -20.26 -8.90 17.82
C SER A 506 -20.54 -8.54 16.37
N ALA A 507 -20.76 -7.27 16.07
CA ALA A 507 -21.11 -6.88 14.71
C ALA A 507 -19.92 -7.06 13.77
N PRO A 508 -20.16 -7.52 12.55
CA PRO A 508 -19.07 -7.63 11.58
C PRO A 508 -18.46 -6.28 11.26
N GLY A 509 -17.22 -6.31 10.79
CA GLY A 509 -16.45 -5.10 10.54
C GLY A 509 -15.79 -4.51 11.75
N GLY A 510 -16.13 -4.97 12.96
CA GLY A 510 -15.55 -4.45 14.18
C GLY A 510 -15.88 -2.98 14.37
N LYS A 511 -15.06 -2.33 15.20
CA LYS A 511 -15.16 -0.89 15.45
C LYS A 511 -16.57 -0.49 15.90
N VAL A 512 -17.20 -1.37 16.68
CA VAL A 512 -18.61 -1.17 17.05
C VAL A 512 -18.77 0.11 17.86
N GLU A 513 -17.88 0.34 18.83
CA GLU A 513 -17.94 1.57 19.62
C GLU A 513 -17.62 2.79 18.78
N PHE A 514 -16.77 2.64 17.76
CA PHE A 514 -16.50 3.74 16.84
C PHE A 514 -17.69 3.99 15.93
N LYS A 515 -18.32 2.92 15.42
CA LYS A 515 -19.46 3.09 14.54
C LYS A 515 -20.66 3.67 15.27
N ARG A 516 -20.81 3.36 16.56
CA ARG A 516 -21.89 3.97 17.34
C ARG A 516 -21.72 5.48 17.45
N THR A 517 -20.48 5.96 17.51
CA THR A 517 -20.23 7.38 17.66
C THR A 517 -20.36 8.13 16.34
N LEU A 518 -19.90 7.53 15.25
CA LEU A 518 -19.98 8.17 13.94
C LEU A 518 -21.43 8.41 13.54
N ILE A 519 -22.35 7.55 13.99
CA ILE A 519 -23.77 7.77 13.72
C ILE A 519 -24.24 9.06 14.38
N ILE A 520 -23.77 9.32 15.60
CA ILE A 520 -24.17 10.53 16.31
C ILE A 520 -23.45 11.74 15.74
N SER A 521 -22.15 11.61 15.48
CA SER A 521 -21.36 12.76 15.05
C SER A 521 -21.82 13.29 13.69
N PHE A 522 -22.20 12.39 12.78
CA PHE A 522 -22.75 12.83 11.51
C PHE A 522 -24.06 13.56 11.71
N LEU A 523 -24.85 13.16 12.71
CA LEU A 523 -26.07 13.89 13.03
C LEU A 523 -25.76 15.27 13.60
N PHE A 524 -24.68 15.39 14.37
CA PHE A 524 -24.29 16.69 14.90
C PHE A 524 -23.75 17.59 13.80
N LYS A 525 -22.93 17.04 12.90
CA LYS A 525 -22.43 17.84 11.78
C LYS A 525 -23.56 18.26 10.86
N PHE A 526 -24.56 17.39 10.67
CA PHE A 526 -25.71 17.75 9.85
C PHE A 526 -26.52 18.87 10.49
N TYR A 527 -26.78 18.76 11.80
CA TYR A 527 -27.46 19.83 12.51
C TYR A 527 -26.72 21.15 12.41
N LEU A 528 -25.38 21.11 12.36
CA LEU A 528 -24.59 22.31 12.22
C LEU A 528 -24.65 22.88 10.81
N GLU A 529 -24.68 22.01 9.79
CA GLU A 529 -24.64 22.47 8.41
C GLU A 529 -25.92 23.18 8.02
N VAL A 530 -27.06 22.51 8.15
CA VAL A 530 -28.32 23.07 7.67
C VAL A 530 -28.76 24.25 8.53
N SER A 531 -28.38 24.28 9.82
CA SER A 531 -28.65 25.46 10.63
C SER A 531 -27.86 26.66 10.15
N GLN A 532 -26.72 26.42 9.49
CA GLN A 532 -25.98 27.52 8.87
C GLN A 532 -26.61 27.95 7.55
N ILE A 533 -27.26 27.02 6.83
CA ILE A 533 -27.96 27.39 5.61
C ILE A 533 -29.20 28.20 5.93
N LEU A 534 -29.87 27.89 7.05
CA LEU A 534 -31.01 28.70 7.49
C LEU A 534 -30.55 30.09 7.91
N LYS A 535 -29.39 30.19 8.56
CA LYS A 535 -28.87 31.48 8.98
C LYS A 535 -28.51 32.35 7.78
N LYS A 536 -28.07 31.74 6.67
CA LYS A 536 -27.70 32.51 5.50
C LYS A 536 -28.92 32.97 4.70
N MET A 537 -29.99 32.18 4.69
CA MET A 537 -31.18 32.53 3.93
C MET A 537 -32.14 33.41 4.71
N ASP A 538 -32.36 33.11 6.00
CA ASP A 538 -33.26 33.89 6.86
C ASP A 538 -32.46 34.28 8.10
N PRO A 539 -31.71 35.38 8.04
CA PRO A 539 -30.80 35.71 9.15
C PRO A 539 -31.49 36.21 10.40
N VAL A 540 -32.66 36.84 10.27
CA VAL A 540 -33.28 37.49 11.43
C VAL A 540 -33.91 36.46 12.36
N HIS A 541 -34.52 35.41 11.81
CA HIS A 541 -35.27 34.46 12.63
C HIS A 541 -34.37 33.43 13.31
N TYR A 542 -33.26 33.05 12.67
CA TYR A 542 -32.45 31.98 13.21
C TYR A 542 -31.16 32.53 13.84
N PRO A 543 -30.68 31.90 14.91
CA PRO A 543 -29.48 32.42 15.58
C PRO A 543 -28.21 32.03 14.84
N SER A 544 -27.16 32.81 15.10
CA SER A 544 -25.85 32.53 14.55
C SER A 544 -25.19 31.40 15.34
N LEU A 545 -24.45 30.56 14.63
CA LEU A 545 -23.83 29.39 15.25
C LEU A 545 -22.75 29.81 16.25
N ALA A 546 -22.35 28.86 17.09
CA ALA A 546 -21.29 29.11 18.05
C ALA A 546 -19.98 29.39 17.33
N ASP A 547 -19.25 30.40 17.81
CA ASP A 547 -18.05 30.84 17.12
C ASP A 547 -16.95 29.78 17.17
N LYS A 548 -16.92 28.96 18.21
CA LYS A 548 -15.94 27.90 18.34
C LYS A 548 -16.36 26.61 17.64
N TYR A 549 -17.48 26.64 16.89
CA TYR A 549 -18.00 25.45 16.24
C TYR A 549 -17.88 25.48 14.71
N GLU A 550 -17.40 26.58 14.14
CA GLU A 550 -17.42 26.72 12.68
C GLU A 550 -16.45 25.77 12.00
N SER A 551 -15.37 25.37 12.68
CA SER A 551 -14.37 24.52 12.04
C SER A 551 -14.90 23.14 11.72
N ALA A 552 -15.92 22.67 12.46
CA ALA A 552 -16.46 21.34 12.22
C ALA A 552 -17.08 21.19 10.84
N LEU A 553 -17.43 22.30 10.18
CA LEU A 553 -18.01 22.25 8.85
C LEU A 553 -16.96 22.21 7.75
N GLU A 554 -15.75 22.69 8.02
CA GLU A 554 -14.68 22.60 7.04
C GLU A 554 -14.23 21.16 6.88
N ASP A 555 -13.99 20.76 5.63
CA ASP A 555 -13.50 19.43 5.32
C ASP A 555 -11.99 19.48 5.12
N LEU A 556 -11.30 18.44 5.60
CA LEU A 556 -9.84 18.36 5.48
C LEU A 556 -9.50 17.97 4.05
N HIS A 557 -9.38 18.96 3.19
CA HIS A 557 -9.06 18.77 1.79
C HIS A 557 -7.68 19.34 1.50
N SER A 558 -6.95 18.68 0.59
CA SER A 558 -5.59 19.08 0.25
C SER A 558 -5.55 20.49 -0.33
N HIS A 560 -3.21 20.09 -3.37
CA HIS A 560 -2.04 20.92 -3.09
C HIS A 560 -0.89 20.07 -2.55
N HIS A 561 0.22 20.05 -3.27
CA HIS A 561 1.40 19.28 -2.87
C HIS A 561 2.65 20.06 -3.26
N CYS A 562 3.37 20.55 -2.26
CA CYS A 562 4.61 21.30 -2.46
C CYS A 562 5.78 20.52 -1.87
N SER A 563 6.95 20.68 -2.47
CA SER A 563 8.13 19.95 -2.04
C SER A 563 9.39 20.73 -2.39
N THR A 564 10.30 20.82 -1.42
CA THR A 564 11.61 21.44 -1.61
C THR A 564 12.69 20.50 -1.10
N LEU A 565 13.75 20.33 -1.88
CA LEU A 565 14.84 19.42 -1.54
C LEU A 565 16.15 20.17 -1.61
N LYS A 566 16.97 20.02 -0.57
CA LYS A 566 18.24 20.73 -0.46
C LYS A 566 19.37 19.73 -0.30
N TYR A 567 20.43 19.91 -1.10
CA TYR A 567 21.57 19.00 -1.07
C TYR A 567 22.78 19.73 -1.64
N GLN A 568 23.94 19.09 -1.53
CA GLN A 568 25.19 19.69 -1.97
C GLN A 568 25.46 19.37 -3.44
N ASN A 569 26.26 20.23 -4.07
CA ASN A 569 26.58 20.11 -5.48
C ASN A 569 28.01 20.58 -5.76
N PRO A 572 32.99 20.93 -7.51
CA PRO A 572 33.87 22.00 -8.03
C PRO A 572 35.21 21.47 -8.53
N LYS A 573 36.05 20.97 -7.61
CA LYS A 573 37.37 20.47 -7.94
C LYS A 573 37.35 19.00 -8.35
N GLN A 574 36.21 18.49 -8.79
CA GLN A 574 36.05 17.12 -9.21
C GLN A 574 35.90 17.05 -10.72
N HIS A 575 36.41 15.98 -11.32
CA HIS A 575 36.31 15.80 -12.76
C HIS A 575 34.84 15.78 -13.18
N PRO A 576 34.49 16.41 -14.30
CA PRO A 576 33.07 16.39 -14.73
C PRO A 576 32.60 15.03 -15.20
N GLU A 577 33.52 14.11 -15.54
CA GLU A 577 33.16 12.75 -15.90
C GLU A 577 33.08 11.82 -14.70
N ASP A 578 33.39 12.32 -13.50
CA ASP A 578 33.23 11.55 -12.27
C ASP A 578 31.77 11.63 -11.85
N PRO A 579 31.03 10.52 -11.92
CA PRO A 579 29.59 10.55 -11.65
C PRO A 579 29.22 10.47 -10.18
N ILE A 580 30.18 10.29 -9.28
CA ILE A 580 29.88 10.19 -7.86
C ILE A 580 29.34 11.52 -7.36
N GLY A 581 28.22 11.47 -6.63
CA GLY A 581 27.59 12.66 -6.10
C GLY A 581 26.59 13.33 -7.01
N HIS A 582 26.43 12.85 -8.25
CA HIS A 582 25.46 13.44 -9.18
C HIS A 582 24.13 12.70 -9.10
N PRO A 583 23.01 13.41 -9.33
CA PRO A 583 21.69 12.75 -9.32
C PRO A 583 21.45 11.96 -10.60
N ILE A 584 22.12 10.82 -10.72
CA ILE A 584 22.03 9.99 -11.90
C ILE A 584 20.76 9.14 -11.83
N MET A 585 20.04 9.06 -12.95
CA MET A 585 18.79 8.32 -12.99
C MET A 585 19.04 6.83 -12.86
N HIS A 586 18.11 6.14 -12.19
CA HIS A 586 18.13 4.70 -12.10
C HIS A 586 18.27 4.08 -13.49
N LEU A 587 19.18 3.10 -13.61
CA LEU A 587 19.51 2.55 -14.92
C LEU A 587 18.27 1.94 -15.59
N SER A 588 17.48 1.19 -14.83
CA SER A 588 16.25 0.61 -15.35
C SER A 588 15.08 1.58 -15.32
N GLY A 589 15.34 2.88 -15.14
CA GLY A 589 14.31 3.88 -15.02
C GLY A 589 13.34 3.92 -16.18
N VAL A 590 13.84 4.21 -17.39
CA VAL A 590 12.97 4.24 -18.56
C VAL A 590 12.42 2.83 -18.84
N LYS A 591 13.17 1.80 -18.47
CA LYS A 591 12.65 0.43 -18.61
C LYS A 591 11.46 0.21 -17.68
N HIS A 592 11.49 0.81 -16.50
CA HIS A 592 10.30 0.79 -15.64
C HIS A 592 9.15 1.54 -16.28
N ALA A 593 9.45 2.62 -17.01
CA ALA A 593 8.41 3.47 -17.58
C ALA A 593 7.80 2.91 -18.85
N THR A 594 8.51 2.05 -19.57
CA THR A 594 8.00 1.48 -20.81
C THR A 594 7.54 0.04 -20.67
N GLY A 595 7.59 -0.52 -19.46
CA GLY A 595 7.23 -1.90 -19.24
C GLY A 595 8.23 -2.92 -19.72
N GLU A 596 9.35 -2.49 -20.29
CA GLU A 596 10.37 -3.41 -20.79
C GLU A 596 11.18 -4.05 -19.68
N ALA A 597 11.10 -3.54 -18.45
CA ALA A 597 11.80 -4.14 -17.33
C ALA A 597 11.17 -5.50 -17.03
N ILE A 598 11.93 -6.58 -17.26
CA ILE A 598 11.43 -7.93 -17.05
C ILE A 598 11.55 -8.28 -15.57
N TYR A 599 10.40 -8.48 -14.92
CA TYR A 599 10.39 -9.01 -13.56
C TYR A 599 10.26 -10.53 -13.62
N CYS A 600 10.14 -11.16 -12.46
CA CYS A 600 10.22 -12.61 -12.38
C CYS A 600 9.09 -13.28 -13.16
N ASP A 601 7.84 -12.94 -12.83
CA ASP A 601 6.72 -13.50 -13.56
C ASP A 601 6.62 -12.96 -14.99
N ASP A 602 7.37 -11.90 -15.31
CA ASP A 602 7.41 -11.40 -16.68
C ASP A 602 8.23 -12.29 -17.61
N MET A 603 8.92 -13.30 -17.07
CA MET A 603 9.70 -14.17 -17.91
C MET A 603 8.79 -15.00 -18.81
N PRO A 604 9.16 -15.20 -20.08
CA PRO A 604 8.29 -15.95 -20.99
C PRO A 604 8.04 -17.37 -20.50
N LEU A 605 6.82 -17.85 -20.74
CA LEU A 605 6.46 -19.20 -20.35
C LEU A 605 7.34 -20.22 -21.04
N VAL A 606 8.07 -21.01 -20.26
CA VAL A 606 8.96 -22.01 -20.84
C VAL A 606 8.16 -23.25 -21.22
N ASP A 607 8.79 -24.10 -22.04
CA ASP A 607 8.07 -25.21 -22.68
C ASP A 607 7.56 -26.20 -21.63
N GLN A 608 6.26 -26.47 -21.69
CA GLN A 608 5.58 -27.49 -20.88
C GLN A 608 5.63 -27.18 -19.38
N GLU A 609 5.77 -25.91 -19.01
CA GLU A 609 5.90 -25.59 -17.59
C GLU A 609 4.57 -25.79 -16.87
N LEU A 610 4.67 -26.17 -15.60
CA LEU A 610 3.52 -26.39 -14.74
C LEU A 610 3.42 -25.28 -13.71
N PHE A 611 2.21 -25.07 -13.18
CA PHE A 611 1.95 -24.08 -12.16
C PHE A 611 1.68 -24.77 -10.83
N LEU A 612 2.15 -24.16 -9.75
CA LEU A 612 1.99 -24.71 -8.41
C LEU A 612 1.26 -23.70 -7.53
N THR A 613 0.16 -24.14 -6.93
CA THR A 613 -0.55 -23.36 -5.93
C THR A 613 -0.61 -24.16 -4.64
N PHE A 614 -0.84 -23.45 -3.54
CA PHE A 614 -0.88 -24.05 -2.22
C PHE A 614 -2.29 -23.98 -1.64
N VAL A 615 -2.63 -24.98 -0.83
CA VAL A 615 -3.74 -24.86 0.10
C VAL A 615 -3.15 -24.59 1.48
N THR A 616 -3.76 -23.68 2.22
CA THR A 616 -3.20 -23.21 3.47
C THR A 616 -4.14 -23.57 4.62
N SER A 617 -3.62 -23.46 5.84
CA SER A 617 -4.41 -23.77 7.02
C SER A 617 -5.52 -22.75 7.19
N SER A 618 -6.69 -23.23 7.61
CA SER A 618 -7.84 -22.40 7.89
C SER A 618 -8.14 -22.28 9.38
N ARG A 619 -7.38 -22.95 10.23
CA ARG A 619 -7.53 -22.88 11.67
C ARG A 619 -6.22 -22.39 12.28
N ALA A 620 -6.31 -21.70 13.41
CA ALA A 620 -5.12 -21.12 14.03
C ALA A 620 -4.35 -22.15 14.86
N HIS A 621 -5.04 -23.11 15.47
CA HIS A 621 -4.36 -24.18 16.21
C HIS A 621 -5.32 -25.36 16.24
N ALA A 622 -5.03 -26.37 15.42
CA ALA A 622 -5.88 -27.55 15.33
C ALA A 622 -5.04 -28.73 14.90
N LYS A 623 -5.65 -29.91 14.93
CA LYS A 623 -5.01 -31.16 14.52
C LYS A 623 -5.60 -31.60 13.19
N ILE A 624 -4.72 -31.93 12.24
CA ILE A 624 -5.14 -32.44 10.94
C ILE A 624 -5.58 -33.89 11.13
N VAL A 625 -6.87 -34.16 10.97
CA VAL A 625 -7.40 -35.49 11.22
C VAL A 625 -7.54 -36.26 9.91
N SER A 626 -7.73 -35.54 8.80
CA SER A 626 -7.88 -36.19 7.50
C SER A 626 -7.70 -35.16 6.40
N ILE A 627 -7.15 -35.62 5.27
CA ILE A 627 -6.97 -34.80 4.07
C ILE A 627 -7.47 -35.61 2.89
N ASP A 628 -8.52 -35.12 2.23
CA ASP A 628 -9.14 -35.82 1.11
C ASP A 628 -8.67 -35.17 -0.19
N LEU A 629 -7.80 -35.88 -0.91
CA LEU A 629 -7.31 -35.43 -2.20
C LEU A 629 -7.99 -36.14 -3.37
N SER A 630 -9.07 -36.88 -3.10
CA SER A 630 -9.69 -37.71 -4.14
C SER A 630 -10.28 -36.84 -5.25
N GLU A 631 -11.20 -35.94 -4.89
CA GLU A 631 -11.88 -35.14 -5.91
C GLU A 631 -10.90 -34.20 -6.62
N ALA A 632 -9.92 -33.67 -5.89
CA ALA A 632 -8.99 -32.72 -6.48
C ALA A 632 -8.03 -33.40 -7.46
N LEU A 633 -7.62 -34.63 -7.16
CA LEU A 633 -6.68 -35.33 -8.03
C LEU A 633 -7.28 -35.64 -9.39
N SER A 634 -8.59 -35.85 -9.45
CA SER A 634 -9.26 -36.23 -10.69
C SER A 634 -9.67 -35.04 -11.55
N MET A 635 -9.48 -33.81 -11.06
CA MET A 635 -9.94 -32.64 -11.78
C MET A 635 -9.05 -32.37 -12.99
N PRO A 636 -9.56 -31.62 -13.97
CA PRO A 636 -8.78 -31.39 -15.21
C PRO A 636 -7.46 -30.69 -14.94
N GLY A 637 -6.43 -31.13 -15.66
CA GLY A 637 -5.13 -30.50 -15.62
C GLY A 637 -4.27 -30.86 -14.42
N VAL A 638 -4.83 -31.47 -13.38
CA VAL A 638 -4.06 -31.76 -12.17
C VAL A 638 -3.02 -32.83 -12.48
N VAL A 639 -1.77 -32.54 -12.12
CA VAL A 639 -0.68 -33.47 -12.33
C VAL A 639 -0.31 -34.20 -11.04
N ASP A 640 -0.26 -33.48 -9.92
CA ASP A 640 0.15 -34.06 -8.65
C ASP A 640 -0.28 -33.12 -7.53
N ILE A 641 -0.56 -33.70 -6.37
CA ILE A 641 -0.83 -32.95 -5.14
C ILE A 641 0.03 -33.55 -4.04
N MET A 642 0.87 -32.73 -3.43
CA MET A 642 1.85 -33.17 -2.45
C MET A 642 1.43 -32.75 -1.05
N THR A 643 1.45 -33.69 -0.12
CA THR A 643 1.26 -33.42 1.29
C THR A 643 2.57 -33.64 2.03
N ALA A 644 2.51 -33.62 3.36
CA ALA A 644 3.73 -33.71 4.16
C ALA A 644 4.42 -35.05 3.99
N GLU A 645 3.65 -36.13 3.86
CA GLU A 645 4.25 -37.45 3.72
C GLU A 645 4.93 -37.65 2.36
N HIS A 646 4.52 -36.89 1.34
CA HIS A 646 5.12 -37.02 0.02
C HIS A 646 6.50 -36.39 -0.07
N LEU A 647 6.95 -35.69 0.97
CA LEU A 647 8.31 -35.16 1.03
C LEU A 647 9.22 -35.95 1.96
N SER A 648 8.65 -36.75 2.86
CA SER A 648 9.40 -37.62 3.76
C SER A 648 10.46 -36.86 4.56
N ASP A 649 11.74 -37.15 4.29
CA ASP A 649 12.81 -36.61 5.12
C ASP A 649 13.21 -35.19 4.75
N VAL A 650 12.85 -34.71 3.56
CA VAL A 650 13.25 -33.37 3.14
C VAL A 650 12.08 -32.40 3.33
N ASN A 651 11.36 -32.55 4.43
CA ASN A 651 10.30 -31.63 4.80
C ASN A 651 10.75 -30.64 5.88
N SER A 652 12.06 -30.55 6.13
CA SER A 652 12.57 -29.69 7.19
C SER A 652 13.92 -29.12 6.79
N PHE A 653 14.06 -27.81 6.93
CA PHE A 653 15.33 -27.12 6.73
C PHE A 653 15.62 -26.28 7.97
N CYS A 654 16.88 -26.26 8.39
CA CYS A 654 17.30 -25.58 9.60
C CYS A 654 17.85 -24.20 9.23
N PHE A 655 17.25 -23.15 9.77
CA PHE A 655 17.75 -21.79 9.62
C PHE A 655 18.76 -21.43 10.71
N PHE A 656 19.53 -22.40 11.18
CA PHE A 656 20.61 -22.19 12.15
C PHE A 656 20.09 -21.66 13.48
N THR A 657 18.84 -21.98 13.81
CA THR A 657 18.35 -21.91 15.19
C THR A 657 17.68 -23.23 15.57
N GLU A 658 16.54 -23.53 14.96
CA GLU A 658 15.91 -24.84 15.04
C GLU A 658 15.19 -25.08 13.72
N ALA A 659 15.03 -26.35 13.37
CA ALA A 659 14.46 -26.69 12.08
C ALA A 659 12.99 -26.31 12.01
N GLU A 660 12.58 -25.74 10.88
CA GLU A 660 11.19 -25.44 10.61
C GLU A 660 10.70 -26.30 9.45
N LYS A 661 9.48 -26.80 9.56
CA LYS A 661 8.92 -27.69 8.55
C LYS A 661 8.24 -26.89 7.45
N PHE A 662 8.31 -27.41 6.23
CA PHE A 662 7.69 -26.77 5.08
C PHE A 662 6.19 -26.97 5.11
N LEU A 663 5.74 -28.18 4.80
CA LEU A 663 4.32 -28.51 4.80
C LEU A 663 3.90 -29.03 6.18
N ALA A 664 2.69 -28.67 6.59
CA ALA A 664 2.19 -29.09 7.89
C ALA A 664 2.02 -30.60 7.94
N THR A 665 2.40 -31.19 9.07
CA THR A 665 2.35 -32.63 9.23
C THR A 665 1.03 -33.08 9.86
N ASP A 666 0.97 -33.12 11.19
CA ASP A 666 -0.23 -33.54 11.89
C ASP A 666 -0.99 -32.42 12.57
N LYS A 667 -0.34 -31.29 12.85
CA LYS A 667 -0.98 -30.14 13.46
C LYS A 667 -0.69 -28.89 12.65
N VAL A 668 -1.58 -27.91 12.76
CA VAL A 668 -1.38 -26.58 12.22
C VAL A 668 -1.20 -25.62 13.39
N PHE A 669 -0.31 -24.64 13.22
CA PHE A 669 0.02 -23.71 14.29
C PHE A 669 -0.36 -22.27 13.96
N CYS A 670 -0.87 -22.00 12.76
CA CYS A 670 -1.33 -20.67 12.39
C CYS A 670 -2.08 -20.76 11.07
N VAL A 671 -2.92 -19.77 10.81
CA VAL A 671 -3.61 -19.71 9.53
C VAL A 671 -2.61 -19.31 8.44
N GLY A 672 -2.82 -19.84 7.25
CA GLY A 672 -1.92 -19.58 6.16
C GLY A 672 -0.68 -20.45 6.12
N GLN A 673 -0.61 -21.48 6.96
CA GLN A 673 0.52 -22.40 6.91
C GLN A 673 0.34 -23.39 5.77
N LEU A 674 1.45 -23.71 5.11
CA LEU A 674 1.40 -24.59 3.95
C LEU A 674 1.02 -26.01 4.36
N VAL A 675 -0.03 -26.54 3.72
CA VAL A 675 -0.53 -27.89 4.00
C VAL A 675 -0.32 -28.81 2.79
N CYS A 676 -0.89 -28.43 1.64
CA CYS A 676 -0.69 -29.17 0.41
C CYS A 676 -0.16 -28.24 -0.67
N ALA A 677 0.36 -28.86 -1.73
CA ALA A 677 0.87 -28.14 -2.90
C ALA A 677 0.26 -28.77 -4.15
N VAL A 678 -0.67 -28.06 -4.78
CA VAL A 678 -1.35 -28.57 -5.96
C VAL A 678 -0.52 -28.21 -7.19
N LEU A 679 -0.30 -29.20 -8.06
CA LEU A 679 0.49 -29.03 -9.28
C LEU A 679 -0.39 -29.38 -10.47
N ALA A 680 -0.60 -28.41 -11.36
CA ALA A 680 -1.50 -28.60 -12.49
C ALA A 680 -0.88 -28.02 -13.75
N ASP A 681 -1.54 -28.29 -14.88
CA ASP A 681 -1.02 -27.82 -16.17
C ASP A 681 -1.11 -26.31 -16.30
N SER A 682 -2.13 -25.68 -15.72
CA SER A 682 -2.31 -24.25 -15.80
C SER A 682 -2.62 -23.69 -14.41
N GLU A 683 -2.45 -22.38 -14.27
CA GLU A 683 -2.73 -21.73 -13.00
C GLU A 683 -4.20 -21.86 -12.62
N VAL A 684 -5.09 -21.71 -13.59
CA VAL A 684 -6.53 -21.75 -13.31
C VAL A 684 -6.93 -23.14 -12.80
N GLN A 685 -6.52 -24.18 -13.53
CA GLN A 685 -6.84 -25.55 -13.09
C GLN A 685 -6.20 -25.89 -11.76
N ALA A 686 -5.12 -25.22 -11.39
CA ALA A 686 -4.47 -25.48 -10.11
C ALA A 686 -5.34 -25.01 -8.95
N LYS A 687 -5.76 -23.74 -8.98
CA LYS A 687 -6.57 -23.21 -7.89
C LYS A 687 -7.91 -23.92 -7.78
N ARG A 688 -8.50 -24.27 -8.93
CA ARG A 688 -9.79 -24.97 -8.92
C ARG A 688 -9.71 -26.27 -8.14
N ALA A 689 -8.65 -27.04 -8.35
CA ALA A 689 -8.47 -28.27 -7.59
C ALA A 689 -8.09 -27.98 -6.14
N ALA A 690 -7.41 -26.86 -5.89
CA ALA A 690 -7.05 -26.50 -4.52
C ALA A 690 -8.29 -26.22 -3.68
N LYS A 691 -9.32 -25.61 -4.29
CA LYS A 691 -10.55 -25.34 -3.57
C LYS A 691 -11.40 -26.58 -3.36
N ARG A 692 -11.06 -27.70 -4.01
CA ARG A 692 -11.78 -28.95 -3.83
C ARG A 692 -11.07 -29.92 -2.91
N VAL A 693 -9.92 -29.54 -2.34
CA VAL A 693 -9.26 -30.34 -1.33
C VAL A 693 -10.00 -30.16 -0.02
N LYS A 694 -10.52 -31.26 0.53
CA LYS A 694 -11.29 -31.23 1.77
C LYS A 694 -10.38 -31.63 2.92
N ILE A 695 -10.22 -30.73 3.89
CA ILE A 695 -9.39 -30.97 5.07
C ILE A 695 -10.26 -30.80 6.30
N VAL A 696 -10.23 -31.79 7.19
CA VAL A 696 -11.00 -31.77 8.43
C VAL A 696 -10.05 -31.50 9.58
N TYR A 697 -10.51 -30.73 10.56
CA TYR A 697 -9.68 -30.28 11.67
C TYR A 697 -10.29 -30.67 13.00
N GLN A 698 -9.49 -30.52 14.06
CA GLN A 698 -9.95 -30.66 15.44
C GLN A 698 -9.18 -29.64 16.26
N ASP A 699 -9.84 -28.58 16.68
CA ASP A 699 -9.16 -27.46 17.33
C ASP A 699 -8.45 -27.91 18.61
N LEU A 700 -7.30 -27.29 18.87
CA LEU A 700 -6.49 -27.58 20.03
C LEU A 700 -6.47 -26.39 20.98
N GLU A 701 -5.94 -26.62 22.17
CA GLU A 701 -5.85 -25.64 23.23
C GLU A 701 -4.44 -25.65 23.80
N PRO A 702 -3.90 -24.48 24.19
CA PRO A 702 -4.50 -23.14 24.16
C PRO A 702 -4.31 -22.41 22.83
N LEU A 703 -5.24 -21.49 22.53
CA LEU A 703 -5.16 -20.66 21.34
C LEU A 703 -4.55 -19.33 21.74
N ILE A 704 -3.23 -19.23 21.59
CA ILE A 704 -2.48 -18.04 21.96
C ILE A 704 -2.50 -17.06 20.80
N LEU A 705 -2.91 -15.82 21.09
CA LEU A 705 -3.00 -14.80 20.04
C LEU A 705 -2.27 -13.53 20.43
N THR A 706 -2.53 -13.01 21.63
CA THR A 706 -1.92 -11.77 22.07
C THR A 706 -0.58 -12.05 22.74
N ILE A 707 0.16 -10.97 23.02
CA ILE A 707 1.46 -11.09 23.67
C ILE A 707 1.29 -11.60 25.10
N GLU A 708 0.36 -10.98 25.85
CA GLU A 708 0.15 -11.39 27.24
C GLU A 708 -0.33 -12.83 27.33
N GLU A 709 -1.12 -13.27 26.35
CA GLU A 709 -1.55 -14.67 26.32
C GLU A 709 -0.36 -15.61 26.15
N SER A 710 0.71 -15.13 25.51
CA SER A 710 1.92 -15.95 25.39
C SER A 710 2.79 -15.87 26.64
N ILE A 711 2.75 -14.75 27.35
CA ILE A 711 3.55 -14.61 28.57
C ILE A 711 3.02 -15.50 29.69
N GLN A 712 1.75 -15.91 29.62
CA GLN A 712 1.20 -16.79 30.64
C GLN A 712 1.84 -18.16 30.62
N HIS A 713 2.24 -18.63 29.44
CA HIS A 713 2.79 -19.97 29.29
C HIS A 713 4.28 -19.92 28.97
N SER A 716 7.20 -21.89 29.97
CA SER A 716 8.43 -22.68 29.92
C SER A 716 9.65 -21.79 30.09
N PHE A 717 10.63 -21.96 29.20
CA PHE A 717 11.87 -21.19 29.25
C PHE A 717 12.01 -20.38 27.96
N LYS A 718 12.42 -19.11 28.11
CA LYS A 718 12.57 -18.20 27.00
C LYS A 718 13.95 -17.55 27.08
N PRO A 719 14.73 -17.53 26.00
CA PRO A 719 16.07 -16.94 26.05
C PRO A 719 15.99 -15.44 26.30
N GLU A 720 16.58 -15.00 27.41
CA GLU A 720 16.54 -13.60 27.81
C GLU A 720 17.73 -12.84 27.23
N ARG A 721 17.52 -11.55 26.99
CA ARG A 721 18.58 -10.67 26.53
C ARG A 721 18.44 -9.32 27.22
N LYS A 722 19.57 -8.76 27.65
CA LYS A 722 19.54 -7.56 28.47
C LYS A 722 20.85 -6.79 28.29
N LEU A 723 20.76 -5.47 28.44
CA LEU A 723 21.92 -4.61 28.56
C LEU A 723 21.67 -3.60 29.66
N GLU A 724 22.71 -3.30 30.44
CA GLU A 724 22.60 -2.36 31.56
C GLU A 724 23.73 -1.35 31.49
N TYR A 725 23.42 -0.13 31.89
CA TYR A 725 24.37 0.98 31.91
C TYR A 725 24.26 1.67 33.27
N GLY A 726 25.36 1.69 34.02
CA GLY A 726 25.31 2.24 35.35
C GLY A 726 24.46 1.37 36.27
N ASN A 727 23.93 2.01 37.31
CA ASN A 727 23.06 1.36 38.28
C ASN A 727 21.74 2.10 38.31
N VAL A 728 20.66 1.38 38.01
CA VAL A 728 19.33 2.00 37.95
C VAL A 728 18.62 1.93 39.29
N ASP A 729 18.84 0.87 40.07
CA ASP A 729 18.18 0.74 41.37
C ASP A 729 18.58 1.85 42.32
N GLU A 730 19.82 2.33 42.23
CA GLU A 730 20.26 3.41 43.09
C GLU A 730 19.69 4.76 42.66
N ALA A 731 19.37 4.91 41.37
CA ALA A 731 18.85 6.18 40.87
C ALA A 731 17.35 6.33 41.11
N PHE A 732 16.63 5.23 41.34
CA PHE A 732 15.20 5.32 41.60
C PHE A 732 14.86 5.91 42.96
N LYS A 733 15.86 6.14 43.81
CA LYS A 733 15.65 6.75 45.11
C LYS A 733 16.10 8.20 45.18
N VAL A 734 16.78 8.71 44.16
CA VAL A 734 17.27 10.09 44.13
C VAL A 734 16.57 10.94 43.09
N VAL A 735 15.55 10.41 42.41
CA VAL A 735 14.81 11.17 41.42
C VAL A 735 13.52 11.67 42.05
N ASP A 736 12.90 12.66 41.38
CA ASP A 736 11.72 13.31 41.95
C ASP A 736 10.47 12.46 41.78
N GLN A 737 10.19 12.01 40.56
CA GLN A 737 8.98 11.26 40.27
C GLN A 737 9.34 9.94 39.60
N ILE A 738 8.43 8.98 39.73
CA ILE A 738 8.54 7.67 39.08
C ILE A 738 7.26 7.44 38.29
N LEU A 739 7.40 7.13 37.00
CA LEU A 739 6.27 6.98 36.10
C LEU A 739 6.30 5.60 35.44
N GLU A 740 5.24 4.84 35.64
CA GLU A 740 5.07 3.56 34.98
C GLU A 740 4.10 3.71 33.82
N GLY A 741 4.37 3.00 32.73
CA GLY A 741 3.50 3.07 31.56
C GLY A 741 3.89 2.01 30.56
N GLU A 742 3.03 1.86 29.56
CA GLU A 742 3.26 0.88 28.49
C GLU A 742 2.49 1.30 27.27
N ILE A 743 2.86 0.71 26.13
CA ILE A 743 2.23 1.01 24.85
C ILE A 743 2.30 -0.22 23.97
N HIS A 744 1.16 -0.58 23.37
CA HIS A 744 1.11 -1.64 22.37
C HIS A 744 1.37 -1.06 20.99
N MET A 745 1.95 -1.89 20.12
CA MET A 745 2.27 -1.47 18.77
C MET A 745 1.91 -2.59 17.81
N GLY A 746 1.06 -2.29 16.83
CA GLY A 746 0.61 -3.30 15.89
C GLY A 746 1.63 -3.64 14.83
N GLY A 747 1.37 -4.73 14.13
CA GLY A 747 2.27 -5.22 13.10
C GLY A 747 2.12 -4.44 11.80
N GLN A 748 2.77 -4.98 10.77
CA GLN A 748 2.79 -4.34 9.46
C GLN A 748 2.95 -5.41 8.39
N GLU A 749 2.42 -5.13 7.21
CA GLU A 749 2.61 -5.98 6.05
C GLU A 749 3.62 -5.33 5.11
N HIS A 750 4.50 -6.14 4.54
CA HIS A 750 5.47 -5.62 3.58
C HIS A 750 4.76 -4.94 2.42
N PHE A 751 3.75 -5.60 1.86
CA PHE A 751 2.97 -5.10 0.73
C PHE A 751 3.88 -4.61 -0.39
N TYR A 752 4.90 -5.41 -0.70
CA TYR A 752 5.66 -5.20 -1.92
C TYR A 752 4.72 -5.34 -3.12
N MET A 753 4.96 -4.53 -4.15
CA MET A 753 4.03 -4.51 -5.27
C MET A 753 4.14 -5.79 -6.11
N GLU A 754 5.30 -6.44 -6.11
CA GLU A 754 5.46 -7.73 -6.77
C GLU A 754 5.36 -8.82 -5.70
N THR A 755 4.29 -9.62 -5.79
CA THR A 755 4.09 -10.70 -4.84
C THR A 755 5.15 -11.79 -5.03
N GLN A 756 5.11 -12.79 -4.15
CA GLN A 756 6.04 -13.91 -4.23
C GLN A 756 5.94 -14.57 -5.61
N SER A 757 7.04 -14.52 -6.36
CA SER A 757 7.08 -15.06 -7.71
C SER A 757 8.38 -15.81 -7.92
N MET A 758 8.30 -16.96 -8.58
CA MET A 758 9.49 -17.73 -8.87
C MET A 758 9.20 -18.73 -9.99
N LEU A 759 10.25 -19.05 -10.73
CA LEU A 759 10.22 -20.09 -11.77
C LEU A 759 11.44 -20.97 -11.59
N VAL A 760 11.21 -22.29 -11.64
CA VAL A 760 12.25 -23.27 -11.36
C VAL A 760 12.35 -24.19 -12.57
N VAL A 761 13.53 -24.21 -13.20
CA VAL A 761 13.71 -24.90 -14.49
C VAL A 761 14.81 -25.95 -14.38
N PRO A 762 14.47 -27.24 -14.41
CA PRO A 762 15.52 -28.26 -14.44
C PRO A 762 16.19 -28.33 -15.79
N LYS A 763 17.52 -28.51 -15.77
CA LYS A 763 18.28 -28.52 -17.02
C LYS A 763 18.19 -29.85 -17.74
N GLY A 764 18.01 -30.94 -17.02
CA GLY A 764 17.94 -32.26 -17.60
C GLY A 764 19.24 -33.03 -17.58
N GLU A 765 20.30 -32.48 -17.00
CA GLU A 765 21.59 -33.16 -16.88
C GLU A 765 22.10 -33.01 -15.46
N ASP A 766 22.57 -34.12 -14.87
CA ASP A 766 23.17 -34.12 -13.54
C ASP A 766 22.26 -33.47 -12.51
N GLN A 767 20.95 -33.53 -12.74
CA GLN A 767 19.95 -32.90 -11.87
C GLN A 767 20.27 -31.42 -11.65
N GLU A 768 20.82 -30.76 -12.67
CA GLU A 768 21.04 -29.32 -12.59
C GLU A 768 19.71 -28.59 -12.53
N MET A 769 19.65 -27.56 -11.70
CA MET A 769 18.43 -26.79 -11.52
C MET A 769 18.76 -25.31 -11.48
N ASP A 770 18.07 -24.51 -12.28
CA ASP A 770 18.16 -23.06 -12.24
C ASP A 770 16.87 -22.51 -11.68
N VAL A 771 16.96 -21.79 -10.56
CA VAL A 771 15.82 -21.13 -9.96
C VAL A 771 15.88 -19.64 -10.29
N TYR A 772 14.74 -19.09 -10.70
CA TYR A 772 14.59 -17.66 -10.98
C TYR A 772 13.57 -17.15 -9.98
N VAL A 773 14.05 -16.48 -8.93
CA VAL A 773 13.22 -16.13 -7.79
C VAL A 773 13.27 -14.63 -7.57
N SER A 774 12.18 -14.10 -7.01
CA SER A 774 12.14 -12.73 -6.50
C SER A 774 12.49 -12.82 -5.01
N THR A 775 13.77 -12.64 -4.70
CA THR A 775 14.25 -12.83 -3.34
C THR A 775 15.39 -11.87 -3.07
N GLN A 776 15.77 -11.77 -1.79
CA GLN A 776 16.89 -10.96 -1.36
C GLN A 776 18.16 -11.77 -1.10
N PHE A 777 18.03 -13.08 -0.87
CA PHE A 777 19.13 -13.92 -0.42
C PHE A 777 19.26 -15.09 -1.38
N PRO A 778 19.89 -14.89 -2.55
CA PRO A 778 20.03 -16.00 -3.51
C PRO A 778 20.84 -17.17 -2.96
N LYS A 779 21.80 -16.92 -2.07
CA LYS A 779 22.53 -18.02 -1.46
C LYS A 779 21.62 -18.90 -0.63
N TYR A 780 20.71 -18.29 0.13
CA TYR A 780 19.78 -19.08 0.94
C TYR A 780 18.86 -19.91 0.07
N ILE A 781 18.37 -19.33 -1.03
CA ILE A 781 17.56 -20.10 -1.98
C ILE A 781 18.35 -21.26 -2.54
N GLN A 782 19.64 -21.02 -2.85
CA GLN A 782 20.50 -22.08 -3.33
C GLN A 782 20.65 -23.19 -2.31
N ASP A 783 20.77 -22.83 -1.03
CA ASP A 783 21.00 -23.83 0.02
C ASP A 783 19.76 -24.67 0.26
N ILE A 784 18.60 -24.03 0.44
CA ILE A 784 17.39 -24.78 0.80
C ILE A 784 16.92 -25.63 -0.36
N VAL A 785 17.17 -25.22 -1.60
CA VAL A 785 16.80 -26.03 -2.74
C VAL A 785 17.76 -27.21 -2.89
N ALA A 786 19.06 -26.96 -2.75
CA ALA A 786 20.03 -28.03 -2.82
C ALA A 786 19.84 -29.02 -1.67
N SER A 787 19.56 -28.52 -0.47
CA SER A 787 19.29 -29.41 0.66
C SER A 787 18.04 -30.23 0.44
N THR A 788 16.99 -29.61 -0.13
CA THR A 788 15.76 -30.34 -0.40
C THR A 788 15.98 -31.43 -1.45
N LEU A 789 16.69 -31.10 -2.52
CA LEU A 789 16.96 -32.06 -3.59
C LEU A 789 18.11 -33.01 -3.25
N LYS A 790 18.72 -32.88 -2.07
CA LYS A 790 19.86 -33.70 -1.66
C LYS A 790 20.99 -33.61 -2.68
N LEU A 791 21.21 -32.42 -3.22
CA LEU A 791 22.22 -32.16 -4.22
C LEU A 791 23.30 -31.24 -3.67
N PRO A 792 24.53 -31.35 -4.17
CA PRO A 792 25.55 -30.35 -3.82
C PRO A 792 25.18 -28.99 -4.37
N ALA A 793 25.75 -27.95 -3.76
CA ALA A 793 25.42 -26.59 -4.15
C ALA A 793 25.79 -26.29 -5.59
N ASN A 794 26.84 -26.95 -6.11
CA ASN A 794 27.31 -26.65 -7.46
C ASN A 794 26.33 -27.08 -8.54
N LYS A 795 25.29 -27.85 -8.20
CA LYS A 795 24.28 -28.26 -9.16
C LYS A 795 23.07 -27.34 -9.17
N VAL A 796 22.91 -26.48 -8.17
CA VAL A 796 21.76 -25.60 -8.05
C VAL A 796 22.25 -24.16 -8.09
N MET A 797 21.82 -23.43 -9.11
CA MET A 797 22.17 -22.03 -9.26
C MET A 797 20.91 -21.16 -9.12
N CYS A 798 21.11 -19.94 -8.62
CA CYS A 798 20.03 -19.00 -8.37
C CYS A 798 20.30 -17.71 -9.14
N HIS A 799 19.29 -17.22 -9.85
CA HIS A 799 19.43 -16.05 -10.71
C HIS A 799 18.36 -15.04 -10.36
N VAL A 800 18.78 -13.81 -10.06
CA VAL A 800 17.88 -12.71 -9.71
C VAL A 800 18.31 -11.48 -10.49
N ARG A 801 17.43 -10.99 -11.37
CA ARG A 801 17.71 -9.77 -12.12
C ARG A 801 17.25 -8.53 -11.38
N ARG A 802 15.99 -8.50 -10.97
CA ARG A 802 15.45 -7.38 -10.20
C ARG A 802 14.25 -7.86 -9.40
N VAL A 803 14.00 -7.18 -8.29
CA VAL A 803 12.89 -7.50 -7.39
C VAL A 803 12.04 -6.25 -7.23
N GLY A 804 10.72 -6.40 -7.37
CA GLY A 804 9.81 -5.29 -7.22
C GLY A 804 9.46 -5.02 -5.77
N GLY A 805 10.45 -4.62 -4.98
CA GLY A 805 10.24 -4.39 -3.57
C GLY A 805 10.37 -5.68 -2.77
N ALA A 806 10.91 -5.58 -1.56
CA ALA A 806 11.10 -6.76 -0.72
C ALA A 806 10.89 -6.41 0.75
N PHE A 807 11.72 -5.51 1.27
CA PHE A 807 11.58 -5.00 2.64
C PHE A 807 11.70 -6.11 3.68
N GLY A 808 12.50 -7.13 3.38
CA GLY A 808 12.73 -8.23 4.30
C GLY A 808 11.74 -9.37 4.19
N GLY A 809 10.69 -9.23 3.39
CA GLY A 809 9.67 -10.25 3.28
C GLY A 809 9.88 -11.29 2.20
N LYS A 810 11.09 -11.37 1.63
CA LYS A 810 11.38 -12.32 0.55
C LYS A 810 12.67 -13.08 0.87
N VAL A 811 12.64 -13.82 1.98
CA VAL A 811 13.79 -14.61 2.40
C VAL A 811 13.36 -16.00 2.89
N LEU A 812 12.98 -16.09 4.16
CA LEU A 812 12.72 -17.41 4.76
C LEU A 812 11.51 -18.08 4.12
N LYS A 813 10.39 -17.38 4.02
CA LYS A 813 9.20 -17.98 3.43
C LYS A 813 9.37 -18.19 1.93
N THR A 814 10.14 -17.33 1.27
CA THR A 814 10.40 -17.51 -0.16
C THR A 814 11.23 -18.75 -0.42
N GLY A 815 12.22 -19.01 0.43
CA GLY A 815 12.99 -20.23 0.29
C GLY A 815 12.18 -21.48 0.54
N ILE A 816 11.21 -21.41 1.45
CA ILE A 816 10.33 -22.55 1.70
C ILE A 816 9.50 -22.87 0.46
N ILE A 817 8.95 -21.83 -0.17
CA ILE A 817 8.17 -22.04 -1.40
C ILE A 817 9.08 -22.57 -2.50
N ALA A 818 10.28 -22.03 -2.63
CA ALA A 818 11.21 -22.50 -3.65
C ALA A 818 11.68 -23.92 -3.38
N ALA A 819 11.71 -24.33 -2.11
CA ALA A 819 12.12 -25.69 -1.78
C ALA A 819 11.11 -26.70 -2.34
N VAL A 820 9.83 -26.50 -2.04
CA VAL A 820 8.81 -27.43 -2.52
C VAL A 820 8.55 -27.27 -4.01
N THR A 821 8.84 -26.09 -4.58
CA THR A 821 8.64 -25.90 -6.01
C THR A 821 9.71 -26.64 -6.81
N ALA A 822 10.96 -26.59 -6.34
CA ALA A 822 12.03 -27.34 -6.99
C ALA A 822 11.87 -28.84 -6.77
N PHE A 823 11.31 -29.24 -5.64
CA PHE A 823 11.04 -30.66 -5.39
C PHE A 823 10.03 -31.20 -6.40
N ALA A 824 8.96 -30.45 -6.63
CA ALA A 824 7.96 -30.87 -7.62
C ALA A 824 8.55 -30.82 -9.02
N ALA A 825 9.41 -29.83 -9.30
CA ALA A 825 10.02 -29.72 -10.62
C ALA A 825 10.92 -30.92 -10.91
N ASN A 826 11.73 -31.33 -9.95
CA ASN A 826 12.61 -32.47 -10.16
C ASN A 826 11.84 -33.78 -10.22
N LYS A 827 10.76 -33.90 -9.44
CA LYS A 827 10.01 -35.15 -9.41
C LYS A 827 9.35 -35.44 -10.76
N HIS A 828 8.81 -34.42 -11.41
CA HIS A 828 8.12 -34.60 -12.69
C HIS A 828 8.96 -34.18 -13.89
N GLY A 829 10.22 -33.78 -13.67
CA GLY A 829 11.09 -33.44 -14.77
C GLY A 829 10.58 -32.31 -15.64
N ARG A 830 9.90 -31.33 -15.05
CA ARG A 830 9.35 -30.20 -15.78
C ARG A 830 9.67 -28.92 -15.01
N ALA A 831 9.53 -27.79 -15.69
CA ALA A 831 9.69 -26.50 -15.04
C ALA A 831 8.40 -26.11 -14.35
N VAL A 832 8.52 -25.57 -13.14
CA VAL A 832 7.37 -25.21 -12.32
C VAL A 832 7.46 -23.74 -11.95
N ARG A 833 6.35 -23.02 -12.11
CA ARG A 833 6.24 -21.61 -11.77
C ARG A 833 5.25 -21.44 -10.64
N CYS A 834 5.61 -20.63 -9.65
CA CYS A 834 4.77 -20.38 -8.49
C CYS A 834 4.68 -18.88 -8.24
N VAL A 835 3.51 -18.31 -8.50
CA VAL A 835 3.24 -16.89 -8.25
C VAL A 835 2.01 -16.80 -7.37
N LEU A 836 2.15 -16.14 -6.22
CA LEU A 836 1.05 -16.03 -5.27
C LEU A 836 0.21 -14.79 -5.55
N GLU A 837 -1.08 -14.91 -5.29
CA GLU A 837 -1.97 -13.76 -5.33
C GLU A 837 -1.82 -12.92 -4.07
N ARG A 838 -2.39 -11.71 -4.11
CA ARG A 838 -2.21 -10.79 -2.99
C ARG A 838 -2.78 -11.36 -1.70
N GLY A 839 -4.01 -11.89 -1.75
CA GLY A 839 -4.60 -12.49 -0.57
C GLY A 839 -3.80 -13.67 -0.06
N GLU A 840 -3.31 -14.51 -0.98
CA GLU A 840 -2.41 -15.59 -0.59
C GLU A 840 -1.14 -15.06 0.04
N ASP A 841 -0.61 -13.96 -0.50
CA ASP A 841 0.70 -13.47 -0.08
C ASP A 841 0.66 -12.96 1.35
N MET A 842 -0.31 -12.10 1.68
CA MET A 842 -0.40 -11.56 3.03
C MET A 842 -0.70 -12.63 4.06
N LEU A 843 -1.28 -13.75 3.65
CA LEU A 843 -1.63 -14.83 4.59
C LEU A 843 -0.47 -15.78 4.82
N ILE A 844 0.36 -16.03 3.81
CA ILE A 844 1.50 -16.92 3.99
C ILE A 844 2.69 -16.15 4.54
N THR A 845 2.98 -14.99 3.98
CA THR A 845 4.07 -14.16 4.46
C THR A 845 3.72 -13.56 5.82
N GLY A 846 4.75 -13.30 6.62
CA GLY A 846 4.57 -12.70 7.91
C GLY A 846 4.42 -11.18 7.83
N GLY A 847 5.40 -10.47 8.38
CA GLY A 847 5.36 -9.02 8.38
C GLY A 847 6.26 -8.48 9.48
N ARG A 848 5.96 -7.25 9.90
CA ARG A 848 6.70 -6.65 10.99
C ARG A 848 6.27 -7.25 12.33
N HIS A 849 7.17 -7.17 13.31
CA HIS A 849 6.92 -7.75 14.62
C HIS A 849 6.07 -6.81 15.46
N PRO A 850 4.86 -7.20 15.87
CA PRO A 850 4.10 -6.38 16.83
C PRO A 850 4.83 -6.33 18.16
N TYR A 851 4.94 -5.13 18.73
CA TYR A 851 5.72 -4.90 19.92
C TYR A 851 4.84 -4.54 21.11
N LEU A 852 5.40 -4.75 22.30
CA LEU A 852 4.80 -4.32 23.55
C LEU A 852 5.91 -3.82 24.45
N GLY A 853 5.84 -2.54 24.83
CA GLY A 853 6.90 -1.94 25.62
C GLY A 853 6.46 -1.42 26.97
N LYS A 854 6.86 -2.11 28.04
CA LYS A 854 6.62 -1.66 29.40
C LYS A 854 7.86 -0.91 29.90
N TYR A 855 7.63 0.16 30.65
CA TYR A 855 8.73 0.97 31.14
C TYR A 855 8.41 1.59 32.48
N LYS A 856 9.46 1.84 33.26
CA LYS A 856 9.39 2.57 34.51
C LYS A 856 10.50 3.60 34.51
N ALA A 857 10.14 4.88 34.57
CA ALA A 857 11.08 5.97 34.35
C ALA A 857 11.22 6.81 35.62
N GLY A 858 12.46 7.00 36.05
CA GLY A 858 12.77 7.93 37.13
C GLY A 858 13.34 9.20 36.56
N PHE A 859 12.74 10.33 36.94
CA PHE A 859 13.06 11.61 36.34
C PHE A 859 12.80 12.73 37.34
N MET A 860 13.47 13.86 37.12
CA MET A 860 13.25 15.05 37.92
C MET A 860 12.39 16.05 37.16
N ASN A 861 11.92 17.07 37.88
CA ASN A 861 10.97 18.03 37.33
C ASN A 861 11.56 18.92 36.25
N ASP A 862 12.89 18.96 36.10
CA ASP A 862 13.50 19.71 35.01
C ASP A 862 13.42 18.98 33.68
N GLY A 863 12.83 17.77 33.65
CA GLY A 863 12.67 17.01 32.44
C GLY A 863 13.71 15.93 32.22
N ARG A 864 14.81 15.97 32.96
CA ARG A 864 15.89 15.02 32.77
C ARG A 864 15.52 13.66 33.35
N ILE A 865 15.77 12.60 32.59
CA ILE A 865 15.49 11.23 33.01
C ILE A 865 16.79 10.59 33.45
N LEU A 866 16.82 10.06 34.68
CA LEU A 866 17.99 9.39 35.22
C LEU A 866 17.84 7.87 35.22
N ALA A 867 16.75 7.36 35.77
CA ALA A 867 16.51 5.93 35.87
C ALA A 867 15.43 5.52 34.87
N LEU A 868 15.70 4.46 34.13
CA LEU A 868 14.74 3.94 33.15
C LEU A 868 14.89 2.43 33.06
N ASP A 869 13.87 1.70 33.48
CA ASP A 869 13.80 0.26 33.30
C ASP A 869 12.86 -0.04 32.14
N MET A 870 13.27 -0.96 31.28
CA MET A 870 12.55 -1.22 30.04
C MET A 870 12.35 -2.72 29.82
N GLU A 871 11.18 -3.07 29.29
CA GLU A 871 10.86 -4.43 28.89
C GLU A 871 10.31 -4.41 27.47
N HIS A 872 10.90 -5.21 26.59
CA HIS A 872 10.46 -5.32 25.21
C HIS A 872 9.84 -6.69 24.97
N TYR A 873 8.71 -6.71 24.27
CA TYR A 873 8.03 -7.94 23.90
C TYR A 873 7.68 -7.88 22.41
N SER A 874 8.01 -8.93 21.68
CA SER A 874 7.76 -9.01 20.26
C SER A 874 6.88 -10.22 19.96
N ASN A 875 5.78 -10.00 19.24
CA ASN A 875 4.90 -11.08 18.81
C ASN A 875 5.57 -11.77 17.63
N ALA A 876 6.38 -12.78 17.93
CA ALA A 876 7.21 -13.41 16.91
C ALA A 876 6.41 -14.30 15.96
N GLY A 877 5.25 -14.79 16.38
CA GLY A 877 4.45 -15.63 15.51
C GLY A 877 4.53 -17.10 15.86
N ALA A 878 4.44 -17.96 14.84
CA ALA A 878 4.38 -19.40 15.09
C ALA A 878 5.74 -19.97 15.46
N SER A 879 6.82 -19.44 14.88
CA SER A 879 8.16 -19.96 15.11
C SER A 879 9.14 -18.81 15.28
N LEU A 880 10.27 -19.12 15.90
CA LEU A 880 11.29 -18.11 16.16
C LEU A 880 12.48 -18.29 15.22
N SER A 883 14.58 -14.13 15.05
CA SER A 883 13.70 -13.38 15.93
C SER A 883 14.47 -12.79 17.10
N LEU A 884 15.52 -13.49 17.53
CA LEU A 884 16.41 -12.93 18.54
C LEU A 884 17.11 -11.70 18.02
N PHE A 885 17.48 -11.69 16.73
CA PHE A 885 18.20 -10.56 16.16
C PHE A 885 17.37 -9.29 16.20
N VAL A 886 16.05 -9.40 16.06
CA VAL A 886 15.17 -8.24 16.16
C VAL A 886 15.22 -7.68 17.58
N ILE A 887 15.18 -8.56 18.59
CA ILE A 887 15.26 -8.12 19.97
C ILE A 887 16.65 -7.53 20.26
N GLU A 888 17.70 -8.17 19.75
CA GLU A 888 19.06 -7.67 19.94
C GLU A 888 19.19 -6.26 19.37
N MET A 889 18.95 -6.10 18.07
CA MET A 889 19.01 -4.79 17.43
C MET A 889 18.04 -3.80 18.06
N GLY A 890 16.98 -4.29 18.72
CA GLY A 890 16.08 -3.39 19.40
C GLY A 890 16.71 -2.76 20.63
N LEU A 891 17.33 -3.58 21.49
CA LEU A 891 17.94 -3.06 22.71
C LEU A 891 19.14 -2.18 22.39
N LEU A 892 19.93 -2.54 21.38
CA LEU A 892 21.11 -1.76 21.03
C LEU A 892 20.73 -0.40 20.46
N LYS A 893 19.56 -0.29 19.84
CA LYS A 893 19.13 0.96 19.21
C LYS A 893 18.03 1.67 19.98
N MET A 894 17.65 1.16 21.16
CA MET A 894 16.55 1.76 21.89
C MET A 894 16.90 3.14 22.43
N ASP A 895 18.19 3.41 22.68
CA ASP A 895 18.58 4.68 23.28
C ASP A 895 18.27 5.85 22.36
N ASN A 896 18.34 5.64 21.04
CA ASN A 896 18.08 6.67 20.04
C ASN A 896 19.05 7.82 20.30
N ALA A 897 18.57 9.05 20.52
CA ALA A 897 19.45 10.20 20.74
C ALA A 897 19.40 10.69 22.18
N TYR A 898 19.26 9.77 23.14
CA TYR A 898 19.09 10.12 24.55
C TYR A 898 20.12 9.38 25.39
N LYS A 899 20.87 10.13 26.19
CA LYS A 899 21.85 9.56 27.11
C LYS A 899 21.13 9.23 28.42
N PHE A 900 20.85 7.95 28.63
CA PHE A 900 20.24 7.49 29.88
C PHE A 900 21.36 7.06 30.82
N PRO A 901 21.67 7.83 31.87
CA PRO A 901 22.81 7.45 32.74
C PRO A 901 22.60 6.15 33.48
N ASN A 902 21.36 5.80 33.82
CA ASN A 902 21.05 4.57 34.54
C ASN A 902 19.93 3.87 33.77
N LEU A 903 20.28 2.81 33.06
CA LEU A 903 19.36 2.15 32.14
C LEU A 903 19.45 0.63 32.30
N ARG A 904 18.28 -0.01 32.36
CA ARG A 904 18.18 -1.47 32.31
C ARG A 904 17.11 -1.81 31.28
N CYS A 905 17.50 -2.54 30.23
CA CYS A 905 16.62 -2.82 29.11
C CYS A 905 16.61 -4.32 28.85
N ARG A 906 15.41 -4.92 28.87
CA ARG A 906 15.24 -6.34 28.65
C ARG A 906 14.28 -6.56 27.48
N GLY A 907 14.40 -7.73 26.86
CA GLY A 907 13.59 -8.06 25.70
C GLY A 907 13.33 -9.54 25.60
N TRP A 908 12.20 -9.89 24.99
CA TRP A 908 11.80 -11.27 24.82
C TRP A 908 11.00 -11.41 23.54
N ALA A 909 10.93 -12.65 23.04
CA ALA A 909 10.12 -12.99 21.87
C ALA A 909 9.08 -14.02 22.29
N CYS A 910 7.86 -13.87 21.77
CA CYS A 910 6.71 -14.63 22.25
C CYS A 910 6.11 -15.45 21.11
N ARG A 911 5.99 -16.76 21.32
CA ARG A 911 5.30 -17.62 20.38
C ARG A 911 3.80 -17.37 20.43
N THR A 912 3.19 -17.20 19.26
CA THR A 912 1.75 -17.07 19.13
C THR A 912 1.28 -17.97 18.00
N ASN A 913 -0.04 -18.10 17.88
CA ASN A 913 -0.64 -18.89 16.80
C ASN A 913 -1.02 -18.01 15.62
N LEU A 914 -0.06 -17.22 15.17
CA LEU A 914 -0.16 -16.34 14.01
C LEU A 914 1.01 -16.61 13.09
N PRO A 915 0.91 -16.21 11.82
CA PRO A 915 2.03 -16.42 10.90
C PRO A 915 3.31 -15.77 11.42
N SER A 916 4.42 -16.51 11.32
CA SER A 916 5.69 -16.03 11.85
C SER A 916 6.16 -14.80 11.08
N ASN A 917 6.51 -13.76 11.83
CA ASN A 917 6.90 -12.50 11.23
C ASN A 917 8.38 -12.51 10.85
N THR A 918 8.76 -11.57 9.98
CA THR A 918 10.09 -11.47 9.44
C THR A 918 10.67 -10.09 9.74
N ALA A 919 12.00 -9.97 9.61
CA ALA A 919 12.65 -8.69 9.81
C ALA A 919 12.23 -7.70 8.72
N PHE A 920 11.99 -6.46 9.11
CA PHE A 920 11.50 -5.40 8.25
C PHE A 920 12.61 -4.36 8.04
N ARG A 921 12.23 -3.22 7.48
CA ARG A 921 13.12 -2.07 7.43
C ARG A 921 13.28 -1.50 8.84
N GLY A 922 14.53 -1.24 9.23
CA GLY A 922 14.86 -0.75 10.54
C GLY A 922 15.35 -1.82 11.49
N PHE A 923 14.91 -3.07 11.30
CA PHE A 923 15.36 -4.21 12.10
C PHE A 923 15.04 -4.01 13.58
N GLY A 924 13.77 -3.71 13.87
CA GLY A 924 13.31 -3.52 15.22
C GLY A 924 13.43 -2.10 15.74
N PHE A 925 14.10 -1.21 15.02
CA PHE A 925 14.29 0.17 15.46
C PHE A 925 12.99 0.96 15.50
N PRO A 926 12.11 0.88 14.49
CA PRO A 926 10.84 1.63 14.58
C PRO A 926 9.99 1.25 15.77
N GLN A 927 10.26 0.12 16.41
CA GLN A 927 9.54 -0.30 17.61
C GLN A 927 10.27 0.06 18.90
N ALA A 928 11.58 -0.18 18.97
CA ALA A 928 12.33 0.12 20.18
C ALA A 928 12.48 1.61 20.39
N ALA A 929 12.51 2.39 19.31
CA ALA A 929 12.62 3.84 19.45
C ALA A 929 11.27 4.50 19.70
N LEU A 930 10.15 3.83 19.38
CA LEU A 930 8.84 4.41 19.64
C LEU A 930 8.46 4.31 21.12
N ILE A 931 8.79 3.19 21.77
CA ILE A 931 8.44 3.02 23.17
C ILE A 931 9.22 3.98 24.05
N THR A 932 10.42 4.39 23.61
CA THR A 932 11.17 5.42 24.35
C THR A 932 10.57 6.80 24.12
N GLU A 933 10.21 7.11 22.88
CA GLU A 933 9.55 8.39 22.60
C GLU A 933 8.19 8.46 23.29
N SER A 934 7.45 7.34 23.30
CA SER A 934 6.21 7.29 24.07
C SER A 934 6.49 7.51 25.56
N CYS A 935 7.61 6.98 26.05
CA CYS A 935 7.99 7.21 27.45
C CYS A 935 8.33 8.68 27.68
N ILE A 936 9.09 9.29 26.76
CA ILE A 936 9.48 10.68 26.92
C ILE A 936 8.25 11.59 26.85
N THR A 937 7.29 11.24 25.99
CA THR A 937 6.05 12.02 25.92
C THR A 937 5.25 11.90 27.22
N GLU A 938 5.31 10.75 27.88
CA GLU A 938 4.54 10.57 29.11
C GLU A 938 5.15 11.32 30.29
N VAL A 939 6.49 11.39 30.36
CA VAL A 939 7.10 12.17 31.43
C VAL A 939 6.97 13.66 31.16
N ALA A 940 6.87 14.05 29.89
CA ALA A 940 6.64 15.46 29.57
C ALA A 940 5.28 15.93 30.08
N ALA A 941 4.28 15.05 30.05
CA ALA A 941 2.97 15.39 30.61
C ALA A 941 3.06 15.54 32.12
N LYS A 942 3.79 14.65 32.79
CA LYS A 942 3.96 14.74 34.24
C LYS A 942 4.86 15.89 34.66
N CYS A 943 5.61 16.47 33.73
CA CYS A 943 6.49 17.59 34.03
C CYS A 943 5.93 18.94 33.57
N GLY A 944 4.88 18.94 32.75
CA GLY A 944 4.29 20.16 32.27
C GLY A 944 5.01 20.82 31.11
N LEU A 945 6.14 20.29 30.69
CA LEU A 945 6.89 20.84 29.57
C LEU A 945 6.54 20.11 28.29
N SER A 946 6.67 20.81 27.17
CA SER A 946 6.42 20.19 25.87
C SER A 946 7.40 19.05 25.64
N PRO A 947 7.00 18.03 24.87
CA PRO A 947 7.91 16.90 24.65
C PRO A 947 9.21 17.30 23.96
N GLU A 948 9.19 18.34 23.14
CA GLU A 948 10.41 18.75 22.45
C GLU A 948 11.46 19.28 23.42
N LYS A 949 11.03 19.95 24.50
CA LYS A 949 12.00 20.40 25.50
C LYS A 949 12.52 19.24 26.33
N VAL A 950 11.70 18.21 26.57
CA VAL A 950 12.17 17.05 27.32
C VAL A 950 13.14 16.24 26.48
N ARG A 951 12.97 16.22 25.15
CA ARG A 951 13.88 15.47 24.29
C ARG A 951 15.26 16.13 24.25
N ILE A 952 15.30 17.46 24.09
CA ILE A 952 16.57 18.15 23.96
C ILE A 952 17.34 18.14 25.28
N ILE A 953 16.65 18.08 26.41
CA ILE A 953 17.33 18.06 27.70
C ILE A 953 18.04 16.74 27.91
N ASN A 954 17.45 15.64 27.44
CA ASN A 954 18.01 14.31 27.61
C ASN A 954 18.93 13.89 26.47
N MET A 955 19.27 14.80 25.56
CA MET A 955 20.01 14.43 24.37
C MET A 955 21.48 14.20 24.68
N TYR A 956 22.13 13.41 23.83
CA TYR A 956 23.57 13.19 23.93
C TYR A 956 24.33 14.48 23.73
N LYS A 957 25.51 14.56 24.36
CA LYS A 957 26.43 15.66 24.10
C LYS A 957 27.23 15.34 22.83
N GLU A 958 28.10 16.28 22.43
CA GLU A 958 28.88 16.11 21.21
C GLU A 958 29.67 14.81 21.25
N ILE A 959 30.44 14.60 22.32
CA ILE A 959 31.10 13.32 22.59
C ILE A 959 30.40 12.70 23.79
N ASP A 960 29.96 11.45 23.62
CA ASP A 960 29.23 10.76 24.68
C ASP A 960 29.40 9.26 24.49
N GLN A 961 28.82 8.49 25.41
CA GLN A 961 28.99 7.05 25.46
C GLN A 961 27.62 6.37 25.37
N THR A 962 27.51 5.39 24.47
CA THR A 962 26.30 4.62 24.34
C THR A 962 26.18 3.62 25.50
N PRO A 963 24.99 3.06 25.73
CA PRO A 963 24.86 2.06 26.80
C PRO A 963 25.78 0.86 26.63
N TYR A 964 26.16 0.51 25.41
CA TYR A 964 27.08 -0.58 25.16
C TYR A 964 28.54 -0.11 25.12
N LYS A 965 28.82 1.05 25.70
CA LYS A 965 30.18 1.55 25.90
C LYS A 965 30.89 1.84 24.57
N GLN A 966 30.12 2.28 23.57
CA GLN A 966 30.65 2.74 22.30
C GLN A 966 30.55 4.26 22.25
N GLU A 967 31.66 4.92 21.92
CA GLU A 967 31.67 6.37 21.83
C GLU A 967 31.01 6.81 20.53
N ILE A 968 30.36 7.98 20.57
CA ILE A 968 29.73 8.57 19.40
C ILE A 968 30.13 10.04 19.32
N ASN A 969 30.16 10.56 18.10
CA ASN A 969 30.42 11.97 17.84
C ASN A 969 29.11 12.59 17.36
N ALA A 970 28.27 12.99 18.31
CA ALA A 970 26.94 13.50 18.01
C ALA A 970 26.99 14.97 17.59
N LYS A 971 28.10 15.38 16.98
CA LYS A 971 28.19 16.75 16.47
C LYS A 971 27.17 16.98 15.36
N ASN A 972 26.98 15.99 14.49
CA ASN A 972 25.95 16.08 13.46
C ASN A 972 24.56 15.83 14.00
N LEU A 973 24.45 15.20 15.18
CA LEU A 973 23.13 14.96 15.76
C LEU A 973 22.52 16.26 16.28
N ILE A 974 23.29 17.05 17.02
CA ILE A 974 22.78 18.32 17.51
C ILE A 974 22.57 19.30 16.36
N GLN A 975 23.37 19.18 15.30
CA GLN A 975 23.22 20.10 14.17
C GLN A 975 21.98 19.79 13.36
N CYS A 976 21.56 18.52 13.30
CA CYS A 976 20.31 18.19 12.63
C CYS A 976 19.11 18.76 13.38
N TRP A 977 19.17 18.73 14.71
CA TRP A 977 18.05 19.23 15.51
C TRP A 977 17.90 20.74 15.39
N ARG A 978 19.03 21.46 15.33
CA ARG A 978 18.96 22.91 15.29
C ARG A 978 18.53 23.41 13.91
N GLU A 979 19.03 22.78 12.85
CA GLU A 979 18.65 23.22 11.51
C GLU A 979 17.20 22.87 11.19
N CYS A 980 16.74 21.71 11.66
CA CYS A 980 15.33 21.34 11.47
C CYS A 980 14.41 22.33 12.17
N MET A 981 14.82 22.84 13.33
CA MET A 981 14.04 23.87 14.02
C MET A 981 13.99 25.15 13.19
N ALA A 982 15.10 25.54 12.57
CA ALA A 982 15.13 26.78 11.79
C ALA A 982 14.53 26.58 10.41
N MET A 983 14.77 25.42 9.79
CA MET A 983 14.23 25.17 8.46
C MET A 983 12.71 25.10 8.48
N SER A 984 12.14 24.52 9.54
CA SER A 984 10.70 24.38 9.65
C SER A 984 10.02 25.57 10.32
N SER A 985 10.79 26.48 10.93
CA SER A 985 10.25 27.58 11.71
C SER A 985 9.29 27.05 12.78
N TYR A 986 9.87 26.30 13.71
CA TYR A 986 9.07 25.52 14.66
C TYR A 986 8.31 26.43 15.62
N SER A 987 9.05 27.27 16.37
CA SER A 987 8.41 28.07 17.40
C SER A 987 7.35 29.00 16.84
N LEU A 988 7.55 29.50 15.61
CA LEU A 988 6.52 30.32 14.98
C LEU A 988 5.27 29.51 14.69
N ARG A 989 5.42 28.21 14.42
CA ARG A 989 4.28 27.35 14.14
C ARG A 989 3.71 26.69 15.39
N LYS A 990 4.49 26.61 16.47
CA LYS A 990 3.96 26.05 17.70
C LYS A 990 2.95 26.98 18.35
N VAL A 991 3.26 28.28 18.39
CA VAL A 991 2.31 29.24 18.97
C VAL A 991 1.06 29.36 18.10
N ALA A 992 1.21 29.21 16.78
CA ALA A 992 0.04 29.30 15.90
C ALA A 992 -0.90 28.12 16.10
N VAL A 993 -0.35 26.94 16.36
CA VAL A 993 -1.20 25.77 16.61
C VAL A 993 -1.94 25.92 17.93
N GLU A 994 -1.27 26.45 18.96
CA GLU A 994 -1.96 26.74 20.22
C GLU A 994 -3.05 27.77 20.03
N LYS A 995 -2.86 28.71 19.09
CA LYS A 995 -3.91 29.67 18.77
C LYS A 995 -5.10 28.97 18.13
N PHE A 996 -4.84 27.99 17.27
CA PHE A 996 -5.93 27.25 16.62
C PHE A 996 -6.71 26.41 17.60
N ASN A 997 -6.02 25.73 18.51
CA ASN A 997 -6.69 24.86 19.47
C ASN A 997 -7.59 25.64 20.41
N ALA A 998 -7.19 26.87 20.77
CA ALA A 998 -8.00 27.70 21.65
C ALA A 998 -9.20 28.32 20.92
N GLU A 999 -9.13 28.45 19.61
CA GLU A 999 -10.22 29.05 18.84
C GLU A 999 -11.20 28.03 18.30
N ASN A 1000 -10.79 26.77 18.11
CA ASN A 1000 -11.62 25.74 17.51
C ASN A 1000 -11.83 24.61 18.50
N TYR A 1001 -13.06 24.08 18.54
CA TYR A 1001 -13.46 23.06 19.50
C TYR A 1001 -13.55 21.67 18.88
N TRP A 1002 -14.04 21.56 17.66
CA TRP A 1002 -14.20 20.27 16.99
C TRP A 1002 -13.09 19.99 15.98
N LYS A 1003 -12.12 20.88 15.85
CA LYS A 1003 -10.95 20.64 15.01
C LYS A 1003 -9.71 21.10 15.77
N LYS A 1004 -8.71 20.23 15.84
CA LYS A 1004 -7.48 20.52 16.56
C LYS A 1004 -6.27 20.29 15.66
N LYS A 1005 -5.21 21.04 15.92
CA LYS A 1005 -3.94 20.88 15.23
C LYS A 1005 -2.89 20.37 16.21
N GLY A 1006 -1.85 19.74 15.66
CA GLY A 1006 -0.77 19.20 16.47
C GLY A 1006 0.56 19.38 15.79
N LEU A 1007 1.61 19.39 16.60
CA LEU A 1007 2.97 19.58 16.11
C LEU A 1007 3.92 18.77 16.97
N ALA A 1008 4.89 18.13 16.32
CA ALA A 1008 5.86 17.30 17.01
C ALA A 1008 7.15 17.25 16.22
N MET A 1009 8.24 16.98 16.94
CA MET A 1009 9.54 16.81 16.31
C MET A 1009 10.33 15.75 17.08
N VAL A 1010 10.91 14.81 16.35
CA VAL A 1010 11.65 13.72 16.97
C VAL A 1010 13.08 13.70 16.43
N PRO A 1011 14.06 13.31 17.23
CA PRO A 1011 15.43 13.13 16.72
C PRO A 1011 15.66 11.70 16.25
N LEU A 1012 16.80 11.50 15.59
CA LEU A 1012 17.12 10.21 14.99
C LEU A 1012 18.60 9.91 15.18
N LYS A 1013 18.89 8.76 15.79
CA LYS A 1013 20.22 8.14 15.72
C LYS A 1013 20.02 6.70 15.31
N PHE A 1014 20.34 6.38 14.06
CA PHE A 1014 20.16 5.02 13.53
C PHE A 1014 21.51 4.34 13.41
N PRO A 1015 21.89 3.47 14.34
CA PRO A 1015 23.15 2.73 14.20
C PRO A 1015 23.09 1.74 13.06
N VAL A 1016 24.20 1.64 12.32
CA VAL A 1016 24.30 0.76 11.16
C VAL A 1016 25.43 -0.24 11.42
N GLY A 1017 25.12 -1.52 11.26
CA GLY A 1017 26.10 -2.56 11.44
C GLY A 1017 25.49 -3.95 11.48
N LEU A 1018 26.29 -4.97 11.14
CA LEU A 1018 25.84 -6.35 11.17
C LEU A 1018 26.37 -7.04 12.43
N GLY A 1019 26.24 -8.36 12.48
CA GLY A 1019 26.66 -9.11 13.64
C GLY A 1019 28.14 -9.30 13.76
N SER A 1020 28.80 -9.70 12.66
CA SER A 1020 30.23 -9.94 12.64
C SER A 1020 30.81 -9.34 11.37
N ARG A 1021 32.13 -9.48 11.21
CA ARG A 1021 32.77 -9.02 9.98
C ARG A 1021 32.39 -9.89 8.78
N ALA A 1022 32.18 -11.19 9.01
CA ALA A 1022 31.85 -12.10 7.92
C ALA A 1022 30.48 -11.82 7.32
N ALA A 1023 29.61 -11.11 8.04
CA ALA A 1023 28.28 -10.81 7.52
C ALA A 1023 28.27 -9.58 6.62
N GLY A 1024 29.29 -8.72 6.72
CA GLY A 1024 29.38 -7.56 5.86
C GLY A 1024 30.32 -7.79 4.70
N GLN A 1025 30.60 -9.06 4.42
CA GLN A 1025 31.53 -9.43 3.36
C GLN A 1025 30.83 -9.39 2.00
N ALA A 1026 31.48 -8.79 1.02
CA ALA A 1026 30.92 -8.63 -0.32
C ALA A 1026 31.96 -9.02 -1.36
N ALA A 1027 31.47 -9.41 -2.53
CA ALA A 1027 32.32 -9.83 -3.63
C ALA A 1027 31.75 -9.32 -4.94
N ALA A 1028 32.59 -9.32 -5.98
CA ALA A 1028 32.19 -8.84 -7.29
C ALA A 1028 33.06 -9.49 -8.35
N LEU A 1029 32.64 -9.35 -9.61
CA LEU A 1029 33.35 -9.91 -10.75
C LEU A 1029 33.23 -8.94 -11.92
N VAL A 1030 34.37 -8.58 -12.50
CA VAL A 1030 34.44 -7.57 -13.55
C VAL A 1030 35.19 -8.13 -14.75
N HIS A 1031 34.58 -8.03 -15.92
CA HIS A 1031 35.19 -8.42 -17.18
C HIS A 1031 35.41 -7.19 -18.06
N ILE A 1032 36.47 -7.22 -18.86
CA ILE A 1032 36.76 -6.17 -19.83
C ILE A 1032 36.98 -6.85 -21.17
N TYR A 1033 36.07 -6.61 -22.12
CA TYR A 1033 36.16 -7.22 -23.43
C TYR A 1033 37.05 -6.39 -24.35
N LEU A 1034 37.47 -7.02 -25.45
CA LEU A 1034 38.46 -6.43 -26.34
C LEU A 1034 37.95 -5.20 -27.09
N ASP A 1035 36.65 -4.93 -27.06
CA ASP A 1035 36.11 -3.71 -27.64
C ASP A 1035 36.13 -2.54 -26.65
N GLY A 1036 36.54 -2.78 -25.41
CA GLY A 1036 36.59 -1.75 -24.40
C GLY A 1036 35.44 -1.76 -23.41
N SER A 1037 34.37 -2.50 -23.71
CA SER A 1037 33.22 -2.54 -22.83
C SER A 1037 33.50 -3.39 -21.60
N VAL A 1038 32.75 -3.14 -20.53
CA VAL A 1038 32.96 -3.75 -19.23
C VAL A 1038 31.66 -4.37 -18.76
N LEU A 1039 31.73 -5.61 -18.26
CA LEU A 1039 30.60 -6.29 -17.65
C LEU A 1039 30.92 -6.55 -16.19
N VAL A 1040 30.07 -6.05 -15.30
CA VAL A 1040 30.28 -6.16 -13.86
C VAL A 1040 29.09 -6.91 -13.26
N THR A 1041 29.36 -7.70 -12.22
CA THR A 1041 28.33 -8.36 -11.46
C THR A 1041 28.77 -8.46 -10.00
N HIS A 1042 27.79 -8.52 -9.10
CA HIS A 1042 28.08 -8.54 -7.67
C HIS A 1042 26.93 -9.26 -6.96
N GLY A 1043 27.12 -9.49 -5.67
CA GLY A 1043 26.16 -10.23 -4.88
C GLY A 1043 24.94 -9.46 -4.43
N GLY A 1044 24.81 -8.18 -4.78
CA GLY A 1044 23.67 -7.40 -4.35
C GLY A 1044 22.46 -7.63 -5.23
N ILE A 1045 21.28 -7.42 -4.63
CA ILE A 1045 20.00 -7.59 -5.31
C ILE A 1045 19.36 -6.23 -5.48
N GLU A 1046 18.99 -5.90 -6.72
CA GLU A 1046 18.30 -4.66 -7.02
C GLU A 1046 16.84 -4.79 -6.61
N MET A 1047 16.46 -4.11 -5.53
CA MET A 1047 15.08 -4.09 -5.05
C MET A 1047 14.44 -2.72 -5.17
N GLY A 1048 15.08 -1.79 -5.88
CA GLY A 1048 14.61 -0.43 -5.98
C GLY A 1048 15.54 0.58 -5.34
N GLN A 1049 16.50 0.15 -4.53
CA GLN A 1049 17.46 1.04 -3.91
C GLN A 1049 18.55 1.50 -4.88
N GLY A 1050 18.49 1.08 -6.14
CA GLY A 1050 19.47 1.51 -7.12
C GLY A 1050 20.88 1.06 -6.82
N VAL A 1051 21.05 -0.14 -6.27
CA VAL A 1051 22.38 -0.65 -5.98
C VAL A 1051 23.17 -0.82 -7.28
N HIS A 1052 22.51 -1.33 -8.33
CA HIS A 1052 23.18 -1.49 -9.62
C HIS A 1052 23.61 -0.14 -10.18
N THR A 1053 22.75 0.88 -10.05
CA THR A 1053 23.11 2.20 -10.54
C THR A 1053 24.33 2.75 -9.82
N LYS A 1054 24.42 2.54 -8.51
CA LYS A 1054 25.56 3.04 -7.76
C LYS A 1054 26.84 2.27 -8.11
N MET A 1055 26.72 0.99 -8.44
CA MET A 1055 27.90 0.21 -8.80
C MET A 1055 28.50 0.68 -10.12
N ILE A 1056 27.65 0.96 -11.11
CA ILE A 1056 28.13 1.50 -12.38
C ILE A 1056 28.77 2.86 -12.18
N GLN A 1057 28.27 3.64 -11.21
CA GLN A 1057 28.94 4.89 -10.86
C GLN A 1057 30.32 4.65 -10.28
N VAL A 1058 30.49 3.53 -9.56
CA VAL A 1058 31.80 3.20 -8.99
C VAL A 1058 32.75 2.75 -10.10
N VAL A 1059 32.25 1.96 -11.05
CA VAL A 1059 33.09 1.53 -12.18
C VAL A 1059 33.48 2.73 -13.01
N SER A 1060 32.57 3.69 -13.18
CA SER A 1060 32.85 4.86 -14.01
C SER A 1060 33.96 5.73 -13.43
N ARG A 1061 34.06 5.82 -12.11
CA ARG A 1061 35.10 6.63 -11.51
C ARG A 1061 36.43 5.87 -11.42
N GLU A 1062 36.38 4.62 -10.97
CA GLU A 1062 37.61 3.87 -10.74
C GLU A 1062 38.30 3.45 -12.02
N LEU A 1063 37.58 3.45 -13.16
CA LEU A 1063 38.19 3.09 -14.43
C LEU A 1063 38.21 4.25 -15.42
N ARG A 1064 37.66 5.41 -15.07
CA ARG A 1064 37.69 6.61 -15.90
C ARG A 1064 37.09 6.35 -17.28
N MET A 1065 35.84 5.87 -17.26
CA MET A 1065 35.07 5.59 -18.46
C MET A 1065 33.61 5.97 -18.20
N PRO A 1066 32.88 6.39 -19.23
CA PRO A 1066 31.47 6.69 -19.04
C PRO A 1066 30.67 5.42 -18.70
N MET A 1067 29.53 5.64 -18.04
CA MET A 1067 28.69 4.51 -17.65
C MET A 1067 28.15 3.77 -18.87
N SER A 1068 28.03 4.47 -20.00
CA SER A 1068 27.54 3.84 -21.23
C SER A 1068 28.44 2.67 -21.64
N ASN A 1069 29.70 2.69 -21.24
CA ASN A 1069 30.62 1.60 -21.53
C ASN A 1069 30.44 0.42 -20.59
N VAL A 1070 29.88 0.64 -19.40
CA VAL A 1070 29.69 -0.42 -18.41
C VAL A 1070 28.28 -0.96 -18.53
N HIS A 1071 28.12 -2.26 -18.27
CA HIS A 1071 26.81 -2.89 -18.27
C HIS A 1071 26.76 -3.96 -17.19
N LEU A 1072 25.55 -4.20 -16.69
CA LEU A 1072 25.29 -5.21 -15.67
C LEU A 1072 23.98 -5.90 -16.02
N ARG A 1073 23.97 -7.23 -15.92
CA ARG A 1073 22.78 -8.02 -16.24
C ARG A 1073 21.97 -8.39 -15.01
N GLY A 1074 22.61 -8.87 -13.96
CA GLY A 1074 21.89 -9.23 -12.76
C GLY A 1074 22.79 -9.87 -11.73
N THR A 1075 22.18 -10.67 -10.86
CA THR A 1075 22.88 -11.37 -9.80
C THR A 1075 22.66 -12.87 -9.97
N SER A 1076 23.74 -13.65 -9.85
CA SER A 1076 23.66 -15.08 -10.04
C SER A 1076 24.72 -15.77 -9.20
N THR A 1077 24.32 -16.87 -8.55
CA THR A 1077 25.26 -17.67 -7.77
C THR A 1077 26.29 -18.37 -8.66
N GLU A 1078 26.08 -18.39 -9.97
CA GLU A 1078 27.05 -18.96 -10.90
C GLU A 1078 28.21 -18.01 -11.17
N THR A 1079 28.12 -16.75 -10.74
CA THR A 1079 29.17 -15.77 -10.94
C THR A 1079 29.78 -15.28 -9.65
N VAL A 1080 28.97 -14.91 -8.67
CA VAL A 1080 29.45 -14.44 -7.37
C VAL A 1080 28.94 -15.40 -6.31
N PRO A 1081 29.79 -16.27 -5.79
CA PRO A 1081 29.34 -17.26 -4.81
C PRO A 1081 29.37 -16.71 -3.40
N ASN A 1082 28.56 -17.33 -2.54
CA ASN A 1082 28.56 -17.06 -1.10
C ASN A 1082 28.22 -15.60 -0.81
N ALA A 1083 27.28 -15.05 -1.57
CA ALA A 1083 26.87 -13.66 -1.35
C ALA A 1083 26.00 -13.57 -0.10
N ASN A 1084 26.16 -12.46 0.62
CA ASN A 1084 25.35 -12.21 1.80
C ASN A 1084 23.98 -11.68 1.41
N ILE A 1085 23.09 -11.62 2.40
CA ILE A 1085 21.72 -11.17 2.14
C ILE A 1085 21.73 -9.71 1.72
N SER A 1086 20.91 -9.38 0.71
CA SER A 1086 20.79 -8.01 0.23
C SER A 1086 19.61 -7.33 0.91
N GLY A 1087 19.83 -7.02 2.19
CA GLY A 1087 18.85 -6.31 2.98
C GLY A 1087 19.52 -5.42 4.01
N GLY A 1088 19.08 -4.18 4.11
CA GLY A 1088 19.66 -3.21 5.01
C GLY A 1088 20.28 -2.04 4.26
N SER A 1089 21.01 -1.23 5.02
CA SER A 1089 21.54 0.02 4.48
C SER A 1089 22.90 -0.12 3.81
N VAL A 1090 23.63 -1.20 4.09
CA VAL A 1090 25.02 -1.32 3.64
C VAL A 1090 25.15 -2.19 2.39
N VAL A 1091 24.04 -2.54 1.74
CA VAL A 1091 24.12 -3.40 0.57
C VAL A 1091 24.92 -2.72 -0.54
N ALA A 1092 24.62 -1.46 -0.82
CA ALA A 1092 25.37 -0.73 -1.84
C ALA A 1092 26.77 -0.37 -1.35
N ASP A 1093 26.90 -0.05 -0.06
CA ASP A 1093 28.21 0.32 0.48
C ASP A 1093 29.19 -0.84 0.40
N LEU A 1094 28.78 -2.01 0.88
CA LEU A 1094 29.69 -3.16 0.90
C LEU A 1094 30.02 -3.63 -0.50
N ASN A 1095 29.00 -3.77 -1.35
CA ASN A 1095 29.25 -4.18 -2.73
C ASN A 1095 29.98 -3.09 -3.52
N GLY A 1096 29.80 -1.83 -3.12
CA GLY A 1096 30.56 -0.75 -3.75
C GLY A 1096 32.04 -0.84 -3.48
N LEU A 1097 32.42 -1.32 -2.30
CA LEU A 1097 33.84 -1.52 -2.00
C LEU A 1097 34.41 -2.72 -2.74
N ALA A 1098 33.59 -3.75 -2.96
CA ALA A 1098 34.06 -4.93 -3.69
C ALA A 1098 34.26 -4.62 -5.17
N VAL A 1099 33.31 -3.88 -5.77
CA VAL A 1099 33.47 -3.47 -7.16
C VAL A 1099 34.66 -2.52 -7.29
N LYS A 1100 34.86 -1.66 -6.29
CA LYS A 1100 36.03 -0.78 -6.30
C LYS A 1100 37.33 -1.57 -6.18
N ASP A 1101 37.30 -2.72 -5.52
CA ASP A 1101 38.51 -3.54 -5.39
C ASP A 1101 38.85 -4.22 -6.72
N ALA A 1102 37.85 -4.68 -7.46
CA ALA A 1102 38.11 -5.33 -8.74
C ALA A 1102 38.59 -4.34 -9.79
N CYS A 1103 38.03 -3.12 -9.77
CA CYS A 1103 38.46 -2.11 -10.72
C CYS A 1103 39.90 -1.68 -10.46
N GLN A 1104 40.28 -1.55 -9.19
CA GLN A 1104 41.66 -1.22 -8.87
C GLN A 1104 42.61 -2.35 -9.25
N THR A 1105 42.19 -3.60 -9.02
CA THR A 1105 43.00 -4.75 -9.43
C THR A 1105 43.23 -4.72 -10.94
N LEU A 1106 42.19 -4.45 -11.73
CA LEU A 1106 42.35 -4.36 -13.17
C LEU A 1106 43.18 -3.14 -13.56
N LEU A 1107 42.96 -2.02 -12.90
CA LEU A 1107 43.66 -0.79 -13.27
C LEU A 1107 45.16 -0.89 -13.00
N LYS A 1108 45.55 -1.69 -12.00
CA LYS A 1108 46.97 -1.82 -11.70
C LYS A 1108 47.67 -2.71 -12.74
N ARG A 1109 46.99 -3.78 -13.18
CA ARG A 1109 47.55 -4.62 -14.23
C ARG A 1109 47.73 -3.84 -15.53
N LEU A 1110 46.91 -2.82 -15.75
CA LEU A 1110 46.93 -2.04 -16.99
C LEU A 1110 47.76 -0.78 -16.91
N GLU A 1111 48.37 -0.49 -15.75
CA GLU A 1111 49.15 0.72 -15.62
C GLU A 1111 50.33 0.81 -16.59
N PRO A 1112 51.09 -0.27 -16.86
CA PRO A 1112 52.12 -0.16 -17.91
C PRO A 1112 51.55 0.22 -19.27
N ILE A 1113 50.37 -0.29 -19.62
CA ILE A 1113 49.80 -0.02 -20.93
C ILE A 1113 49.20 1.39 -20.98
N ILE A 1114 48.61 1.85 -19.88
CA ILE A 1114 48.00 3.18 -19.87
C ILE A 1114 49.07 4.26 -19.87
N SER A 1115 50.17 4.04 -19.14
CA SER A 1115 51.24 5.04 -19.11
C SER A 1115 51.94 5.15 -20.46
N LYS A 1116 52.17 4.01 -21.12
CA LYS A 1116 52.85 4.02 -22.41
C LYS A 1116 51.96 4.54 -23.53
N ASN A 1117 50.66 4.75 -23.28
CA ASN A 1117 49.74 5.28 -24.29
C ASN A 1117 48.55 5.91 -23.56
N PRO A 1118 48.77 7.08 -22.95
CA PRO A 1118 47.68 7.73 -22.20
C PRO A 1118 46.63 8.37 -23.10
N LYS A 1119 46.90 8.52 -24.39
CA LYS A 1119 45.92 9.10 -25.31
C LYS A 1119 44.96 8.08 -25.87
N GLY A 1120 45.35 6.81 -25.95
CA GLY A 1120 44.52 5.80 -26.55
C GLY A 1120 43.24 5.57 -25.76
N THR A 1121 42.25 5.01 -26.46
CA THR A 1121 40.95 4.73 -25.87
C THR A 1121 41.02 3.49 -24.98
N TRP A 1122 39.87 3.09 -24.44
CA TRP A 1122 39.80 1.85 -23.67
C TRP A 1122 39.80 0.61 -24.56
N LYS A 1123 39.54 0.78 -25.86
CA LYS A 1123 39.50 -0.37 -26.76
C LYS A 1123 40.91 -0.86 -27.08
N ASP A 1124 41.78 0.02 -27.56
CA ASP A 1124 43.15 -0.40 -27.86
C ASP A 1124 43.95 -0.66 -26.59
N TRP A 1125 43.47 -0.20 -25.43
CA TRP A 1125 44.09 -0.61 -24.16
C TRP A 1125 43.81 -2.08 -23.88
N ALA A 1126 42.55 -2.50 -24.03
CA ALA A 1126 42.21 -3.90 -23.78
C ALA A 1126 42.74 -4.81 -24.88
N GLN A 1127 42.92 -4.29 -26.09
CA GLN A 1127 43.46 -5.11 -27.17
C GLN A 1127 44.95 -5.38 -26.97
N THR A 1128 45.72 -4.34 -26.65
CA THR A 1128 47.14 -4.56 -26.38
C THR A 1128 47.35 -5.35 -25.09
N ALA A 1129 46.40 -5.24 -24.14
CA ALA A 1129 46.47 -6.10 -22.95
C ALA A 1129 46.32 -7.55 -23.34
N PHE A 1130 45.43 -7.86 -24.27
CA PHE A 1130 45.31 -9.22 -24.77
C PHE A 1130 46.55 -9.63 -25.56
N ASP A 1131 47.11 -8.70 -26.34
CA ASP A 1131 48.32 -9.00 -27.09
C ASP A 1131 49.50 -9.26 -26.18
N GLU A 1132 49.61 -8.53 -25.07
CA GLU A 1132 50.67 -8.71 -24.10
C GLU A 1132 50.34 -9.75 -23.04
N SER A 1133 49.26 -10.51 -23.22
CA SER A 1133 48.84 -11.56 -22.29
C SER A 1133 48.60 -10.99 -20.89
N ILE A 1134 47.71 -10.00 -20.83
CA ILE A 1134 47.24 -9.42 -19.58
C ILE A 1134 45.83 -9.90 -19.33
N ASN A 1135 45.58 -10.42 -18.13
CA ASN A 1135 44.26 -10.94 -17.78
C ASN A 1135 43.32 -9.77 -17.53
N LEU A 1136 42.19 -9.74 -18.26
CA LEU A 1136 41.24 -8.64 -18.19
C LEU A 1136 40.02 -8.97 -17.35
N SER A 1137 40.07 -10.04 -16.56
CA SER A 1137 39.01 -10.40 -15.64
C SER A 1137 39.55 -10.40 -14.22
N ALA A 1138 38.72 -9.96 -13.27
CA ALA A 1138 39.19 -9.84 -11.89
C ALA A 1138 38.03 -10.04 -10.93
N VAL A 1139 38.37 -10.51 -9.73
CA VAL A 1139 37.40 -10.70 -8.66
C VAL A 1139 37.60 -9.59 -7.63
N GLY A 1140 36.52 -8.90 -7.28
CA GLY A 1140 36.55 -7.95 -6.20
C GLY A 1140 36.11 -8.58 -4.90
N TYR A 1141 36.63 -8.06 -3.79
CA TYR A 1141 36.36 -8.65 -2.49
C TYR A 1141 36.59 -7.61 -1.40
N PHE A 1142 35.66 -7.52 -0.46
CA PHE A 1142 35.80 -6.69 0.73
C PHE A 1142 35.42 -7.54 1.94
N ARG A 1143 36.35 -7.68 2.89
CA ARG A 1143 36.15 -8.59 4.00
C ARG A 1143 35.04 -8.15 4.94
N GLY A 1144 34.69 -6.88 4.95
CA GLY A 1144 33.62 -6.39 5.80
C GLY A 1144 34.15 -5.55 6.96
N TYR A 1145 33.27 -4.70 7.48
CA TYR A 1145 33.62 -3.89 8.64
C TYR A 1145 33.77 -4.77 9.87
N GLU A 1146 34.68 -4.39 10.75
CA GLU A 1146 34.84 -5.08 12.01
C GLU A 1146 33.62 -4.85 12.89
N SER A 1147 33.22 -5.87 13.64
CA SER A 1147 32.04 -5.78 14.48
C SER A 1147 32.11 -6.87 15.55
N ASP A 1148 31.92 -6.48 16.81
CA ASP A 1148 31.94 -7.42 17.91
C ASP A 1148 30.97 -6.94 18.98
N MET A 1149 30.41 -7.90 19.72
CA MET A 1149 29.47 -7.58 20.79
C MET A 1149 29.43 -8.75 21.76
N ASN A 1150 29.88 -8.54 22.98
CA ASN A 1150 29.78 -9.53 24.05
C ASN A 1150 28.45 -9.33 24.76
N TRP A 1151 27.45 -10.13 24.37
CA TRP A 1151 26.11 -9.97 24.91
C TRP A 1151 26.02 -10.34 26.38
N GLU A 1152 27.06 -10.95 26.96
CA GLU A 1152 27.04 -11.24 28.38
C GLU A 1152 27.37 -9.99 29.20
N LYS A 1153 28.50 -9.35 28.91
CA LYS A 1153 28.86 -8.13 29.62
C LYS A 1153 27.94 -6.98 29.26
N GLY A 1154 27.53 -6.90 28.01
CA GLY A 1154 26.69 -5.81 27.53
C GLY A 1154 27.41 -4.71 26.79
N GLU A 1155 28.71 -4.85 26.55
CA GLU A 1155 29.49 -3.85 25.85
C GLU A 1155 30.03 -4.42 24.54
N GLY A 1156 30.34 -3.53 23.61
CA GLY A 1156 30.86 -3.95 22.33
C GLY A 1156 30.84 -2.79 21.34
N GLN A 1157 31.40 -3.07 20.17
CA GLN A 1157 31.50 -2.10 19.08
C GLN A 1157 30.89 -2.72 17.83
N PRO A 1158 29.56 -2.74 17.72
CA PRO A 1158 28.89 -3.42 16.60
C PRO A 1158 28.49 -2.53 15.44
N PHE A 1159 28.77 -1.22 15.49
CA PHE A 1159 28.28 -0.28 14.49
C PHE A 1159 29.44 0.47 13.87
N GLU A 1160 29.50 0.45 12.53
CA GLU A 1160 30.56 1.16 11.82
C GLU A 1160 30.34 2.67 11.85
N TYR A 1161 29.11 3.11 11.64
CA TYR A 1161 28.79 4.53 11.62
C TYR A 1161 27.37 4.73 12.14
N PHE A 1162 27.00 6.00 12.28
CA PHE A 1162 25.66 6.37 12.75
C PHE A 1162 25.05 7.38 11.79
N VAL A 1163 23.74 7.26 11.59
CA VAL A 1163 22.98 8.17 10.74
C VAL A 1163 22.12 9.05 11.66
N TYR A 1164 22.32 10.36 11.59
CA TYR A 1164 21.62 11.30 12.43
C TYR A 1164 20.61 12.11 11.63
N GLY A 1165 19.58 12.58 12.31
CA GLY A 1165 18.56 13.38 11.65
C GLY A 1165 17.46 13.75 12.60
N ALA A 1166 16.52 14.55 12.09
CA ALA A 1166 15.35 14.98 12.84
C ALA A 1166 14.22 15.24 11.86
N ALA A 1167 12.99 15.05 12.34
CA ALA A 1167 11.80 15.22 11.52
C ALA A 1167 10.73 15.96 12.31
N CYS A 1168 10.04 16.88 11.64
CA CYS A 1168 9.00 17.70 12.25
C CYS A 1168 7.75 17.61 11.39
N SER A 1169 6.63 17.21 12.00
CA SER A 1169 5.39 16.99 11.27
C SER A 1169 4.25 17.76 11.93
N GLU A 1170 3.31 18.22 11.11
CA GLU A 1170 2.15 18.97 11.56
C GLU A 1170 0.88 18.29 11.05
N VAL A 1171 -0.14 18.24 11.91
CA VAL A 1171 -1.37 17.50 11.62
C VAL A 1171 -2.55 18.30 12.12
N GLU A 1172 -3.63 18.31 11.33
CA GLU A 1172 -4.94 18.78 11.77
C GLU A 1172 -5.88 17.59 11.80
N ILE A 1173 -6.49 17.35 12.95
CA ILE A 1173 -7.40 16.22 13.14
C ILE A 1173 -8.83 16.75 13.18
N ASP A 1174 -9.76 15.88 12.80
CA ASP A 1174 -11.20 16.12 12.90
C ASP A 1174 -11.66 15.45 14.19
N CYS A 1175 -12.10 16.21 15.17
CA CYS A 1175 -12.53 15.61 16.42
C CYS A 1175 -13.79 14.79 16.36
N LEU A 1176 -14.66 15.10 15.44
CA LEU A 1176 -15.89 14.34 15.37
C LEU A 1176 -15.73 12.98 14.71
N THR A 1177 -15.25 12.99 13.49
CA THR A 1177 -15.03 11.81 12.68
C THR A 1177 -13.88 10.97 13.11
N GLY A 1178 -12.68 11.53 13.08
CA GLY A 1178 -11.50 10.80 13.48
C GLY A 1178 -10.48 11.00 12.40
N ASP A 1179 -10.90 11.71 11.40
CA ASP A 1179 -10.07 12.01 10.25
C ASP A 1179 -8.88 12.88 10.66
N HIS A 1180 -7.85 12.89 9.81
CA HIS A 1180 -6.70 13.75 10.03
C HIS A 1180 -6.03 14.02 8.70
N LYS A 1181 -5.27 15.11 8.65
CA LYS A 1181 -4.58 15.53 7.44
C LYS A 1181 -3.14 15.87 7.78
N ASN A 1182 -2.20 15.25 7.07
CA ASN A 1182 -0.78 15.56 7.24
C ASN A 1182 -0.49 16.88 6.55
N ILE A 1183 -0.21 17.92 7.34
CA ILE A 1183 -0.10 19.27 6.79
C ILE A 1183 1.30 19.50 6.23
N ARG A 1184 2.33 19.34 7.05
CA ARG A 1184 3.68 19.66 6.65
C ARG A 1184 4.66 18.74 7.38
N THR A 1185 5.72 18.33 6.68
CA THR A 1185 6.77 17.52 7.27
C THR A 1185 8.12 18.06 6.83
N ASP A 1186 9.02 18.22 7.79
CA ASP A 1186 10.36 18.78 7.56
C ASP A 1186 11.39 17.77 8.04
N ILE A 1187 12.24 17.30 7.12
CA ILE A 1187 13.21 16.25 7.41
C ILE A 1187 14.61 16.78 7.10
N VAL A 1188 15.53 16.59 8.04
CA VAL A 1188 16.95 16.84 7.83
C VAL A 1188 17.71 15.58 8.21
N MET A 1189 18.69 15.21 7.38
CA MET A 1189 19.43 13.97 7.58
C MET A 1189 20.92 14.21 7.41
N ASP A 1190 21.71 13.45 8.16
CA ASP A 1190 23.17 13.44 8.03
C ASP A 1190 23.55 12.20 7.26
N VAL A 1191 23.75 12.35 5.95
CA VAL A 1191 24.17 11.24 5.10
C VAL A 1191 25.66 11.28 4.77
N GLY A 1192 26.33 12.39 5.05
CA GLY A 1192 27.72 12.55 4.66
C GLY A 1192 27.84 12.85 3.18
N CYS A 1193 28.85 12.27 2.53
CA CYS A 1193 29.03 12.43 1.09
C CYS A 1193 28.08 11.47 0.38
N SER A 1194 26.98 12.00 -0.15
CA SER A 1194 25.99 11.17 -0.82
C SER A 1194 26.53 10.73 -2.18
N ILE A 1195 26.58 9.41 -2.41
CA ILE A 1195 27.09 8.90 -3.68
C ILE A 1195 26.08 9.15 -4.80
N ASN A 1196 24.78 9.13 -4.48
CA ASN A 1196 23.74 9.46 -5.46
C ASN A 1196 22.64 10.20 -4.69
N PRO A 1197 22.64 11.53 -4.73
CA PRO A 1197 21.63 12.27 -3.94
C PRO A 1197 20.21 12.05 -4.42
N ALA A 1198 20.00 11.76 -5.71
CA ALA A 1198 18.65 11.47 -6.18
C ALA A 1198 18.12 10.18 -5.58
N ILE A 1199 18.94 9.13 -5.58
CA ILE A 1199 18.51 7.84 -5.03
C ILE A 1199 18.40 7.92 -3.52
N ASP A 1200 19.32 8.63 -2.86
CA ASP A 1200 19.32 8.69 -1.40
C ASP A 1200 18.15 9.51 -0.87
N ILE A 1201 17.73 10.56 -1.58
CA ILE A 1201 16.57 11.33 -1.14
C ILE A 1201 15.29 10.50 -1.33
N GLY A 1202 15.22 9.74 -2.42
CA GLY A 1202 14.05 8.89 -2.62
C GLY A 1202 13.89 7.84 -1.55
N GLN A 1203 15.01 7.30 -1.05
CA GLN A 1203 14.94 6.35 0.05
C GLN A 1203 14.48 7.02 1.34
N ILE A 1204 14.81 8.30 1.53
CA ILE A 1204 14.36 9.02 2.71
C ILE A 1204 12.85 9.22 2.65
N GLU A 1205 12.34 9.66 1.51
CA GLU A 1205 10.90 9.87 1.35
C GLU A 1205 10.14 8.56 1.50
N GLY A 1206 10.59 7.51 0.81
CA GLY A 1206 9.89 6.24 0.88
C GLY A 1206 9.90 5.65 2.28
N ALA A 1207 11.03 5.76 2.98
CA ALA A 1207 11.09 5.24 4.34
C ALA A 1207 10.15 6.02 5.26
N PHE A 1208 10.06 7.34 5.08
CA PHE A 1208 9.18 8.14 5.92
C PHE A 1208 7.72 7.79 5.68
N ILE A 1209 7.31 7.71 4.41
CA ILE A 1209 5.92 7.38 4.10
C ILE A 1209 5.58 5.96 4.54
N GLN A 1210 6.53 5.03 4.34
CA GLN A 1210 6.31 3.66 4.80
C GLN A 1210 6.19 3.62 6.32
N GLY A 1211 6.99 4.43 7.02
CA GLY A 1211 6.86 4.51 8.46
C GLY A 1211 5.61 5.26 8.88
N MET A 1212 5.23 6.29 8.11
CA MET A 1212 4.01 7.04 8.41
C MET A 1212 2.78 6.13 8.42
N GLY A 1213 2.68 5.23 7.45
CA GLY A 1213 1.56 4.30 7.43
C GLY A 1213 1.60 3.31 8.58
N LEU A 1214 2.79 2.93 9.02
CA LEU A 1214 2.91 1.99 10.14
C LEU A 1214 2.32 2.58 11.42
N TYR A 1215 2.39 3.89 11.59
CA TYR A 1215 1.92 4.54 12.81
C TYR A 1215 0.53 5.14 12.69
N THR A 1216 -0.06 5.19 11.49
CA THR A 1216 -1.33 5.88 11.29
C THR A 1216 -2.41 4.96 10.73
N ILE A 1217 -2.28 4.49 9.49
CA ILE A 1217 -3.41 3.90 8.79
C ILE A 1217 -3.27 2.38 8.62
N GLU A 1218 -2.06 1.85 8.48
CA GLU A 1218 -1.89 0.42 8.22
C GLU A 1218 -2.26 -0.37 9.47
N GLU A 1219 -3.37 -1.11 9.40
CA GLU A 1219 -3.89 -1.87 10.53
C GLU A 1219 -4.27 -3.27 10.09
N LEU A 1220 -3.88 -4.26 10.88
CA LEU A 1220 -4.19 -5.66 10.62
C LEU A 1220 -5.31 -6.11 11.56
N ASN A 1221 -6.43 -6.55 10.98
CA ASN A 1221 -7.60 -6.94 11.75
C ASN A 1221 -7.63 -8.47 11.86
N TYR A 1222 -7.48 -8.98 13.08
CA TYR A 1222 -7.53 -10.41 13.36
C TYR A 1222 -8.77 -10.74 14.18
N SER A 1223 -9.34 -11.92 13.91
CA SER A 1223 -10.52 -12.40 14.60
C SER A 1223 -10.11 -13.14 15.87
N PRO A 1224 -11.05 -13.33 16.81
CA PRO A 1224 -10.73 -14.10 18.03
C PRO A 1224 -10.33 -15.54 17.76
N GLN A 1225 -10.55 -16.06 16.55
CA GLN A 1225 -10.11 -17.39 16.17
C GLN A 1225 -8.80 -17.38 15.38
N GLY A 1226 -8.20 -16.21 15.18
CA GLY A 1226 -6.94 -16.12 14.49
C GLY A 1226 -7.02 -15.97 12.99
N ILE A 1227 -8.18 -15.62 12.45
CA ILE A 1227 -8.38 -15.48 11.01
C ILE A 1227 -8.19 -14.01 10.64
N LEU A 1228 -7.34 -13.76 9.65
CA LEU A 1228 -7.11 -12.41 9.18
C LEU A 1228 -8.25 -11.95 8.28
N HIS A 1229 -8.80 -10.77 8.57
CA HIS A 1229 -9.87 -10.20 7.77
C HIS A 1229 -9.29 -9.37 6.64
N THR A 1230 -9.87 -9.51 5.44
CA THR A 1230 -9.32 -8.86 4.27
C THR A 1230 -10.39 -8.31 3.32
N ARG A 1231 -11.65 -8.29 3.73
CA ARG A 1231 -12.75 -7.82 2.89
C ARG A 1231 -13.57 -6.79 3.63
N GLY A 1232 -14.00 -5.74 2.92
CA GLY A 1232 -14.79 -4.69 3.51
C GLY A 1232 -13.94 -3.58 4.06
N PRO A 1233 -14.44 -2.91 5.11
CA PRO A 1233 -13.62 -1.88 5.79
C PRO A 1233 -12.41 -2.45 6.51
N ASP A 1234 -12.28 -3.77 6.60
CA ASP A 1234 -11.11 -4.42 7.18
C ASP A 1234 -9.94 -4.50 6.20
N GLN A 1235 -10.10 -3.99 4.98
CA GLN A 1235 -9.05 -4.08 3.98
C GLN A 1235 -7.80 -3.33 4.42
N TYR A 1236 -6.65 -3.99 4.31
CA TYR A 1236 -5.38 -3.35 4.59
C TYR A 1236 -5.14 -2.22 3.58
N LYS A 1237 -4.76 -1.05 4.09
CA LYS A 1237 -4.53 0.12 3.25
C LYS A 1237 -3.15 0.69 3.54
N ILE A 1238 -2.41 0.96 2.46
CA ILE A 1238 -1.09 1.58 2.57
C ILE A 1238 -1.24 3.06 2.21
N PRO A 1239 -0.27 3.91 2.54
CA PRO A 1239 -0.42 5.34 2.22
C PRO A 1239 -0.57 5.57 0.73
N ALA A 1240 -1.53 6.42 0.38
CA ALA A 1240 -1.79 6.84 -0.99
C ALA A 1240 -1.32 8.28 -1.17
N ILE A 1241 -1.77 8.92 -2.26
CA ILE A 1241 -1.39 10.31 -2.51
C ILE A 1241 -2.08 11.23 -1.50
N CYS A 1242 -3.34 10.97 -1.19
CA CYS A 1242 -4.08 11.79 -0.23
C CYS A 1242 -3.45 11.77 1.15
N ASP A 1243 -2.63 10.76 1.46
CA ASP A 1243 -2.01 10.65 2.77
C ASP A 1243 -0.64 11.32 2.83
N MET A 1244 -0.02 11.58 1.69
CA MET A 1244 1.27 12.27 1.68
C MET A 1244 1.08 13.69 2.22
N PRO A 1245 2.01 14.19 3.04
CA PRO A 1245 1.88 15.56 3.56
C PRO A 1245 1.85 16.58 2.43
N THR A 1246 0.99 17.59 2.59
CA THR A 1246 0.80 18.58 1.53
C THR A 1246 2.05 19.40 1.29
N GLU A 1247 2.88 19.59 2.31
CA GLU A 1247 4.14 20.31 2.17
C GLU A 1247 5.25 19.46 2.77
N LEU A 1248 6.26 19.14 1.97
CA LEU A 1248 7.36 18.29 2.39
C LEU A 1248 8.68 18.97 2.10
N HIS A 1249 9.53 19.06 3.12
CA HIS A 1249 10.84 19.69 2.99
C HIS A 1249 11.90 18.71 3.48
N ILE A 1250 12.89 18.43 2.63
CA ILE A 1250 13.98 17.52 2.96
C ILE A 1250 15.29 18.24 2.67
N ALA A 1251 16.18 18.26 3.66
CA ALA A 1251 17.51 18.83 3.52
C ALA A 1251 18.55 17.81 3.94
N LEU A 1252 19.65 17.75 3.20
CA LEU A 1252 20.77 16.87 3.52
C LEU A 1252 21.84 17.68 4.20
N LEU A 1253 22.19 17.29 5.43
CA LEU A 1253 23.26 17.95 6.15
C LEU A 1253 24.56 17.88 5.34
N PRO A 1254 25.31 18.96 5.24
CA PRO A 1254 26.60 18.89 4.56
C PRO A 1254 27.53 17.94 5.29
N PRO A 1255 28.47 17.30 4.58
CA PRO A 1255 29.42 16.31 5.12
C PRO A 1255 30.17 16.81 6.34
N SER A 1259 34.96 9.01 7.23
CA SER A 1259 35.44 8.67 5.91
C SER A 1259 35.83 7.20 5.84
N ASN A 1260 35.42 6.43 6.84
CA ASN A 1260 35.74 5.00 6.86
C ASN A 1260 34.96 4.23 5.81
N THR A 1261 33.80 4.74 5.39
CA THR A 1261 32.97 4.05 4.42
C THR A 1261 33.43 4.36 3.00
N LEU A 1262 32.76 3.73 2.03
CA LEU A 1262 33.07 3.95 0.63
C LEU A 1262 32.69 5.37 0.23
N TYR A 1263 33.69 6.16 -0.16
CA TYR A 1263 33.48 7.53 -0.62
C TYR A 1263 32.78 8.40 0.41
N SER A 1264 33.05 8.13 1.69
CA SER A 1264 32.51 8.91 2.81
C SER A 1264 30.98 8.93 2.80
N SER A 1265 30.35 7.85 2.36
CA SER A 1265 28.91 7.77 2.27
C SER A 1265 28.33 7.01 3.47
N LYS A 1266 27.00 7.00 3.53
CA LYS A 1266 26.28 6.34 4.62
C LYS A 1266 25.00 5.73 4.07
N GLY A 1267 24.80 4.44 4.35
CA GLY A 1267 23.54 3.80 4.00
C GLY A 1267 22.43 4.27 4.92
N LEU A 1268 21.24 4.47 4.34
CA LEU A 1268 20.18 5.15 5.09
C LEU A 1268 18.77 4.73 4.68
N ARG A 1269 18.59 3.55 4.09
CA ARG A 1269 17.27 3.15 3.60
C ARG A 1269 16.30 2.81 4.73
N GLU A 1270 16.80 2.48 5.92
CA GLU A 1270 15.95 2.09 7.04
C GLU A 1270 15.76 3.22 8.04
N SER A 1271 16.38 4.37 7.84
CA SER A 1271 16.38 5.41 8.86
C SER A 1271 15.03 6.13 8.92
N GLY A 1272 14.54 6.59 7.77
CA GLY A 1272 13.34 7.40 7.73
C GLY A 1272 12.08 6.72 8.22
N VAL A 1273 12.10 5.40 8.39
CA VAL A 1273 10.91 4.69 8.86
C VAL A 1273 10.52 5.16 10.25
N PHE A 1274 11.51 5.38 11.12
CA PHE A 1274 11.20 5.90 12.46
C PHE A 1274 10.84 7.37 12.41
N LEU A 1275 11.43 8.14 11.48
CA LEU A 1275 11.07 9.55 11.34
C LEU A 1275 9.60 9.72 11.00
N GLY A 1276 8.93 8.67 10.56
CA GLY A 1276 7.50 8.69 10.36
C GLY A 1276 6.68 8.65 11.63
N CYS A 1277 7.32 8.59 12.80
CA CYS A 1277 6.58 8.69 14.05
C CYS A 1277 6.34 10.14 14.47
N SER A 1278 6.90 11.11 13.75
CA SER A 1278 6.65 12.51 14.06
C SER A 1278 5.18 12.86 13.84
N VAL A 1279 4.56 12.29 12.80
CA VAL A 1279 3.13 12.50 12.60
C VAL A 1279 2.31 11.80 13.67
N PHE A 1280 2.81 10.65 14.17
CA PHE A 1280 2.11 9.95 15.23
C PHE A 1280 1.97 10.83 16.47
N PHE A 1281 3.06 11.48 16.88
CA PHE A 1281 3.01 12.37 18.04
C PHE A 1281 2.41 13.72 17.71
N ALA A 1282 2.41 14.12 16.44
CA ALA A 1282 1.65 15.30 16.05
C ALA A 1282 0.15 15.07 16.25
N ILE A 1283 -0.33 13.87 15.91
CA ILE A 1283 -1.72 13.53 16.22
C ILE A 1283 -1.90 13.36 17.72
N HIS A 1284 -0.89 12.84 18.41
CA HIS A 1284 -0.96 12.70 19.87
C HIS A 1284 -1.07 14.06 20.54
N ASP A 1285 -0.32 15.05 20.06
CA ASP A 1285 -0.37 16.38 20.64
C ASP A 1285 -1.71 17.04 20.39
N ALA A 1286 -2.28 16.86 19.20
CA ALA A 1286 -3.58 17.44 18.89
C ALA A 1286 -4.69 16.83 19.74
N VAL A 1287 -4.61 15.52 19.98
CA VAL A 1287 -5.59 14.86 20.84
C VAL A 1287 -5.48 15.38 22.26
N SER A 1288 -4.26 15.64 22.73
CA SER A 1288 -4.07 16.21 24.06
C SER A 1288 -4.70 17.58 24.16
N ALA A 1289 -4.61 18.38 23.09
CA ALA A 1289 -5.19 19.72 23.10
C ALA A 1289 -6.71 19.66 23.22
N ALA A 1290 -7.35 18.66 22.62
CA ALA A 1290 -8.79 18.48 22.76
C ALA A 1290 -9.17 17.94 24.13
N ARG A 1291 -8.30 17.13 24.74
CA ARG A 1291 -8.57 16.62 26.08
C ARG A 1291 -8.29 17.66 27.16
N GLN A 1292 -7.37 18.59 26.89
CA GLN A 1292 -7.09 19.65 27.86
C GLN A 1292 -8.20 20.70 27.86
N GLU A 1293 -8.70 21.06 26.68
CA GLU A 1293 -9.76 22.06 26.59
C GLU A 1293 -11.03 21.58 27.29
N ARG A 1294 -11.31 20.28 27.21
CA ARG A 1294 -12.50 19.70 27.81
C ARG A 1294 -12.24 19.16 29.21
N GLY A 1295 -11.01 19.27 29.71
CA GLY A 1295 -10.70 18.79 31.05
C GLY A 1295 -10.82 17.29 31.21
N LEU A 1296 -9.88 16.55 30.66
CA LEU A 1296 -9.86 15.10 30.76
C LEU A 1296 -8.45 14.63 31.11
N HIS A 1297 -7.93 15.14 32.22
CA HIS A 1297 -6.58 14.76 32.67
C HIS A 1297 -6.55 13.29 33.07
N GLY A 1298 -5.42 12.64 32.78
CA GLY A 1298 -5.26 11.25 33.11
C GLY A 1298 -4.28 10.55 32.19
N PRO A 1299 -4.40 9.22 32.09
CA PRO A 1299 -3.48 8.46 31.24
C PRO A 1299 -3.89 8.45 29.77
N LEU A 1300 -3.23 9.26 28.95
CA LEU A 1300 -3.49 9.28 27.51
C LEU A 1300 -2.58 8.25 26.85
N THR A 1301 -2.98 6.98 26.97
CA THR A 1301 -2.22 5.87 26.41
C THR A 1301 -2.75 5.58 25.02
N LEU A 1302 -2.17 6.24 24.03
CA LEU A 1302 -2.51 6.02 22.63
C LEU A 1302 -1.55 5.00 22.03
N ASN A 1303 -2.10 3.89 21.54
CA ASN A 1303 -1.30 2.85 20.95
C ASN A 1303 -1.17 3.04 19.44
N SER A 1304 -0.21 2.33 18.85
CA SER A 1304 0.04 2.34 17.41
C SER A 1304 -0.66 1.16 16.75
N PRO A 1305 -1.25 1.33 15.55
CA PRO A 1305 -1.29 2.60 14.81
C PRO A 1305 -2.39 3.54 15.28
N LEU A 1306 -2.20 4.85 15.08
CA LEU A 1306 -3.16 5.85 15.51
C LEU A 1306 -4.22 5.99 14.42
N THR A 1307 -5.10 5.00 14.34
CA THR A 1307 -6.16 4.96 13.35
C THR A 1307 -7.28 5.92 13.73
N PRO A 1308 -8.10 6.34 12.75
CA PRO A 1308 -9.27 7.18 13.08
C PRO A 1308 -10.20 6.54 14.10
N GLU A 1309 -10.14 5.21 14.27
CA GLU A 1309 -10.92 4.57 15.32
C GLU A 1309 -10.38 4.94 16.70
N LYS A 1310 -9.06 5.01 16.85
CA LYS A 1310 -8.47 5.41 18.13
C LYS A 1310 -8.42 6.91 18.32
N ILE A 1311 -8.46 7.69 17.24
CA ILE A 1311 -8.35 9.14 17.35
C ILE A 1311 -9.61 9.73 17.96
N ARG A 1312 -10.75 9.38 17.36
CA ARG A 1312 -12.11 9.82 17.75
C ARG A 1312 -12.56 9.32 19.12
N MET A 1313 -12.11 8.17 19.51
CA MET A 1313 -12.55 7.68 20.78
C MET A 1313 -11.73 8.28 21.91
N ALA A 1314 -10.60 8.86 21.56
CA ALA A 1314 -9.85 9.62 22.56
C ALA A 1314 -10.43 11.01 22.80
N CYS A 1315 -11.07 11.60 21.79
CA CYS A 1315 -11.71 12.91 21.93
C CYS A 1315 -13.10 12.73 22.53
N GLU A 1316 -13.13 12.51 23.84
CA GLU A 1316 -14.39 12.26 24.52
C GLU A 1316 -15.23 13.54 24.59
N ASP A 1317 -16.53 13.38 24.39
CA ASP A 1317 -17.48 14.49 24.46
C ASP A 1317 -18.82 13.92 24.91
N LYS A 1318 -19.90 14.66 24.65
CA LYS A 1318 -21.23 14.16 25.02
C LYS A 1318 -21.60 12.93 24.19
N PHE A 1319 -21.17 12.88 22.93
CA PHE A 1319 -21.49 11.73 22.09
C PHE A 1319 -20.69 10.50 22.51
N THR A 1320 -19.52 10.70 23.11
CA THR A 1320 -18.70 9.56 23.52
C THR A 1320 -19.35 8.81 24.68
N LYS A 1321 -19.76 9.52 25.72
CA LYS A 1321 -20.41 8.90 26.87
C LYS A 1321 -21.84 8.48 26.58
N MET A 1322 -22.42 8.91 25.45
CA MET A 1322 -23.82 8.63 25.17
C MET A 1322 -24.02 7.26 24.55
N ILE A 1323 -23.00 6.72 23.86
CA ILE A 1323 -23.14 5.47 23.13
C ILE A 1323 -23.44 4.33 24.09
N PRO A 1324 -24.22 3.32 23.67
CA PRO A 1324 -24.50 2.16 24.54
C PRO A 1324 -23.33 1.19 24.51
N ARG A 1325 -22.58 1.14 25.61
CA ARG A 1325 -21.45 0.24 25.70
C ARG A 1325 -21.93 -1.20 25.89
N ASP A 1326 -21.00 -2.14 25.78
CA ASP A 1326 -21.27 -3.55 25.98
C ASP A 1326 -20.35 -4.09 27.07
N GLU A 1327 -20.85 -5.07 27.82
CA GLU A 1327 -20.01 -5.68 28.84
C GLU A 1327 -18.97 -6.60 28.18
N PRO A 1328 -17.78 -6.70 28.76
CA PRO A 1328 -16.67 -7.39 28.05
C PRO A 1328 -16.95 -8.85 27.74
N GLY A 1329 -17.58 -9.59 28.64
CA GLY A 1329 -17.71 -11.03 28.50
C GLY A 1329 -18.94 -11.54 27.79
N SER A 1330 -19.85 -10.67 27.38
CA SER A 1330 -21.10 -11.14 26.79
C SER A 1330 -20.92 -11.55 25.33
N TYR A 1331 -20.35 -10.66 24.51
CA TYR A 1331 -20.25 -10.89 23.09
C TYR A 1331 -18.85 -11.40 22.72
N VAL A 1332 -18.79 -12.15 21.62
CA VAL A 1332 -17.52 -12.54 21.00
C VAL A 1332 -17.23 -11.53 19.89
N PRO A 1333 -16.22 -10.68 20.02
CA PRO A 1333 -16.04 -9.58 19.07
C PRO A 1333 -15.67 -10.08 17.68
N TRP A 1334 -15.80 -9.18 16.71
CA TRP A 1334 -15.36 -9.46 15.36
C TRP A 1334 -13.84 -9.32 15.20
N ASN A 1335 -13.21 -8.53 16.06
CA ASN A 1335 -11.77 -8.31 15.99
C ASN A 1335 -11.12 -8.46 17.36
N VAL A 1336 -9.86 -8.04 17.47
CA VAL A 1336 -9.04 -8.11 18.68
C VAL A 1336 -9.23 -9.42 19.44
FE1 FES B . 6.70 2.39 -7.26
FE2 FES B . 8.15 0.13 -5.68
S1 FES B . 8.82 1.72 -7.11
S2 FES B . 6.02 0.53 -6.23
FE1 FES C . -4.27 -4.56 -8.25
FE2 FES C . -5.70 -4.44 -11.02
S1 FES C . -5.42 -2.99 -9.34
S2 FES C . -4.13 -5.77 -10.14
PA FAD D . -21.52 -5.25 -11.97
O1A FAD D . -21.30 -5.37 -13.46
O2A FAD D . -20.29 -5.71 -11.24
O5B FAD D . -22.82 -6.20 -11.54
C5B FAD D . -23.25 -6.17 -10.19
C4B FAD D . -24.77 -6.52 -10.12
O4B FAD D . -25.48 -5.53 -10.60
C3B FAD D . -25.07 -7.75 -11.01
O3B FAD D . -25.86 -8.62 -10.33
C2B FAD D . -25.84 -7.17 -12.21
O2B FAD D . -26.80 -8.18 -12.75
C1B FAD D . -26.47 -6.14 -11.73
N9A FAD D . -26.70 -5.14 -12.76
C8A FAD D . -25.77 -4.39 -13.35
N7A FAD D . -26.39 -3.59 -14.22
C5A FAD D . -27.70 -3.86 -14.17
C6A FAD D . -28.78 -3.33 -14.86
N6A FAD D . -29.06 -2.34 -15.88
N1A FAD D . -30.00 -3.78 -14.62
C2A FAD D . -30.20 -4.75 -13.69
N3A FAD D . -29.15 -5.27 -13.02
C4A FAD D . -27.90 -4.81 -13.26
N1 FAD D . -18.47 1.42 -3.52
C2 FAD D . -18.73 2.56 -2.63
O2 FAD D . -19.85 2.85 -2.36
N3 FAD D . -17.60 3.36 -2.07
C4 FAD D . -16.24 2.99 -2.42
O4 FAD D . -15.33 3.62 -1.97
C4X FAD D . -15.98 1.82 -3.33
N5 FAD D . -14.62 1.44 -3.67
C5X FAD D . -14.36 0.29 -4.57
C6 FAD D . -13.05 -0.07 -4.90
C7 FAD D . -12.81 -1.15 -5.74
C7M FAD D . -11.30 -1.31 -5.94
C8 FAD D . -13.89 -1.89 -6.26
C8M FAD D . -13.57 -3.07 -7.19
C9 FAD D . -15.20 -1.54 -5.94
C9A FAD D . -15.44 -0.46 -5.09
N10 FAD D . -16.84 -0.07 -4.75
C10 FAD D . -17.09 1.05 -3.87
C1' FAD D . -17.97 -0.86 -5.28
C2' FAD D . -18.44 -0.28 -6.63
O2' FAD D . -18.92 1.02 -6.45
C3' FAD D . -19.57 -1.17 -7.16
O3' FAD D . -19.09 -2.47 -7.30
C4' FAD D . -20.03 -0.64 -8.52
O4' FAD D . -20.63 0.60 -8.36
C5' FAD D . -21.02 -1.62 -9.17
O5' FAD D . -21.15 -1.30 -10.55
P FAD D . -20.75 -2.46 -11.66
O1P FAD D . -20.76 -1.85 -13.05
O2P FAD D . -19.38 -3.00 -11.36
O3P FAD D . -21.86 -3.68 -11.59
C1 MLI E . -5.93 -1.19 -1.46
C2 MLI E . -4.83 -0.60 -0.58
C3 MLI E . -5.73 -2.70 -1.56
O6 MLI E . -4.68 0.65 -0.54
O7 MLI E . -4.08 -1.34 0.10
O8 MLI E . -5.37 -3.22 -2.65
O9 MLI E . -5.93 -3.42 -0.54
C1 MLI F . 4.87 -14.35 -18.93
C2 MLI F . 3.68 -15.00 -18.23
C3 MLI F . 4.74 -14.39 -20.45
O6 MLI F . 3.22 -16.10 -18.66
O7 MLI F . 3.15 -14.45 -17.25
O8 MLI F . 4.49 -15.47 -21.05
O9 MLI F . 4.88 -13.33 -21.12
C1 MLI G . -7.34 -23.51 -0.71
C2 MLI G . -7.84 -22.58 -1.83
C3 MLI G . -6.74 -22.68 0.42
O6 MLI G . -7.21 -22.53 -2.93
O7 MLI G . -8.85 -21.86 -1.65
O8 MLI G . -5.91 -21.76 0.16
O9 MLI G . -7.07 -22.91 1.62
C1 MLI H . 16.45 -7.41 5.56
C2 MLI H . 15.82 -6.03 5.70
C3 MLI H . 17.29 -7.73 6.78
O6 MLI H . 14.81 -5.72 5.01
O7 MLI H . 16.30 -5.20 6.52
O8 MLI H . 18.49 -7.35 6.83
O9 MLI H . 16.78 -8.35 7.75
#